data_5KIF
# 
_entry.id   5KIF 
# 
_audit_conform.dict_name       mmcif_pdbx.dic 
_audit_conform.dict_version    5.391 
_audit_conform.dict_location   http://mmcif.pdb.org/dictionaries/ascii/mmcif_pdbx.dic 
# 
loop_
_database_2.database_id 
_database_2.database_code 
_database_2.pdbx_database_accession 
_database_2.pdbx_DOI 
PDB   5KIF         pdb_00005kif 10.2210/pdb5kif/pdb 
WWPDB D_1000222288 ?            ?                   
BMRB  30116        ?            10.13018/BMR30116   
# 
loop_
_pdbx_audit_revision_history.ordinal 
_pdbx_audit_revision_history.data_content_type 
_pdbx_audit_revision_history.major_revision 
_pdbx_audit_revision_history.minor_revision 
_pdbx_audit_revision_history.revision_date 
1 'Structure model' 1 0 2016-08-24 
2 'Structure model' 1 1 2016-09-21 
3 'Structure model' 1 2 2016-11-02 
4 'Structure model' 1 3 2024-05-01 
# 
_pdbx_audit_revision_details.ordinal             1 
_pdbx_audit_revision_details.revision_ordinal    1 
_pdbx_audit_revision_details.data_content_type   'Structure model' 
_pdbx_audit_revision_details.provider            repository 
_pdbx_audit_revision_details.type                'Initial release' 
_pdbx_audit_revision_details.description         ? 
_pdbx_audit_revision_details.details             ? 
# 
loop_
_pdbx_audit_revision_group.ordinal 
_pdbx_audit_revision_group.revision_ordinal 
_pdbx_audit_revision_group.data_content_type 
_pdbx_audit_revision_group.group 
1 2 'Structure model' 'Database references' 
2 3 'Structure model' 'Database references' 
3 4 'Structure model' 'Data collection'     
4 4 'Structure model' 'Database references' 
5 4 'Structure model' 'Structure summary'   
# 
loop_
_pdbx_audit_revision_category.ordinal 
_pdbx_audit_revision_category.revision_ordinal 
_pdbx_audit_revision_category.data_content_type 
_pdbx_audit_revision_category.category 
1 4 'Structure model' chem_comp_atom        
2 4 'Structure model' chem_comp_bond        
3 4 'Structure model' database_2            
4 4 'Structure model' entity                
5 4 'Structure model' pdbx_nmr_software     
6 4 'Structure model' pdbx_nmr_spectrometer 
# 
loop_
_pdbx_audit_revision_item.ordinal 
_pdbx_audit_revision_item.revision_ordinal 
_pdbx_audit_revision_item.data_content_type 
_pdbx_audit_revision_item.item 
1 4 'Structure model' '_database_2.pdbx_DOI'                
2 4 'Structure model' '_database_2.pdbx_database_accession' 
3 4 'Structure model' '_entity.pdbx_number_of_molecules'    
4 4 'Structure model' '_pdbx_nmr_software.name'             
5 4 'Structure model' '_pdbx_nmr_spectrometer.model'        
# 
_pdbx_database_status.status_code                     REL 
_pdbx_database_status.status_code_sf                  ? 
_pdbx_database_status.status_code_mr                  REL 
_pdbx_database_status.entry_id                        5KIF 
_pdbx_database_status.recvd_initial_deposition_date   2016-06-16 
_pdbx_database_status.SG_entry                        N 
_pdbx_database_status.deposit_site                    RCSB 
_pdbx_database_status.process_site                    RCSB 
_pdbx_database_status.status_code_cs                  REL 
_pdbx_database_status.methods_development_category    ? 
_pdbx_database_status.pdb_format_compatible           Y 
_pdbx_database_status.status_code_nmr_data            ? 
# 
loop_
_pdbx_database_related.db_name 
_pdbx_database_related.details 
_pdbx_database_related.db_id 
_pdbx_database_related.content_type 
BMRB . 30116 unspecified 
PDB  . 5KGV  unspecified 
PDB  . 5KI7  unspecified 
PDB  . 5KIB  unspecified 
PDB  . 5KIE  unspecified 
PDB  . 5KIH  unspecified 
# 
loop_
_audit_author.name 
_audit_author.pdbx_ordinal 
'Evich, M.'            1 
'Spring-Connell, A.M.' 2 
'Storici, F.'          3 
'Germann, M.W.'        4 
# 
_citation.abstract                  ? 
_citation.abstract_id_CAS           ? 
_citation.book_id_ISBN              ? 
_citation.book_publisher            ? 
_citation.book_publisher_city       ? 
_citation.book_title                ? 
_citation.coordinate_linkage        ? 
_citation.country                   GE 
_citation.database_id_Medline       ? 
_citation.details                   ? 
_citation.id                        primary 
_citation.journal_abbrev            Chembiochem 
_citation.journal_id_ASTM           ? 
_citation.journal_id_CSD            ? 
_citation.journal_id_ISSN           1439-7633 
_citation.journal_full              ? 
_citation.journal_issue             ? 
_citation.journal_volume            17 
_citation.language                  ? 
_citation.page_first                1968 
_citation.page_last                 1977 
_citation.title                     'Structural Impact of Single Ribonucleotide Residues in DNA.' 
_citation.year                      2016 
_citation.database_id_CSD           ? 
_citation.pdbx_database_id_DOI      10.1002/cbic.201600385 
_citation.pdbx_database_id_PubMed   27504600 
_citation.unpublished_flag          ? 
# 
loop_
_citation_author.citation_id 
_citation_author.name 
_citation_author.ordinal 
_citation_author.identifier_ORCID 
primary 'Evich, M.'            1 ? 
primary 'Spring-Connell, A.M.' 2 ? 
primary 'Storici, F.'          3 ? 
primary 'Germann, M.W.'        4 ? 
# 
loop_
_entity.id 
_entity.type 
_entity.src_method 
_entity.pdbx_description 
_entity.formula_weight 
_entity.pdbx_number_of_molecules 
_entity.pdbx_ec 
_entity.pdbx_mutation 
_entity.pdbx_fragment 
_entity.details 
1 polymer syn 
;DNA/RNA (5'-D(*AP*TP*CP*C)-R(P*G)-D(P*GP*TP*AP*G)-3')
;
2771.823 1 ? ? ? ? 
2 polymer syn 
;DNA (5'-D(*CP*TP*AP*CP*CP*GP*GP*AP*T)-3')
;
2715.799 1 ? ? ? ? 
# 
loop_
_entity_poly.entity_id 
_entity_poly.type 
_entity_poly.nstd_linkage 
_entity_poly.nstd_monomer 
_entity_poly.pdbx_seq_one_letter_code 
_entity_poly.pdbx_seq_one_letter_code_can 
_entity_poly.pdbx_strand_id 
_entity_poly.pdbx_target_identifier 
1 'polydeoxyribonucleotide/polyribonucleotide hybrid' no no '(DA)(DT)(DC)(DC)G(DG)(DT)(DA)(DG)'    ATCCGGTAG A ? 
2 polydeoxyribonucleotide                             no no '(DC)(DT)(DA)(DC)(DC)(DG)(DG)(DA)(DT)' CTACCGGAT B ? 
# 
loop_
_entity_poly_seq.entity_id 
_entity_poly_seq.num 
_entity_poly_seq.mon_id 
_entity_poly_seq.hetero 
1 1 DA n 
1 2 DT n 
1 3 DC n 
1 4 DC n 
1 5 G  n 
1 6 DG n 
1 7 DT n 
1 8 DA n 
1 9 DG n 
2 1 DC n 
2 2 DT n 
2 3 DA n 
2 4 DC n 
2 5 DC n 
2 6 DG n 
2 7 DG n 
2 8 DA n 
2 9 DT n 
# 
loop_
_pdbx_entity_src_syn.entity_id 
_pdbx_entity_src_syn.pdbx_src_id 
_pdbx_entity_src_syn.pdbx_alt_source_flag 
_pdbx_entity_src_syn.pdbx_beg_seq_num 
_pdbx_entity_src_syn.pdbx_end_seq_num 
_pdbx_entity_src_syn.organism_scientific 
_pdbx_entity_src_syn.organism_common_name 
_pdbx_entity_src_syn.ncbi_taxonomy_id 
_pdbx_entity_src_syn.details 
1 1 sample 1 9 'synthetic construct' ? 32630 ? 
2 1 sample 1 9 'synthetic construct' ? 32630 ? 
# 
loop_
_chem_comp.id 
_chem_comp.type 
_chem_comp.mon_nstd_flag 
_chem_comp.name 
_chem_comp.pdbx_synonyms 
_chem_comp.formula 
_chem_comp.formula_weight 
DA 'DNA linking' y "2'-DEOXYADENOSINE-5'-MONOPHOSPHATE" ? 'C10 H14 N5 O6 P' 331.222 
DC 'DNA linking' y "2'-DEOXYCYTIDINE-5'-MONOPHOSPHATE"  ? 'C9 H14 N3 O7 P'  307.197 
DG 'DNA linking' y "2'-DEOXYGUANOSINE-5'-MONOPHOSPHATE" ? 'C10 H14 N5 O7 P' 347.221 
DT 'DNA linking' y "THYMIDINE-5'-MONOPHOSPHATE"         ? 'C10 H15 N2 O8 P' 322.208 
G  'RNA linking' y "GUANOSINE-5'-MONOPHOSPHATE"         ? 'C10 H14 N5 O8 P' 363.221 
# 
loop_
_pdbx_poly_seq_scheme.asym_id 
_pdbx_poly_seq_scheme.entity_id 
_pdbx_poly_seq_scheme.seq_id 
_pdbx_poly_seq_scheme.mon_id 
_pdbx_poly_seq_scheme.ndb_seq_num 
_pdbx_poly_seq_scheme.pdb_seq_num 
_pdbx_poly_seq_scheme.auth_seq_num 
_pdbx_poly_seq_scheme.pdb_mon_id 
_pdbx_poly_seq_scheme.auth_mon_id 
_pdbx_poly_seq_scheme.pdb_strand_id 
_pdbx_poly_seq_scheme.pdb_ins_code 
_pdbx_poly_seq_scheme.hetero 
A 1 1 DA 1 1  1  DA DA A . n 
A 1 2 DT 2 2  2  DT DT A . n 
A 1 3 DC 3 3  3  DC DC A . n 
A 1 4 DC 4 4  4  DC DC A . n 
A 1 5 G  5 5  5  G  G  A . n 
A 1 6 DG 6 6  6  DG DG A . n 
A 1 7 DT 7 7  7  DT DT A . n 
A 1 8 DA 8 8  8  DA DA A . n 
A 1 9 DG 9 9  9  DG DG A . n 
B 2 1 DC 1 10 10 DC DC B . n 
B 2 2 DT 2 11 11 DT DT B . n 
B 2 3 DA 3 12 12 DA DA B . n 
B 2 4 DC 4 13 13 DC DC B . n 
B 2 5 DC 5 14 14 DC DC B . n 
B 2 6 DG 6 15 15 DG DG B . n 
B 2 7 DG 7 16 16 DG DG B . n 
B 2 8 DA 8 17 17 DA DA B . n 
B 2 9 DT 9 18 18 DT DT B . n 
# 
_exptl.absorpt_coefficient_mu     ? 
_exptl.absorpt_correction_T_max   ? 
_exptl.absorpt_correction_T_min   ? 
_exptl.absorpt_correction_type    ? 
_exptl.absorpt_process_details    ? 
_exptl.entry_id                   5KIF 
_exptl.crystals_number            ? 
_exptl.details                    ? 
_exptl.method                     'SOLUTION NMR' 
_exptl.method_details             ? 
# 
_struct.entry_id                     5KIF 
_struct.title                        'Structural impact of single ribonucleotides in DNA' 
_struct.pdbx_model_details           ? 
_struct.pdbx_formula_weight          ? 
_struct.pdbx_formula_weight_method   ? 
_struct.pdbx_model_type_details      ? 
_struct.pdbx_CASP_flag               N 
# 
_struct_keywords.entry_id        5KIF 
_struct_keywords.text            'DNA, RNA, Ribonucleotides' 
_struct_keywords.pdbx_keywords   DNA 
# 
loop_
_struct_asym.id 
_struct_asym.pdbx_blank_PDB_chainid_flag 
_struct_asym.pdbx_modified 
_struct_asym.entity_id 
_struct_asym.details 
A N N 1 ? 
B N N 2 ? 
# 
loop_
_struct_ref.id 
_struct_ref.db_name 
_struct_ref.db_code 
_struct_ref.pdbx_db_accession 
_struct_ref.pdbx_db_isoform 
_struct_ref.entity_id 
_struct_ref.pdbx_seq_one_letter_code 
_struct_ref.pdbx_align_begin 
1 PDB 5KIF 5KIF ? 1 ? 1 
2 PDB 5KIF 5KIF ? 2 ? 1 
# 
loop_
_struct_ref_seq.align_id 
_struct_ref_seq.ref_id 
_struct_ref_seq.pdbx_PDB_id_code 
_struct_ref_seq.pdbx_strand_id 
_struct_ref_seq.seq_align_beg 
_struct_ref_seq.pdbx_seq_align_beg_ins_code 
_struct_ref_seq.seq_align_end 
_struct_ref_seq.pdbx_seq_align_end_ins_code 
_struct_ref_seq.pdbx_db_accession 
_struct_ref_seq.db_align_beg 
_struct_ref_seq.pdbx_db_align_beg_ins_code 
_struct_ref_seq.db_align_end 
_struct_ref_seq.pdbx_db_align_end_ins_code 
_struct_ref_seq.pdbx_auth_seq_align_beg 
_struct_ref_seq.pdbx_auth_seq_align_end 
1 1 5KIF A 1 ? 9 ? 5KIF 1  ? 9  ? 1  9  
2 2 5KIF B 1 ? 9 ? 5KIF 10 ? 18 ? 10 18 
# 
_pdbx_struct_assembly.id                   1 
_pdbx_struct_assembly.details              author_defined_assembly 
_pdbx_struct_assembly.method_details       ? 
_pdbx_struct_assembly.oligomeric_details   dimeric 
_pdbx_struct_assembly.oligomeric_count     2 
# 
loop_
_pdbx_struct_assembly_prop.biol_id 
_pdbx_struct_assembly_prop.type 
_pdbx_struct_assembly_prop.value 
_pdbx_struct_assembly_prop.details 
1 'ABSA (A^2)' 840  ? 
1 MORE         -5   ? 
1 'SSA (A^2)'  3560 ? 
# 
_pdbx_struct_assembly_gen.assembly_id       1 
_pdbx_struct_assembly_gen.oper_expression   1 
_pdbx_struct_assembly_gen.asym_id_list      A,B 
# 
_pdbx_struct_oper_list.id                   1 
_pdbx_struct_oper_list.type                 'identity operation' 
_pdbx_struct_oper_list.name                 1_555 
_pdbx_struct_oper_list.symmetry_operation   ? 
_pdbx_struct_oper_list.matrix[1][1]         1.0000000000 
_pdbx_struct_oper_list.matrix[1][2]         0.0000000000 
_pdbx_struct_oper_list.matrix[1][3]         0.0000000000 
_pdbx_struct_oper_list.vector[1]            0.0000000000 
_pdbx_struct_oper_list.matrix[2][1]         0.0000000000 
_pdbx_struct_oper_list.matrix[2][2]         1.0000000000 
_pdbx_struct_oper_list.matrix[2][3]         0.0000000000 
_pdbx_struct_oper_list.vector[2]            0.0000000000 
_pdbx_struct_oper_list.matrix[3][1]         0.0000000000 
_pdbx_struct_oper_list.matrix[3][2]         0.0000000000 
_pdbx_struct_oper_list.matrix[3][3]         1.0000000000 
_pdbx_struct_oper_list.vector[3]            0.0000000000 
# 
loop_
_struct_conn.id 
_struct_conn.conn_type_id 
_struct_conn.pdbx_leaving_atom_flag 
_struct_conn.pdbx_PDB_id 
_struct_conn.ptnr1_label_asym_id 
_struct_conn.ptnr1_label_comp_id 
_struct_conn.ptnr1_label_seq_id 
_struct_conn.ptnr1_label_atom_id 
_struct_conn.pdbx_ptnr1_label_alt_id 
_struct_conn.pdbx_ptnr1_PDB_ins_code 
_struct_conn.pdbx_ptnr1_standard_comp_id 
_struct_conn.ptnr1_symmetry 
_struct_conn.ptnr2_label_asym_id 
_struct_conn.ptnr2_label_comp_id 
_struct_conn.ptnr2_label_seq_id 
_struct_conn.ptnr2_label_atom_id 
_struct_conn.pdbx_ptnr2_label_alt_id 
_struct_conn.pdbx_ptnr2_PDB_ins_code 
_struct_conn.ptnr1_auth_asym_id 
_struct_conn.ptnr1_auth_comp_id 
_struct_conn.ptnr1_auth_seq_id 
_struct_conn.ptnr2_auth_asym_id 
_struct_conn.ptnr2_auth_comp_id 
_struct_conn.ptnr2_auth_seq_id 
_struct_conn.ptnr2_symmetry 
_struct_conn.pdbx_ptnr3_label_atom_id 
_struct_conn.pdbx_ptnr3_label_seq_id 
_struct_conn.pdbx_ptnr3_label_comp_id 
_struct_conn.pdbx_ptnr3_label_asym_id 
_struct_conn.pdbx_ptnr3_label_alt_id 
_struct_conn.pdbx_ptnr3_PDB_ins_code 
_struct_conn.details 
_struct_conn.pdbx_dist_value 
_struct_conn.pdbx_value_order 
_struct_conn.pdbx_role 
hydrog1  hydrog ? ? A DA 1 N1 ? ? ? 1_555 B DT 9 N3 ? ? A DA 1 B DT 18 1_555 ? ? ? ? ? ? WATSON-CRICK ? ? ? 
hydrog2  hydrog ? ? A DA 1 N6 ? ? ? 1_555 B DT 9 O4 ? ? A DA 1 B DT 18 1_555 ? ? ? ? ? ? WATSON-CRICK ? ? ? 
hydrog3  hydrog ? ? A DT 2 N3 ? ? ? 1_555 B DA 8 N1 ? ? A DT 2 B DA 17 1_555 ? ? ? ? ? ? WATSON-CRICK ? ? ? 
hydrog4  hydrog ? ? A DT 2 O4 ? ? ? 1_555 B DA 8 N6 ? ? A DT 2 B DA 17 1_555 ? ? ? ? ? ? WATSON-CRICK ? ? ? 
hydrog5  hydrog ? ? A DC 3 N3 ? ? ? 1_555 B DG 7 N1 ? ? A DC 3 B DG 16 1_555 ? ? ? ? ? ? WATSON-CRICK ? ? ? 
hydrog6  hydrog ? ? A DC 3 N4 ? ? ? 1_555 B DG 7 O6 ? ? A DC 3 B DG 16 1_555 ? ? ? ? ? ? WATSON-CRICK ? ? ? 
hydrog7  hydrog ? ? A DC 3 O2 ? ? ? 1_555 B DG 7 N2 ? ? A DC 3 B DG 16 1_555 ? ? ? ? ? ? WATSON-CRICK ? ? ? 
hydrog8  hydrog ? ? A DC 4 N3 ? ? ? 1_555 B DG 6 N1 ? ? A DC 4 B DG 15 1_555 ? ? ? ? ? ? WATSON-CRICK ? ? ? 
hydrog9  hydrog ? ? A DC 4 N4 ? ? ? 1_555 B DG 6 O6 ? ? A DC 4 B DG 15 1_555 ? ? ? ? ? ? WATSON-CRICK ? ? ? 
hydrog10 hydrog ? ? A DC 4 O2 ? ? ? 1_555 B DG 6 N2 ? ? A DC 4 B DG 15 1_555 ? ? ? ? ? ? WATSON-CRICK ? ? ? 
hydrog11 hydrog ? ? A G  5 N1 ? ? ? 1_555 B DC 5 N3 ? ? A G  5 B DC 14 1_555 ? ? ? ? ? ? WATSON-CRICK ? ? ? 
hydrog12 hydrog ? ? A G  5 N2 ? ? ? 1_555 B DC 5 O2 ? ? A G  5 B DC 14 1_555 ? ? ? ? ? ? WATSON-CRICK ? ? ? 
hydrog13 hydrog ? ? A G  5 O6 ? ? ? 1_555 B DC 5 N4 ? ? A G  5 B DC 14 1_555 ? ? ? ? ? ? WATSON-CRICK ? ? ? 
hydrog14 hydrog ? ? A DG 6 N1 ? ? ? 1_555 B DC 4 N3 ? ? A DG 6 B DC 13 1_555 ? ? ? ? ? ? WATSON-CRICK ? ? ? 
hydrog15 hydrog ? ? A DG 6 N2 ? ? ? 1_555 B DC 4 O2 ? ? A DG 6 B DC 13 1_555 ? ? ? ? ? ? WATSON-CRICK ? ? ? 
hydrog16 hydrog ? ? A DG 6 O6 ? ? ? 1_555 B DC 4 N4 ? ? A DG 6 B DC 13 1_555 ? ? ? ? ? ? WATSON-CRICK ? ? ? 
hydrog17 hydrog ? ? A DT 7 N3 ? ? ? 1_555 B DA 3 N1 ? ? A DT 7 B DA 12 1_555 ? ? ? ? ? ? WATSON-CRICK ? ? ? 
hydrog18 hydrog ? ? A DT 7 O4 ? ? ? 1_555 B DA 3 N6 ? ? A DT 7 B DA 12 1_555 ? ? ? ? ? ? WATSON-CRICK ? ? ? 
hydrog19 hydrog ? ? A DA 8 N1 ? ? ? 1_555 B DT 2 N3 ? ? A DA 8 B DT 11 1_555 ? ? ? ? ? ? WATSON-CRICK ? ? ? 
hydrog20 hydrog ? ? A DA 8 N6 ? ? ? 1_555 B DT 2 O4 ? ? A DA 8 B DT 11 1_555 ? ? ? ? ? ? WATSON-CRICK ? ? ? 
hydrog21 hydrog ? ? A DG 9 N1 ? ? ? 1_555 B DC 1 N3 ? ? A DG 9 B DC 10 1_555 ? ? ? ? ? ? WATSON-CRICK ? ? ? 
hydrog22 hydrog ? ? A DG 9 N2 ? ? ? 1_555 B DC 1 O2 ? ? A DG 9 B DC 10 1_555 ? ? ? ? ? ? WATSON-CRICK ? ? ? 
hydrog23 hydrog ? ? A DG 9 O6 ? ? ? 1_555 B DC 1 N4 ? ? A DG 9 B DC 10 1_555 ? ? ? ? ? ? WATSON-CRICK ? ? ? 
# 
_struct_conn_type.id          hydrog 
_struct_conn_type.criteria    ? 
_struct_conn_type.reference   ? 
# 
loop_
_pdbx_validate_rmsd_bond.id 
_pdbx_validate_rmsd_bond.PDB_model_num 
_pdbx_validate_rmsd_bond.auth_atom_id_1 
_pdbx_validate_rmsd_bond.auth_asym_id_1 
_pdbx_validate_rmsd_bond.auth_comp_id_1 
_pdbx_validate_rmsd_bond.auth_seq_id_1 
_pdbx_validate_rmsd_bond.PDB_ins_code_1 
_pdbx_validate_rmsd_bond.label_alt_id_1 
_pdbx_validate_rmsd_bond.auth_atom_id_2 
_pdbx_validate_rmsd_bond.auth_asym_id_2 
_pdbx_validate_rmsd_bond.auth_comp_id_2 
_pdbx_validate_rmsd_bond.auth_seq_id_2 
_pdbx_validate_rmsd_bond.PDB_ins_code_2 
_pdbx_validate_rmsd_bond.label_alt_id_2 
_pdbx_validate_rmsd_bond.bond_value 
_pdbx_validate_rmsd_bond.bond_target_value 
_pdbx_validate_rmsd_bond.bond_deviation 
_pdbx_validate_rmsd_bond.bond_standard_deviation 
_pdbx_validate_rmsd_bond.linker_flag 
1  1 "C3'" A DT 7  ? ? "C2'" A DT 7  ? ? 1.450 1.516 -0.066 0.008 N 
2  1 "O3'" A DT 7  ? ? "C3'" A DT 7  ? ? 1.374 1.419 -0.045 0.006 N 
3  1 "O3'" B DC 10 ? ? "C3'" B DC 10 ? ? 1.373 1.419 -0.046 0.006 N 
4  1 "O3'" B DA 12 ? ? "C3'" B DA 12 ? ? 1.361 1.419 -0.058 0.006 N 
5  1 "C3'" B DC 13 ? ? "C2'" B DC 13 ? ? 1.462 1.516 -0.054 0.008 N 
6  1 N3    B DC 13 ? ? C4    B DC 13 ? ? 1.289 1.335 -0.046 0.007 N 
7  1 C2    B DG 15 ? ? N2    B DG 15 ? ? 1.265 1.341 -0.076 0.010 N 
8  1 "O4'" B DG 16 ? ? "C4'" B DG 16 ? ? 1.380 1.446 -0.066 0.010 N 
9  2 C6    A DA 1  ? ? N1    A DA 1  ? ? 1.303 1.351 -0.048 0.007 N 
10 2 N3    A DC 4  ? ? C4    A DC 4  ? ? 1.279 1.335 -0.056 0.007 N 
11 2 C8    A G  5  ? ? N9    A G  5  ? ? 1.318 1.374 -0.056 0.007 N 
12 2 N1    A DG 6  ? ? C2    A DG 6  ? ? 1.320 1.373 -0.053 0.008 N 
13 2 N7    A DG 6  ? ? C8    A DG 6  ? ? 1.265 1.305 -0.040 0.006 N 
14 2 "O3'" A DG 9  ? ? "C3'" A DG 9  ? ? 1.376 1.419 -0.043 0.006 N 
15 2 C4    A DG 9  ? ? C5    A DG 9  ? ? 1.329 1.379 -0.050 0.007 N 
16 2 "C3'" B DT 11 ? ? "C2'" B DT 11 ? ? 1.359 1.516 -0.157 0.008 N 
17 2 "C2'" B DT 11 ? ? "C1'" B DT 11 ? ? 1.412 1.518 -0.106 0.010 N 
18 2 "O3'" B DT 11 ? ? "C3'" B DT 11 ? ? 1.346 1.419 -0.073 0.006 N 
19 2 C6    B DA 12 ? ? N1    B DA 12 ? ? 1.309 1.351 -0.042 0.007 N 
20 2 C4    B DC 13 ? ? N4    B DC 13 ? ? 1.274 1.335 -0.061 0.009 N 
21 2 "O4'" B DG 15 ? ? "C4'" B DG 15 ? ? 1.385 1.446 -0.061 0.010 N 
22 2 C2    B DG 15 ? ? N2    B DG 15 ? ? 1.227 1.341 -0.114 0.010 N 
23 2 "C3'" B DA 17 ? ? "C2'" B DA 17 ? ? 1.464 1.516 -0.052 0.008 N 
24 2 C6    B DA 17 ? ? N6    B DA 17 ? ? 1.284 1.335 -0.051 0.008 N 
25 2 "O3'" B DT 18 ? ? "C3'" B DT 18 ? ? 1.374 1.419 -0.045 0.006 N 
26 3 "O4'" A DA 1  ? ? "C4'" A DA 1  ? ? 1.384 1.446 -0.062 0.010 N 
27 3 "O3'" A DA 1  ? ? "C3'" A DA 1  ? ? 1.356 1.419 -0.063 0.006 N 
28 3 "O4'" A DC 3  ? ? "C4'" A DC 3  ? ? 1.382 1.446 -0.064 0.010 N 
29 3 C4    A DC 3  ? ? N4    A DC 3  ? ? 1.273 1.335 -0.062 0.009 N 
30 3 "C3'" A DC 4  ? ? "C2'" A DC 4  ? ? 1.399 1.516 -0.117 0.008 N 
31 3 "O3'" A DC 4  ? ? "C3'" A DC 4  ? ? 1.363 1.419 -0.056 0.006 N 
32 3 N3    A DC 4  ? ? C4    A DC 4  ? ? 1.286 1.335 -0.049 0.007 N 
33 3 C8    A G  5  ? ? N9    A G  5  ? ? 1.325 1.374 -0.049 0.007 N 
34 3 C2    A G  5  ? ? N2    A G  5  ? ? 1.278 1.341 -0.063 0.010 N 
35 3 "O3'" A DT 7  ? ? "C3'" A DT 7  ? ? 1.370 1.419 -0.049 0.006 N 
36 3 N3    A DA 8  ? ? C4    A DA 8  ? ? 1.386 1.344 0.042  0.006 N 
37 3 "C5'" A DG 9  ? ? "C4'" A DG 9  ? ? 1.555 1.512 0.043  0.007 N 
38 3 "C4'" B DC 10 ? ? "C3'" B DC 10 ? ? 1.456 1.521 -0.065 0.010 N 
39 3 "C3'" B DC 10 ? ? "C2'" B DC 10 ? ? 1.430 1.516 -0.086 0.008 N 
40 3 "C2'" B DC 10 ? ? "C1'" B DC 10 ? ? 1.387 1.518 -0.131 0.010 N 
41 3 "O4'" B DC 10 ? ? "C1'" B DC 10 ? ? 1.297 1.418 -0.121 0.012 N 
42 3 "O3'" B DT 18 ? ? "C3'" B DT 18 ? ? 1.369 1.419 -0.050 0.006 N 
43 3 C5    B DT 18 ? ? C6    B DT 18 ? ? 1.391 1.339 0.052  0.007 N 
# 
loop_
_pdbx_validate_rmsd_angle.id 
_pdbx_validate_rmsd_angle.PDB_model_num 
_pdbx_validate_rmsd_angle.auth_atom_id_1 
_pdbx_validate_rmsd_angle.auth_asym_id_1 
_pdbx_validate_rmsd_angle.auth_comp_id_1 
_pdbx_validate_rmsd_angle.auth_seq_id_1 
_pdbx_validate_rmsd_angle.PDB_ins_code_1 
_pdbx_validate_rmsd_angle.label_alt_id_1 
_pdbx_validate_rmsd_angle.auth_atom_id_2 
_pdbx_validate_rmsd_angle.auth_asym_id_2 
_pdbx_validate_rmsd_angle.auth_comp_id_2 
_pdbx_validate_rmsd_angle.auth_seq_id_2 
_pdbx_validate_rmsd_angle.PDB_ins_code_2 
_pdbx_validate_rmsd_angle.label_alt_id_2 
_pdbx_validate_rmsd_angle.auth_atom_id_3 
_pdbx_validate_rmsd_angle.auth_asym_id_3 
_pdbx_validate_rmsd_angle.auth_comp_id_3 
_pdbx_validate_rmsd_angle.auth_seq_id_3 
_pdbx_validate_rmsd_angle.PDB_ins_code_3 
_pdbx_validate_rmsd_angle.label_alt_id_3 
_pdbx_validate_rmsd_angle.angle_value 
_pdbx_validate_rmsd_angle.angle_target_value 
_pdbx_validate_rmsd_angle.angle_deviation 
_pdbx_validate_rmsd_angle.angle_standard_deviation 
_pdbx_validate_rmsd_angle.linker_flag 
1   1 "O4'" A DA 1  ? ? "C1'" A DA 1  ? ? N9    A DA 1  ? ? 112.21 108.30 3.91  0.30 N 
2   1 C4    A DA 1  ? ? C5    A DA 1  ? ? C6    A DA 1  ? ? 113.67 117.00 -3.33 0.50 N 
3   1 C5    A DA 1  ? ? C6    A DA 1  ? ? N1    A DA 1  ? ? 122.57 117.70 4.87  0.50 N 
4   1 N1    A DA 1  ? ? C6    A DA 1  ? ? N6    A DA 1  ? ? 111.49 118.60 -7.11 0.60 N 
5   1 "O4'" A DT 2  ? ? "C1'" A DT 2  ? ? N1    A DT 2  ? ? 110.41 108.30 2.11  0.30 N 
6   1 C5    A DT 2  ? ? C6    A DT 2  ? ? N1    A DT 2  ? ? 120.08 123.70 -3.62 0.60 N 
7   1 C6    A DT 2  ? ? C5    A DT 2  ? ? C7    A DT 2  ? ? 118.76 122.90 -4.14 0.60 N 
8   1 "O4'" A DC 3  ? ? "C1'" A DC 3  ? ? N1    A DC 3  ? ? 110.93 108.30 2.63  0.30 N 
9   1 N1    A DC 3  ? ? C2    A DC 3  ? ? O2    A DC 3  ? ? 123.28 118.90 4.38  0.60 N 
10  1 N3    A DC 3  ? ? C2    A DC 3  ? ? O2    A DC 3  ? ? 117.21 121.90 -4.69 0.70 N 
11  1 C2    A DC 4  ? ? N3    A DC 4  ? ? C4    A DC 4  ? ? 116.82 119.90 -3.08 0.50 N 
12  1 N3    A DC 4  ? ? C2    A DC 4  ? ? O2    A DC 4  ? ? 117.11 121.90 -4.79 0.70 N 
13  1 "O4'" A G  5  ? ? "C1'" A G  5  ? ? "C2'" A G  5  ? ? 99.41  105.80 -6.39 1.00 N 
14  1 "O4'" A G  5  ? ? "C1'" A G  5  ? ? N9    A G  5  ? ? 115.70 108.50 7.20  0.70 N 
15  1 "O4'" A DG 6  ? ? "C1'" A DG 6  ? ? N9    A DG 6  ? ? 111.35 108.30 3.05  0.30 N 
16  1 N3    A DG 6  ? ? C4    A DG 6  ? ? C5    A DG 6  ? ? 125.52 128.60 -3.08 0.50 N 
17  1 C5    A DG 6  ? ? C6    A DG 6  ? ? N1    A DG 6  ? ? 115.18 111.50 3.68  0.50 N 
18  1 "C4'" A DT 7  ? ? "C3'" A DT 7  ? ? "C2'" A DT 7  ? ? 97.41  102.20 -4.79 0.70 N 
19  1 "C3'" A DT 7  ? ? "C2'" A DT 7  ? ? "C1'" A DT 7  ? ? 111.32 102.50 8.82  1.20 N 
20  1 "O4'" A DT 7  ? ? "C1'" A DT 7  ? ? N1    A DT 7  ? ? 112.60 108.30 4.30  0.30 N 
21  1 N3    A DT 7  ? ? C2    A DT 7  ? ? O2    A DT 7  ? ? 117.78 122.30 -4.52 0.60 N 
22  1 C6    A DT 7  ? ? C5    A DT 7  ? ? C7    A DT 7  ? ? 118.10 122.90 -4.80 0.60 N 
23  1 N1    A DA 8  ? ? C6    A DA 8  ? ? N6    A DA 8  ? ? 113.02 118.60 -5.58 0.60 N 
24  1 "C1'" A DG 9  ? ? "O4'" A DG 9  ? ? "C4'" A DG 9  ? ? 103.94 110.10 -6.16 1.00 N 
25  1 "O4'" B DC 10 ? ? "C1'" B DC 10 ? ? N1    B DC 10 ? ? 111.22 108.30 2.92  0.30 N 
26  1 "O4'" B DT 11 ? ? "C1'" B DT 11 ? ? N1    B DT 11 ? ? 112.93 108.30 4.63  0.30 N 
27  1 C5    B DT 11 ? ? C6    B DT 11 ? ? N1    B DT 11 ? ? 120.07 123.70 -3.63 0.60 N 
28  1 N3    B DT 11 ? ? C2    B DT 11 ? ? O2    B DT 11 ? ? 117.69 122.30 -4.61 0.60 N 
29  1 C6    B DT 11 ? ? C5    B DT 11 ? ? C7    B DT 11 ? ? 118.32 122.90 -4.58 0.60 N 
30  1 "O4'" B DA 12 ? ? "C1'" B DA 12 ? ? N9    B DA 12 ? ? 112.80 108.30 4.50  0.30 N 
31  1 C4    B DA 12 ? ? C5    B DA 12 ? ? C6    B DA 12 ? ? 112.71 117.00 -4.29 0.50 N 
32  1 C5    B DA 12 ? ? C6    B DA 12 ? ? N1    B DA 12 ? ? 121.73 117.70 4.03  0.50 N 
33  1 N1    B DA 12 ? ? C6    B DA 12 ? ? N6    B DA 12 ? ? 114.47 118.60 -4.13 0.60 N 
34  1 N1    B DC 13 ? ? C2    B DC 13 ? ? O2    B DC 13 ? ? 124.01 118.90 5.11  0.60 N 
35  1 N3    B DC 13 ? ? C2    B DC 13 ? ? O2    B DC 13 ? ? 113.90 121.90 -8.00 0.70 N 
36  1 "C3'" B DC 14 ? ? "C2'" B DC 14 ? ? "C1'" B DC 14 ? ? 97.60  102.40 -4.80 0.80 N 
37  1 N3    B DC 14 ? ? C2    B DC 14 ? ? O2    B DC 14 ? ? 117.11 121.90 -4.79 0.70 N 
38  1 "O4'" B DG 15 ? ? "C1'" B DG 15 ? ? N9    B DG 15 ? ? 110.78 108.30 2.48  0.30 N 
39  1 "O4'" B DG 16 ? ? "C1'" B DG 16 ? ? N9    B DG 16 ? ? 115.29 108.30 6.99  0.30 N 
40  1 C5    B DG 16 ? ? C6    B DG 16 ? ? N1    B DG 16 ? ? 115.58 111.50 4.08  0.50 N 
41  1 N1    B DG 16 ? ? C6    B DG 16 ? ? O6    B DG 16 ? ? 115.37 119.90 -4.53 0.60 N 
42  1 N1    B DA 17 ? ? C6    B DA 17 ? ? N6    B DA 17 ? ? 113.24 118.60 -5.36 0.60 N 
43  1 "O4'" B DT 18 ? ? "C4'" B DT 18 ? ? "C3'" B DT 18 ? ? 110.48 106.00 4.48  0.60 N 
44  1 "O4'" B DT 18 ? ? "C1'" B DT 18 ? ? N1    B DT 18 ? ? 111.87 108.30 3.57  0.30 N 
45  1 C6    B DT 18 ? ? N1    B DT 18 ? ? C2    B DT 18 ? ? 124.92 121.30 3.62  0.50 N 
46  1 C5    B DT 18 ? ? C6    B DT 18 ? ? N1    B DT 18 ? ? 118.07 123.70 -5.63 0.60 N 
47  2 "O4'" A DA 1  ? ? "C1'" A DA 1  ? ? N9    A DA 1  ? ? 110.86 108.30 2.56  0.30 N 
48  2 C4    A DA 1  ? ? C5    A DA 1  ? ? C6    A DA 1  ? ? 113.96 117.00 -3.04 0.50 N 
49  2 C5    A DA 1  ? ? C6    A DA 1  ? ? N1    A DA 1  ? ? 123.11 117.70 5.41  0.50 N 
50  2 N1    A DA 1  ? ? C6    A DA 1  ? ? N6    A DA 1  ? ? 111.42 118.60 -7.18 0.60 N 
51  2 "O4'" A DT 2  ? ? "C4'" A DT 2  ? ? "C3'" A DT 2  ? ? 109.66 106.00 3.66  0.60 N 
52  2 "O4'" A DT 2  ? ? "C1'" A DT 2  ? ? N1    A DT 2  ? ? 111.61 108.30 3.31  0.30 N 
53  2 N3    A DT 2  ? ? C2    A DT 2  ? ? O2    A DT 2  ? ? 118.49 122.30 -3.81 0.60 N 
54  2 N3    A DT 2  ? ? C4    A DT 2  ? ? O4    A DT 2  ? ? 115.73 119.90 -4.17 0.60 N 
55  2 "O4'" A DC 3  ? ? "C1'" A DC 3  ? ? N1    A DC 3  ? ? 110.42 108.30 2.12  0.30 N 
56  2 C2    A DC 3  ? ? N3    A DC 3  ? ? C4    A DC 3  ? ? 115.95 119.90 -3.95 0.50 N 
57  2 N3    A DC 3  ? ? C2    A DC 3  ? ? O2    A DC 3  ? ? 115.93 121.90 -5.97 0.70 N 
58  2 "O4'" A DC 4  ? ? "C1'" A DC 4  ? ? N1    A DC 4  ? ? 112.06 108.30 3.76  0.30 N 
59  2 C6    A DC 4  ? ? N1    A DC 4  ? ? C2    A DC 4  ? ? 117.42 120.30 -2.88 0.40 N 
60  2 N3    A DC 4  ? ? C2    A DC 4  ? ? O2    A DC 4  ? ? 116.88 121.90 -5.02 0.70 N 
61  2 "O4'" A G  5  ? ? "C1'" A G  5  ? ? "C2'" A G  5  ? ? 99.54  105.80 -6.26 1.00 N 
62  2 C5    A G  5  ? ? N7    A G  5  ? ? C8    A G  5  ? ? 101.29 104.30 -3.01 0.50 N 
63  2 N7    A G  5  ? ? C8    A G  5  ? ? N9    A G  5  ? ? 116.48 113.10 3.38  0.50 N 
64  2 "O4'" A DG 6  ? ? "C1'" A DG 6  ? ? N9    A DG 6  ? ? 111.25 108.30 2.95  0.30 N 
65  2 "O4'" A DT 7  ? ? "C1'" A DT 7  ? ? N1    A DT 7  ? ? 110.59 108.30 2.29  0.30 N 
66  2 "O4'" A DA 8  ? ? "C1'" A DA 8  ? ? N9    A DA 8  ? ? 111.01 108.30 2.71  0.30 N 
67  2 C5    A DA 8  ? ? C6    A DA 8  ? ? N1    A DA 8  ? ? 121.90 117.70 4.20  0.50 N 
68  2 N1    A DA 8  ? ? C6    A DA 8  ? ? N6    A DA 8  ? ? 114.17 118.60 -4.43 0.60 N 
69  2 "O4'" B DC 10 ? ? "C1'" B DC 10 ? ? N1    B DC 10 ? ? 111.58 108.30 3.28  0.30 N 
70  2 "C3'" B DT 11 ? ? "C2'" B DT 11 ? ? "C1'" B DT 11 ? ? 116.86 102.50 14.36 1.20 N 
71  2 "O4'" B DT 11 ? ? "C1'" B DT 11 ? ? N1    B DT 11 ? ? 115.04 108.30 6.74  0.30 N 
72  2 C5    B DT 11 ? ? C6    B DT 11 ? ? N1    B DT 11 ? ? 119.95 123.70 -3.75 0.60 N 
73  2 C6    B DT 11 ? ? C5    B DT 11 ? ? C7    B DT 11 ? ? 117.15 122.90 -5.75 0.60 N 
74  2 "O4'" B DA 12 ? ? "C1'" B DA 12 ? ? N9    B DA 12 ? ? 110.30 108.30 2.00  0.30 N 
75  2 C5    B DA 12 ? ? C6    B DA 12 ? ? N1    B DA 12 ? ? 121.39 117.70 3.69  0.50 N 
76  2 N1    B DA 12 ? ? C6    B DA 12 ? ? N6    B DA 12 ? ? 112.01 118.60 -6.59 0.60 N 
77  2 N1    B DC 13 ? ? C2    B DC 13 ? ? O2    B DC 13 ? ? 122.68 118.90 3.78  0.60 N 
78  2 N3    B DC 13 ? ? C2    B DC 13 ? ? O2    B DC 13 ? ? 116.01 121.90 -5.89 0.70 N 
79  2 "O4'" B DG 15 ? ? "C1'" B DG 15 ? ? N9    B DG 15 ? ? 115.81 108.30 7.51  0.30 N 
80  2 N3    B DG 15 ? ? C4    B DG 15 ? ? C5    B DG 15 ? ? 125.49 128.60 -3.11 0.50 N 
81  2 C4    B DG 15 ? ? C5    B DG 15 ? ? N7    B DG 15 ? ? 108.28 110.80 -2.52 0.40 N 
82  2 C8    B DG 15 ? ? N9    B DG 15 ? ? C4    B DG 15 ? ? 103.80 106.40 -2.60 0.40 N 
83  2 N9    B DG 15 ? ? C4    B DG 15 ? ? C5    B DG 15 ? ? 108.30 105.40 2.90  0.40 N 
84  2 N1    B DG 15 ? ? C6    B DG 15 ? ? O6    B DG 15 ? ? 116.25 119.90 -3.65 0.60 N 
85  2 "O4'" B DA 17 ? ? "C1'" B DA 17 ? ? N9    B DA 17 ? ? 112.46 108.30 4.16  0.30 N 
86  2 C4    B DA 17 ? ? C5    B DA 17 ? ? C6    B DA 17 ? ? 113.50 117.00 -3.50 0.50 N 
87  2 C5    B DA 17 ? ? C6    B DA 17 ? ? N1    B DA 17 ? ? 121.54 117.70 3.84  0.50 N 
88  2 N1    B DA 17 ? ? C6    B DA 17 ? ? N6    B DA 17 ? ? 113.77 118.60 -4.83 0.60 N 
89  2 "O4'" B DT 18 ? ? "C1'" B DT 18 ? ? N1    B DT 18 ? ? 110.74 108.30 2.44  0.30 N 
90  2 N1    B DT 18 ? ? C2    B DT 18 ? ? N3    B DT 18 ? ? 118.30 114.60 3.70  0.60 N 
91  2 C5    B DT 18 ? ? C6    B DT 18 ? ? N1    B DT 18 ? ? 120.06 123.70 -3.64 0.60 N 
92  3 "O4'" A DA 1  ? ? "C1'" A DA 1  ? ? N9    A DA 1  ? ? 113.64 108.30 5.34  0.30 N 
93  3 C5    A DA 1  ? ? C6    A DA 1  ? ? N1    A DA 1  ? ? 120.88 117.70 3.18  0.50 N 
94  3 N1    A DA 1  ? ? C6    A DA 1  ? ? N6    A DA 1  ? ? 113.54 118.60 -5.06 0.60 N 
95  3 C5    A DT 2  ? ? C4    A DT 2  ? ? O4    A DT 2  ? ? 129.11 124.90 4.21  0.70 N 
96  3 "O4'" A DC 3  ? ? "C1'" A DC 3  ? ? N1    A DC 3  ? ? 114.99 108.30 6.69  0.30 N 
97  3 "C3'" A DC 4  ? ? "C2'" A DC 4  ? ? "C1'" A DC 4  ? ? 111.95 102.50 9.45  1.20 N 
98  3 "O4'" A DC 4  ? ? "C1'" A DC 4  ? ? "C2'" A DC 4  ? ? 99.74  105.90 -6.16 0.80 N 
99  3 "O4'" A DC 4  ? ? "C1'" A DC 4  ? ? N1    A DC 4  ? ? 112.38 108.30 4.08  0.30 N 
100 3 N3    A DC 4  ? ? C2    A DC 4  ? ? O2    A DC 4  ? ? 115.66 121.90 -6.24 0.70 N 
101 3 "O4'" A G  5  ? ? "C1'" A G  5  ? ? N9    A G  5  ? ? 113.65 108.50 5.15  0.70 N 
102 3 N1    A G  5  ? ? C6    A G  5  ? ? O6    A G  5  ? ? 114.76 119.90 -5.14 0.60 N 
103 3 "O4'" A DG 6  ? ? "C1'" A DG 6  ? ? N9    A DG 6  ? ? 111.56 108.30 3.26  0.30 N 
104 3 C2    A DG 6  ? ? N3    A DG 6  ? ? C4    A DG 6  ? ? 115.32 111.90 3.42  0.50 N 
105 3 N3    A DG 6  ? ? C4    A DG 6  ? ? C5    A DG 6  ? ? 124.18 128.60 -4.42 0.50 N 
106 3 C8    A DG 6  ? ? N9    A DG 6  ? ? C4    A DG 6  ? ? 103.88 106.40 -2.52 0.40 N 
107 3 N9    A DG 6  ? ? C4    A DG 6  ? ? C5    A DG 6  ? ? 108.45 105.40 3.05  0.40 N 
108 3 N3    A DT 7  ? ? C2    A DT 7  ? ? O2    A DT 7  ? ? 117.25 122.30 -5.05 0.60 N 
109 3 "O4'" A DA 8  ? ? "C1'" A DA 8  ? ? N9    A DA 8  ? ? 111.55 108.30 3.25  0.30 N 
110 3 C4    A DA 8  ? ? C5    A DA 8  ? ? C6    A DA 8  ? ? 112.93 117.00 -4.07 0.50 N 
111 3 C5    A DA 8  ? ? C6    A DA 8  ? ? N1    A DA 8  ? ? 121.43 117.70 3.73  0.50 N 
112 3 N1    A DA 8  ? ? C6    A DA 8  ? ? N6    A DA 8  ? ? 114.88 118.60 -3.72 0.60 N 
113 3 N3    A DG 9  ? ? C4    A DG 9  ? ? C5    A DG 9  ? ? 125.34 128.60 -3.26 0.50 N 
114 3 C5    A DG 9  ? ? C6    A DG 9  ? ? N1    A DG 9  ? ? 114.59 111.50 3.09  0.50 N 
115 3 "C3'" B DC 10 ? ? "C2'" B DC 10 ? ? "C1'" B DC 10 ? ? 111.09 102.50 8.59  1.20 N 
116 3 "O4'" B DC 10 ? ? "C1'" B DC 10 ? ? N1    B DC 10 ? ? 111.42 108.30 3.12  0.30 N 
117 3 C2    B DC 10 ? ? N3    B DC 10 ? ? C4    B DC 10 ? ? 116.90 119.90 -3.00 0.50 N 
118 3 N3    B DC 10 ? ? C2    B DC 10 ? ? O2    B DC 10 ? ? 115.73 121.90 -6.17 0.70 N 
119 3 C4    B DT 11 ? ? C5    B DT 11 ? ? C6    B DT 11 ? ? 121.83 118.00 3.83  0.60 N 
120 3 N3    B DT 11 ? ? C2    B DT 11 ? ? O2    B DT 11 ? ? 118.41 122.30 -3.89 0.60 N 
121 3 "O4'" B DA 12 ? ? "C1'" B DA 12 ? ? "C2'" B DA 12 ? ? 110.28 106.80 3.48  0.50 N 
122 3 C4    B DA 12 ? ? C5    B DA 12 ? ? C6    B DA 12 ? ? 113.77 117.00 -3.23 0.50 N 
123 3 C5    B DA 12 ? ? C6    B DA 12 ? ? N1    B DA 12 ? ? 121.09 117.70 3.39  0.50 N 
124 3 C6    B DA 12 ? ? C5    B DA 12 ? ? N7    B DA 12 ? ? 136.67 132.30 4.37  0.70 N 
125 3 N1    B DA 12 ? ? C6    B DA 12 ? ? N6    B DA 12 ? ? 113.14 118.60 -5.46 0.60 N 
126 3 "O4'" B DC 13 ? ? "C1'" B DC 13 ? ? "C2'" B DC 13 ? ? 100.48 105.90 -5.42 0.80 N 
127 3 "O4'" B DC 13 ? ? "C1'" B DC 13 ? ? N1    B DC 13 ? ? 110.14 108.30 1.84  0.30 N 
128 3 C2    B DC 13 ? ? N3    B DC 13 ? ? C4    B DC 13 ? ? 116.75 119.90 -3.15 0.50 N 
129 3 N3    B DC 13 ? ? C2    B DC 13 ? ? O2    B DC 13 ? ? 117.45 121.90 -4.45 0.70 N 
130 3 N3    B DC 13 ? ? C4    B DC 13 ? ? N4    B DC 13 ? ? 113.65 118.00 -4.35 0.70 N 
131 3 "O4'" B DC 14 ? ? "C1'" B DC 14 ? ? N1    B DC 14 ? ? 111.51 108.30 3.21  0.30 N 
132 3 C6    B DC 14 ? ? N1    B DC 14 ? ? C2    B DC 14 ? ? 117.50 120.30 -2.80 0.40 N 
133 3 "O4'" B DG 15 ? ? "C1'" B DG 15 ? ? N9    B DG 15 ? ? 115.96 108.30 7.66  0.30 N 
134 3 C5    B DG 15 ? ? C6    B DG 15 ? ? N1    B DG 15 ? ? 114.88 111.50 3.38  0.50 N 
135 3 N3    B DG 16 ? ? C2    B DG 16 ? ? N2    B DG 16 ? ? 115.57 119.90 -4.33 0.70 N 
136 3 C4    B DA 17 ? ? C5    B DA 17 ? ? C6    B DA 17 ? ? 113.87 117.00 -3.13 0.50 N 
137 3 C5    B DA 17 ? ? C6    B DA 17 ? ? N1    B DA 17 ? ? 121.16 117.70 3.46  0.50 N 
# 
loop_
_pdbx_validate_planes.id 
_pdbx_validate_planes.PDB_model_num 
_pdbx_validate_planes.auth_comp_id 
_pdbx_validate_planes.auth_asym_id 
_pdbx_validate_planes.auth_seq_id 
_pdbx_validate_planes.PDB_ins_code 
_pdbx_validate_planes.label_alt_id 
_pdbx_validate_planes.rmsd 
_pdbx_validate_planes.type 
1  1 DT A 2  ? ? 0.100 'SIDE CHAIN' 
2  1 DC A 4  ? ? 0.070 'SIDE CHAIN' 
3  1 DG A 6  ? ? 0.073 'SIDE CHAIN' 
4  1 DT B 11 ? ? 0.089 'SIDE CHAIN' 
5  1 DA B 12 ? ? 0.064 'SIDE CHAIN' 
6  2 DC A 3  ? ? 0.084 'SIDE CHAIN' 
7  2 DG A 6  ? ? 0.051 'SIDE CHAIN' 
8  2 DC B 13 ? ? 0.067 'SIDE CHAIN' 
9  3 DT A 7  ? ? 0.090 'SIDE CHAIN' 
10 3 DT B 11 ? ? 0.087 'SIDE CHAIN' 
# 
_pdbx_nmr_ensemble.entry_id                                      5KIF 
_pdbx_nmr_ensemble.conformers_calculated_total_number            8 
_pdbx_nmr_ensemble.conformers_submitted_total_number             3 
_pdbx_nmr_ensemble.conformer_selection_criteria                  'structures with the lowest energy' 
_pdbx_nmr_ensemble.representative_conformer                      ? 
_pdbx_nmr_ensemble.average_constraints_per_residue               ? 
_pdbx_nmr_ensemble.average_constraint_violations_per_residue     ? 
_pdbx_nmr_ensemble.maximum_distance_constraint_violation         ? 
_pdbx_nmr_ensemble.average_distance_constraint_violation         ? 
_pdbx_nmr_ensemble.maximum_upper_distance_constraint_violation   ? 
_pdbx_nmr_ensemble.maximum_lower_distance_constraint_violation   ? 
_pdbx_nmr_ensemble.distance_constraint_violation_method          ? 
_pdbx_nmr_ensemble.maximum_torsion_angle_constraint_violation    ? 
_pdbx_nmr_ensemble.average_torsion_angle_constraint_violation    ? 
_pdbx_nmr_ensemble.torsion_angle_constraint_violation_method     ? 
# 
_pdbx_nmr_representative.entry_id             5KIF 
_pdbx_nmr_representative.conformer_id         1 
_pdbx_nmr_representative.selection_criteria   'closest to the average' 
# 
loop_
_pdbx_nmr_sample_details.solution_id 
_pdbx_nmr_sample_details.contents 
_pdbx_nmr_sample_details.solvent_system 
_pdbx_nmr_sample_details.label 
_pdbx_nmr_sample_details.type 
_pdbx_nmr_sample_details.details 
1 
;1 mM DNA/RNA (5'-D(*AP*TP*CP*C)-R(P*G)-D(P*GP*TP*AP*G)-3'), 1 mM DNA (5'-D(*CP*TP*AP*CP*CP*GP*GP*AP*T)-3'), 100 % 100% deuterium D2O, 100 mM sodium chloride, 10 mM sodium phosphate, 100% D2O
;
'100% D2O'        D2O_sample solution '100% D2O, pH 6.6'         
2 
;1 mM DNA/RNA (5'-D(*AP*TP*CP*C)-R(P*G)-D(P*GP*TP*AP*G)-3'), 1 mM DNA (5'-D(*CP*TP*AP*CP*CP*GP*GP*AP*T)-3'), 10 % 100% deuterium D2O, 100 mM sodium chloride, 10 mM sodium phosphate, 90% H2O/10% D2O
;
'90% H2O/10% D2O' H2O_sample solution '90% H2O, 10% D2O, pH 7.0' 
# 
loop_
_pdbx_nmr_exptl_sample.solution_id 
_pdbx_nmr_exptl_sample.component 
_pdbx_nmr_exptl_sample.concentration 
_pdbx_nmr_exptl_sample.concentration_range 
_pdbx_nmr_exptl_sample.concentration_units 
_pdbx_nmr_exptl_sample.isotopic_labeling 
1 
;DNA/RNA (5'-D(*AP*TP*CP*C)-R(P*G)-D(P*GP*TP*AP*G)-3')
;
1   ? mM 'natural abundance' 
1 
;DNA (5'-D(*CP*TP*AP*CP*CP*GP*GP*AP*T)-3')
;
1   ? mM 'natural abundance' 
1 D2O                                                     100 ? %  '100% deuterium'    
1 'sodium chloride'                                       100 ? mM 'natural abundance' 
1 'sodium phosphate'                                      10  ? mM 'natural abundance' 
2 
;DNA/RNA (5'-D(*AP*TP*CP*C)-R(P*G)-D(P*GP*TP*AP*G)-3')
;
1   ? mM 'natural abundance' 
2 
;DNA (5'-D(*CP*TP*AP*CP*CP*GP*GP*AP*T)-3')
;
1   ? mM 'natural abundance' 
2 D2O                                                     10  ? %  '100% deuterium'    
2 'sodium chloride'                                       100 ? mM 'natural abundance' 
2 'sodium phosphate'                                      10  ? mM 'natural abundance' 
# 
loop_
_pdbx_nmr_exptl_sample_conditions.conditions_id 
_pdbx_nmr_exptl_sample_conditions.temperature 
_pdbx_nmr_exptl_sample_conditions.pressure_units 
_pdbx_nmr_exptl_sample_conditions.pressure 
_pdbx_nmr_exptl_sample_conditions.pH 
_pdbx_nmr_exptl_sample_conditions.ionic_strength 
_pdbx_nmr_exptl_sample_conditions.details 
_pdbx_nmr_exptl_sample_conditions.ionic_strength_err 
_pdbx_nmr_exptl_sample_conditions.ionic_strength_units 
_pdbx_nmr_exptl_sample_conditions.label 
_pdbx_nmr_exptl_sample_conditions.pH_err 
_pdbx_nmr_exptl_sample_conditions.pH_units 
_pdbx_nmr_exptl_sample_conditions.pressure_err 
_pdbx_nmr_exptl_sample_conditions.temperature_err 
_pdbx_nmr_exptl_sample_conditions.temperature_units 
1 294 atm ambient 6.6 110 ? ? mM D2O_conditions ? pH ? ? K 
2 294 atm ambient 7.0 110 ? ? mM H2O_conditions ? pH ? ? K 
# 
loop_
_pdbx_nmr_exptl.experiment_id 
_pdbx_nmr_exptl.conditions_id 
_pdbx_nmr_exptl.solution_id 
_pdbx_nmr_exptl.type 
_pdbx_nmr_exptl.spectrometer_id 
_pdbx_nmr_exptl.sample_state 
1  1 1 '2D NOESY 250 ms'           1 isotropic 
2  2 2 '2D NOESY'                  1 isotropic 
3  1 1 '2D Low Flip COSY'          1 isotropic 
4  1 1 '2D 1H-13C HSQC'            2 isotropic 
5  1 1 '2D constant time NOESY'    1 isotropic 
6  1 1 '2D 1H-31P CORR'            1 isotropic 
7  1 1 '2D NOESY 150 ms'           1 isotropic 
10 1 1 '1D 1H'                     1 isotropic 
9  1 1 '1D 31P'                    1 isotropic 
8  2 2 '1D 1H 1-1 jump and return' 1 isotropic 
# 
_pdbx_nmr_refine.entry_id           5KIF 
_pdbx_nmr_refine.method             'matrix relaxation, molecular dynamics' 
_pdbx_nmr_refine.details            ? 
_pdbx_nmr_refine.software_ordinal   5 
# 
loop_
_pdbx_nmr_software.ordinal 
_pdbx_nmr_software.classification 
_pdbx_nmr_software.name 
_pdbx_nmr_software.version 
_pdbx_nmr_software.authors 
1 'structure calculation'     Amber     9    'Case, Darden, Cheatham III, Simmerling, Wang, Duke, Luo, ... and Kollman' 
2 'chemical shift assignment' Sparky    3.33 Goddard                                                                    
3 collection                  TopSpin   ?    'Bruker Biospin'                                                           
4 refinement                  CORMA     ?    'Thomas James'                                                             
5 refinement                  MARDIGRAS ?    'Thomas James'                                                             
# 
loop_
_chem_comp_atom.comp_id 
_chem_comp_atom.atom_id 
_chem_comp_atom.type_symbol 
_chem_comp_atom.pdbx_aromatic_flag 
_chem_comp_atom.pdbx_stereo_config 
_chem_comp_atom.pdbx_ordinal 
DA OP3    O N N 1   
DA P      P N N 2   
DA OP1    O N N 3   
DA OP2    O N N 4   
DA "O5'"  O N N 5   
DA "C5'"  C N N 6   
DA "C4'"  C N R 7   
DA "O4'"  O N N 8   
DA "C3'"  C N S 9   
DA "O3'"  O N N 10  
DA "C2'"  C N N 11  
DA "C1'"  C N R 12  
DA N9     N Y N 13  
DA C8     C Y N 14  
DA N7     N Y N 15  
DA C5     C Y N 16  
DA C6     C Y N 17  
DA N6     N N N 18  
DA N1     N Y N 19  
DA C2     C Y N 20  
DA N3     N Y N 21  
DA C4     C Y N 22  
DA HOP3   H N N 23  
DA HOP2   H N N 24  
DA "H5'"  H N N 25  
DA "H5''" H N N 26  
DA "H4'"  H N N 27  
DA "H3'"  H N N 28  
DA "HO3'" H N N 29  
DA "H2'"  H N N 30  
DA "H2''" H N N 31  
DA "H1'"  H N N 32  
DA H8     H N N 33  
DA H61    H N N 34  
DA H62    H N N 35  
DA H2     H N N 36  
DC OP3    O N N 37  
DC P      P N N 38  
DC OP1    O N N 39  
DC OP2    O N N 40  
DC "O5'"  O N N 41  
DC "C5'"  C N N 42  
DC "C4'"  C N R 43  
DC "O4'"  O N N 44  
DC "C3'"  C N S 45  
DC "O3'"  O N N 46  
DC "C2'"  C N N 47  
DC "C1'"  C N R 48  
DC N1     N N N 49  
DC C2     C N N 50  
DC O2     O N N 51  
DC N3     N N N 52  
DC C4     C N N 53  
DC N4     N N N 54  
DC C5     C N N 55  
DC C6     C N N 56  
DC HOP3   H N N 57  
DC HOP2   H N N 58  
DC "H5'"  H N N 59  
DC "H5''" H N N 60  
DC "H4'"  H N N 61  
DC "H3'"  H N N 62  
DC "HO3'" H N N 63  
DC "H2'"  H N N 64  
DC "H2''" H N N 65  
DC "H1'"  H N N 66  
DC H41    H N N 67  
DC H42    H N N 68  
DC H5     H N N 69  
DC H6     H N N 70  
DG OP3    O N N 71  
DG P      P N N 72  
DG OP1    O N N 73  
DG OP2    O N N 74  
DG "O5'"  O N N 75  
DG "C5'"  C N N 76  
DG "C4'"  C N R 77  
DG "O4'"  O N N 78  
DG "C3'"  C N S 79  
DG "O3'"  O N N 80  
DG "C2'"  C N N 81  
DG "C1'"  C N R 82  
DG N9     N Y N 83  
DG C8     C Y N 84  
DG N7     N Y N 85  
DG C5     C Y N 86  
DG C6     C N N 87  
DG O6     O N N 88  
DG N1     N N N 89  
DG C2     C N N 90  
DG N2     N N N 91  
DG N3     N N N 92  
DG C4     C Y N 93  
DG HOP3   H N N 94  
DG HOP2   H N N 95  
DG "H5'"  H N N 96  
DG "H5''" H N N 97  
DG "H4'"  H N N 98  
DG "H3'"  H N N 99  
DG "HO3'" H N N 100 
DG "H2'"  H N N 101 
DG "H2''" H N N 102 
DG "H1'"  H N N 103 
DG H8     H N N 104 
DG H1     H N N 105 
DG H21    H N N 106 
DG H22    H N N 107 
DT OP3    O N N 108 
DT P      P N N 109 
DT OP1    O N N 110 
DT OP2    O N N 111 
DT "O5'"  O N N 112 
DT "C5'"  C N N 113 
DT "C4'"  C N R 114 
DT "O4'"  O N N 115 
DT "C3'"  C N S 116 
DT "O3'"  O N N 117 
DT "C2'"  C N N 118 
DT "C1'"  C N R 119 
DT N1     N N N 120 
DT C2     C N N 121 
DT O2     O N N 122 
DT N3     N N N 123 
DT C4     C N N 124 
DT O4     O N N 125 
DT C5     C N N 126 
DT C7     C N N 127 
DT C6     C N N 128 
DT HOP3   H N N 129 
DT HOP2   H N N 130 
DT "H5'"  H N N 131 
DT "H5''" H N N 132 
DT "H4'"  H N N 133 
DT "H3'"  H N N 134 
DT "HO3'" H N N 135 
DT "H2'"  H N N 136 
DT "H2''" H N N 137 
DT "H1'"  H N N 138 
DT H3     H N N 139 
DT H71    H N N 140 
DT H72    H N N 141 
DT H73    H N N 142 
DT H6     H N N 143 
G  OP3    O N N 144 
G  P      P N N 145 
G  OP1    O N N 146 
G  OP2    O N N 147 
G  "O5'"  O N N 148 
G  "C5'"  C N N 149 
G  "C4'"  C N R 150 
G  "O4'"  O N N 151 
G  "C3'"  C N S 152 
G  "O3'"  O N N 153 
G  "C2'"  C N R 154 
G  "O2'"  O N N 155 
G  "C1'"  C N R 156 
G  N9     N Y N 157 
G  C8     C Y N 158 
G  N7     N Y N 159 
G  C5     C Y N 160 
G  C6     C N N 161 
G  O6     O N N 162 
G  N1     N N N 163 
G  C2     C N N 164 
G  N2     N N N 165 
G  N3     N N N 166 
G  C4     C Y N 167 
G  HOP3   H N N 168 
G  HOP2   H N N 169 
G  "H5'"  H N N 170 
G  "H5''" H N N 171 
G  "H4'"  H N N 172 
G  "H3'"  H N N 173 
G  "HO3'" H N N 174 
G  "H2'"  H N N 175 
G  "HO2'" H N N 176 
G  "H1'"  H N N 177 
G  H8     H N N 178 
G  H1     H N N 179 
G  H21    H N N 180 
G  H22    H N N 181 
# 
loop_
_chem_comp_bond.comp_id 
_chem_comp_bond.atom_id_1 
_chem_comp_bond.atom_id_2 
_chem_comp_bond.value_order 
_chem_comp_bond.pdbx_aromatic_flag 
_chem_comp_bond.pdbx_stereo_config 
_chem_comp_bond.pdbx_ordinal 
DA OP3   P      sing N N 1   
DA OP3   HOP3   sing N N 2   
DA P     OP1    doub N N 3   
DA P     OP2    sing N N 4   
DA P     "O5'"  sing N N 5   
DA OP2   HOP2   sing N N 6   
DA "O5'" "C5'"  sing N N 7   
DA "C5'" "C4'"  sing N N 8   
DA "C5'" "H5'"  sing N N 9   
DA "C5'" "H5''" sing N N 10  
DA "C4'" "O4'"  sing N N 11  
DA "C4'" "C3'"  sing N N 12  
DA "C4'" "H4'"  sing N N 13  
DA "O4'" "C1'"  sing N N 14  
DA "C3'" "O3'"  sing N N 15  
DA "C3'" "C2'"  sing N N 16  
DA "C3'" "H3'"  sing N N 17  
DA "O3'" "HO3'" sing N N 18  
DA "C2'" "C1'"  sing N N 19  
DA "C2'" "H2'"  sing N N 20  
DA "C2'" "H2''" sing N N 21  
DA "C1'" N9     sing N N 22  
DA "C1'" "H1'"  sing N N 23  
DA N9    C8     sing Y N 24  
DA N9    C4     sing Y N 25  
DA C8    N7     doub Y N 26  
DA C8    H8     sing N N 27  
DA N7    C5     sing Y N 28  
DA C5    C6     sing Y N 29  
DA C5    C4     doub Y N 30  
DA C6    N6     sing N N 31  
DA C6    N1     doub Y N 32  
DA N6    H61    sing N N 33  
DA N6    H62    sing N N 34  
DA N1    C2     sing Y N 35  
DA C2    N3     doub Y N 36  
DA C2    H2     sing N N 37  
DA N3    C4     sing Y N 38  
DC OP3   P      sing N N 39  
DC OP3   HOP3   sing N N 40  
DC P     OP1    doub N N 41  
DC P     OP2    sing N N 42  
DC P     "O5'"  sing N N 43  
DC OP2   HOP2   sing N N 44  
DC "O5'" "C5'"  sing N N 45  
DC "C5'" "C4'"  sing N N 46  
DC "C5'" "H5'"  sing N N 47  
DC "C5'" "H5''" sing N N 48  
DC "C4'" "O4'"  sing N N 49  
DC "C4'" "C3'"  sing N N 50  
DC "C4'" "H4'"  sing N N 51  
DC "O4'" "C1'"  sing N N 52  
DC "C3'" "O3'"  sing N N 53  
DC "C3'" "C2'"  sing N N 54  
DC "C3'" "H3'"  sing N N 55  
DC "O3'" "HO3'" sing N N 56  
DC "C2'" "C1'"  sing N N 57  
DC "C2'" "H2'"  sing N N 58  
DC "C2'" "H2''" sing N N 59  
DC "C1'" N1     sing N N 60  
DC "C1'" "H1'"  sing N N 61  
DC N1    C2     sing N N 62  
DC N1    C6     sing N N 63  
DC C2    O2     doub N N 64  
DC C2    N3     sing N N 65  
DC N3    C4     doub N N 66  
DC C4    N4     sing N N 67  
DC C4    C5     sing N N 68  
DC N4    H41    sing N N 69  
DC N4    H42    sing N N 70  
DC C5    C6     doub N N 71  
DC C5    H5     sing N N 72  
DC C6    H6     sing N N 73  
DG OP3   P      sing N N 74  
DG OP3   HOP3   sing N N 75  
DG P     OP1    doub N N 76  
DG P     OP2    sing N N 77  
DG P     "O5'"  sing N N 78  
DG OP2   HOP2   sing N N 79  
DG "O5'" "C5'"  sing N N 80  
DG "C5'" "C4'"  sing N N 81  
DG "C5'" "H5'"  sing N N 82  
DG "C5'" "H5''" sing N N 83  
DG "C4'" "O4'"  sing N N 84  
DG "C4'" "C3'"  sing N N 85  
DG "C4'" "H4'"  sing N N 86  
DG "O4'" "C1'"  sing N N 87  
DG "C3'" "O3'"  sing N N 88  
DG "C3'" "C2'"  sing N N 89  
DG "C3'" "H3'"  sing N N 90  
DG "O3'" "HO3'" sing N N 91  
DG "C2'" "C1'"  sing N N 92  
DG "C2'" "H2'"  sing N N 93  
DG "C2'" "H2''" sing N N 94  
DG "C1'" N9     sing N N 95  
DG "C1'" "H1'"  sing N N 96  
DG N9    C8     sing Y N 97  
DG N9    C4     sing Y N 98  
DG C8    N7     doub Y N 99  
DG C8    H8     sing N N 100 
DG N7    C5     sing Y N 101 
DG C5    C6     sing N N 102 
DG C5    C4     doub Y N 103 
DG C6    O6     doub N N 104 
DG C6    N1     sing N N 105 
DG N1    C2     sing N N 106 
DG N1    H1     sing N N 107 
DG C2    N2     sing N N 108 
DG C2    N3     doub N N 109 
DG N2    H21    sing N N 110 
DG N2    H22    sing N N 111 
DG N3    C4     sing N N 112 
DT OP3   P      sing N N 113 
DT OP3   HOP3   sing N N 114 
DT P     OP1    doub N N 115 
DT P     OP2    sing N N 116 
DT P     "O5'"  sing N N 117 
DT OP2   HOP2   sing N N 118 
DT "O5'" "C5'"  sing N N 119 
DT "C5'" "C4'"  sing N N 120 
DT "C5'" "H5'"  sing N N 121 
DT "C5'" "H5''" sing N N 122 
DT "C4'" "O4'"  sing N N 123 
DT "C4'" "C3'"  sing N N 124 
DT "C4'" "H4'"  sing N N 125 
DT "O4'" "C1'"  sing N N 126 
DT "C3'" "O3'"  sing N N 127 
DT "C3'" "C2'"  sing N N 128 
DT "C3'" "H3'"  sing N N 129 
DT "O3'" "HO3'" sing N N 130 
DT "C2'" "C1'"  sing N N 131 
DT "C2'" "H2'"  sing N N 132 
DT "C2'" "H2''" sing N N 133 
DT "C1'" N1     sing N N 134 
DT "C1'" "H1'"  sing N N 135 
DT N1    C2     sing N N 136 
DT N1    C6     sing N N 137 
DT C2    O2     doub N N 138 
DT C2    N3     sing N N 139 
DT N3    C4     sing N N 140 
DT N3    H3     sing N N 141 
DT C4    O4     doub N N 142 
DT C4    C5     sing N N 143 
DT C5    C7     sing N N 144 
DT C5    C6     doub N N 145 
DT C7    H71    sing N N 146 
DT C7    H72    sing N N 147 
DT C7    H73    sing N N 148 
DT C6    H6     sing N N 149 
G  OP3   P      sing N N 150 
G  OP3   HOP3   sing N N 151 
G  P     OP1    doub N N 152 
G  P     OP2    sing N N 153 
G  P     "O5'"  sing N N 154 
G  OP2   HOP2   sing N N 155 
G  "O5'" "C5'"  sing N N 156 
G  "C5'" "C4'"  sing N N 157 
G  "C5'" "H5'"  sing N N 158 
G  "C5'" "H5''" sing N N 159 
G  "C4'" "O4'"  sing N N 160 
G  "C4'" "C3'"  sing N N 161 
G  "C4'" "H4'"  sing N N 162 
G  "O4'" "C1'"  sing N N 163 
G  "C3'" "O3'"  sing N N 164 
G  "C3'" "C2'"  sing N N 165 
G  "C3'" "H3'"  sing N N 166 
G  "O3'" "HO3'" sing N N 167 
G  "C2'" "O2'"  sing N N 168 
G  "C2'" "C1'"  sing N N 169 
G  "C2'" "H2'"  sing N N 170 
G  "O2'" "HO2'" sing N N 171 
G  "C1'" N9     sing N N 172 
G  "C1'" "H1'"  sing N N 173 
G  N9    C8     sing Y N 174 
G  N9    C4     sing Y N 175 
G  C8    N7     doub Y N 176 
G  C8    H8     sing N N 177 
G  N7    C5     sing Y N 178 
G  C5    C6     sing N N 179 
G  C5    C4     doub Y N 180 
G  C6    O6     doub N N 181 
G  C6    N1     sing N N 182 
G  N1    C2     sing N N 183 
G  N1    H1     sing N N 184 
G  C2    N2     sing N N 185 
G  C2    N3     doub N N 186 
G  N2    H21    sing N N 187 
G  N2    H22    sing N N 188 
G  N3    C4     sing N N 189 
# 
loop_
_ndb_struct_conf_na.entry_id 
_ndb_struct_conf_na.feature 
5KIF 'double helix'        
5KIF 'b-form double helix' 
# 
loop_
_ndb_struct_na_base_pair.model_number 
_ndb_struct_na_base_pair.i_label_asym_id 
_ndb_struct_na_base_pair.i_label_comp_id 
_ndb_struct_na_base_pair.i_label_seq_id 
_ndb_struct_na_base_pair.i_symmetry 
_ndb_struct_na_base_pair.j_label_asym_id 
_ndb_struct_na_base_pair.j_label_comp_id 
_ndb_struct_na_base_pair.j_label_seq_id 
_ndb_struct_na_base_pair.j_symmetry 
_ndb_struct_na_base_pair.shear 
_ndb_struct_na_base_pair.stretch 
_ndb_struct_na_base_pair.stagger 
_ndb_struct_na_base_pair.buckle 
_ndb_struct_na_base_pair.propeller 
_ndb_struct_na_base_pair.opening 
_ndb_struct_na_base_pair.pair_number 
_ndb_struct_na_base_pair.pair_name 
_ndb_struct_na_base_pair.i_auth_asym_id 
_ndb_struct_na_base_pair.i_auth_seq_id 
_ndb_struct_na_base_pair.i_PDB_ins_code 
_ndb_struct_na_base_pair.j_auth_asym_id 
_ndb_struct_na_base_pair.j_auth_seq_id 
_ndb_struct_na_base_pair.j_PDB_ins_code 
_ndb_struct_na_base_pair.hbond_type_28 
_ndb_struct_na_base_pair.hbond_type_12 
1 A DA 1 1_555 B DT 9 1_555 -0.160 -0.020 0.162  14.223  -12.887 4.156  1 A_DA1:DT18_B A 1 ? B 18 ? 20 1 
1 A DT 2 1_555 B DA 8 1_555 -0.332 -0.034 -0.209 15.261  -19.519 0.465  2 A_DT2:DA17_B A 2 ? B 17 ? 20 1 
1 A DC 3 1_555 B DG 7 1_555 0.227  -0.123 0.003  5.613   -25.630 -0.877 3 A_DC3:DG16_B A 3 ? B 16 ? 19 1 
1 A DC 4 1_555 B DG 6 1_555 0.214  -0.091 -0.070 -6.656  -0.669  -0.114 4 A_DC4:DG15_B A 4 ? B 15 ? 19 1 
1 A G  5 1_555 B DC 5 1_555 -0.164 -0.125 0.216  1.479   -3.236  -1.411 5 A_G5:DC14_B  A 5 ? B 14 ? 19 1 
1 A DG 6 1_555 B DC 4 1_555 0.184  -0.047 0.077  -9.293  -27.346 -3.533 6 A_DG6:DC13_B A 6 ? B 13 ? 19 1 
1 A DT 7 1_555 B DA 3 1_555 -0.098 -0.051 0.330  -11.617 -21.129 0.230  7 A_DT7:DA12_B A 7 ? B 12 ? 20 1 
1 A DA 8 1_555 B DT 2 1_555 0.111  0.059  0.165  -3.250  -25.854 -0.722 8 A_DA8:DT11_B A 8 ? B 11 ? 20 1 
1 A DG 9 1_555 B DC 1 1_555 -0.174 -0.168 -0.047 -9.036  -15.628 -3.752 9 A_DG9:DC10_B A 9 ? B 10 ? 19 1 
# 
loop_
_ndb_struct_na_base_pair_step.model_number 
_ndb_struct_na_base_pair_step.i_label_asym_id_1 
_ndb_struct_na_base_pair_step.i_label_comp_id_1 
_ndb_struct_na_base_pair_step.i_label_seq_id_1 
_ndb_struct_na_base_pair_step.i_symmetry_1 
_ndb_struct_na_base_pair_step.j_label_asym_id_1 
_ndb_struct_na_base_pair_step.j_label_comp_id_1 
_ndb_struct_na_base_pair_step.j_label_seq_id_1 
_ndb_struct_na_base_pair_step.j_symmetry_1 
_ndb_struct_na_base_pair_step.i_label_asym_id_2 
_ndb_struct_na_base_pair_step.i_label_comp_id_2 
_ndb_struct_na_base_pair_step.i_label_seq_id_2 
_ndb_struct_na_base_pair_step.i_symmetry_2 
_ndb_struct_na_base_pair_step.j_label_asym_id_2 
_ndb_struct_na_base_pair_step.j_label_comp_id_2 
_ndb_struct_na_base_pair_step.j_label_seq_id_2 
_ndb_struct_na_base_pair_step.j_symmetry_2 
_ndb_struct_na_base_pair_step.shift 
_ndb_struct_na_base_pair_step.slide 
_ndb_struct_na_base_pair_step.rise 
_ndb_struct_na_base_pair_step.tilt 
_ndb_struct_na_base_pair_step.roll 
_ndb_struct_na_base_pair_step.twist 
_ndb_struct_na_base_pair_step.x_displacement 
_ndb_struct_na_base_pair_step.y_displacement 
_ndb_struct_na_base_pair_step.helical_rise 
_ndb_struct_na_base_pair_step.inclination 
_ndb_struct_na_base_pair_step.tip 
_ndb_struct_na_base_pair_step.helical_twist 
_ndb_struct_na_base_pair_step.step_number 
_ndb_struct_na_base_pair_step.step_name 
_ndb_struct_na_base_pair_step.i_auth_asym_id_1 
_ndb_struct_na_base_pair_step.i_auth_seq_id_1 
_ndb_struct_na_base_pair_step.i_PDB_ins_code_1 
_ndb_struct_na_base_pair_step.j_auth_asym_id_1 
_ndb_struct_na_base_pair_step.j_auth_seq_id_1 
_ndb_struct_na_base_pair_step.j_PDB_ins_code_1 
_ndb_struct_na_base_pair_step.i_auth_asym_id_2 
_ndb_struct_na_base_pair_step.i_auth_seq_id_2 
_ndb_struct_na_base_pair_step.i_PDB_ins_code_2 
_ndb_struct_na_base_pair_step.j_auth_asym_id_2 
_ndb_struct_na_base_pair_step.j_auth_seq_id_2 
_ndb_struct_na_base_pair_step.j_PDB_ins_code_2 
1 A DA 1 1_555 B DT 9 1_555 A DT 2 1_555 B DA 8 1_555 -0.034 -0.649 3.348 1.727  -5.071 32.230 -0.241 0.372  3.401 -9.056 -3.084  
32.660 1 AA_DA1DT2:DA17DT18_BB A 1 ? B 18 ? A 2 ? B 17 ? 
1 A DT 2 1_555 B DA 8 1_555 A DC 3 1_555 B DG 7 1_555 0.388  -0.512 3.480 -0.843 0.147  40.633 -0.755 -0.658 3.470 0.211  1.213   
40.641 2 AA_DT2DC3:DG16DA17_BB A 2 ? B 17 ? A 3 ? B 16 ? 
1 A DC 3 1_555 B DG 7 1_555 A DC 4 1_555 B DG 6 1_555 -0.786 -1.297 3.615 -3.815 6.590  31.365 -3.600 0.682  3.351 11.970 6.930   
32.253 3 AA_DC3DC4:DG15DG16_BB A 3 ? B 16 ? A 4 ? B 15 ? 
1 A DC 4 1_555 B DG 6 1_555 A G  5 1_555 B DC 5 1_555 1.041  -0.572 3.041 0.024  6.126  28.833 -2.317 -2.042 2.862 12.129 -0.047  
29.463 4 AA_DC4G5:DC14DG15_BB  A 4 ? B 15 ? A 5 ? B 14 ? 
1 A G  5 1_555 B DC 5 1_555 A DG 6 1_555 B DC 4 1_555 -1.675 0.473  3.622 -3.752 4.037  39.166 0.160  1.975  3.789 5.985  5.563   
39.537 5 AA_G5DG6:DC13DC14_BB  A 5 ? B 14 ? A 6 ? B 13 ? 
1 A DG 6 1_555 B DC 4 1_555 A DT 7 1_555 B DA 3 1_555 0.959  -0.742 3.274 5.499  4.338  34.864 -1.855 -0.759 3.270 7.151  -9.064  
35.539 6 AA_DG6DT7:DA12DC13_BB A 6 ? B 13 ? A 7 ? B 12 ? 
1 A DT 7 1_555 B DA 3 1_555 A DA 8 1_555 B DT 2 1_555 0.106  -0.415 3.201 5.691  7.999  29.759 -2.231 0.844  2.962 15.067 -10.720 
31.301 7 AA_DT7DA8:DT11DA12_BB A 7 ? B 12 ? A 8 ? B 11 ? 
1 A DA 8 1_555 B DT 2 1_555 A DG 9 1_555 B DC 1 1_555 0.704  -1.050 3.693 -0.193 6.180  33.270 -2.903 -1.244 3.444 10.679 0.334   
33.824 8 AA_DA8DG9:DC10DT11_BB A 8 ? B 11 ? A 9 ? B 10 ? 
# 
loop_
_pdbx_nmr_spectrometer.spectrometer_id 
_pdbx_nmr_spectrometer.model 
_pdbx_nmr_spectrometer.type 
_pdbx_nmr_spectrometer.manufacturer 
_pdbx_nmr_spectrometer.field_strength 
_pdbx_nmr_spectrometer.details 
1 AVANCE       ? Bruker 600 ? 
2 'AVANCE III' ? Bruker 850 ? 
# 
_atom_sites.entry_id                    5KIF 
_atom_sites.fract_transf_matrix[1][1]   1.000000 
_atom_sites.fract_transf_matrix[1][2]   0.000000 
_atom_sites.fract_transf_matrix[1][3]   0.000000 
_atom_sites.fract_transf_matrix[2][1]   0.000000 
_atom_sites.fract_transf_matrix[2][2]   1.000000 
_atom_sites.fract_transf_matrix[2][3]   0.000000 
_atom_sites.fract_transf_matrix[3][1]   0.000000 
_atom_sites.fract_transf_matrix[3][2]   0.000000 
_atom_sites.fract_transf_matrix[3][3]   1.000000 
_atom_sites.fract_transf_vector[1]      0.00000 
_atom_sites.fract_transf_vector[2]      0.00000 
_atom_sites.fract_transf_vector[3]      0.00000 
# 
loop_
_atom_type.symbol 
C 
H 
N 
O 
P 
# 
loop_
_atom_site.group_PDB 
_atom_site.id 
_atom_site.type_symbol 
_atom_site.label_atom_id 
_atom_site.label_alt_id 
_atom_site.label_comp_id 
_atom_site.label_asym_id 
_atom_site.label_entity_id 
_atom_site.label_seq_id 
_atom_site.pdbx_PDB_ins_code 
_atom_site.Cartn_x 
_atom_site.Cartn_y 
_atom_site.Cartn_z 
_atom_site.occupancy 
_atom_site.B_iso_or_equiv 
_atom_site.pdbx_formal_charge 
_atom_site.auth_seq_id 
_atom_site.auth_comp_id 
_atom_site.auth_asym_id 
_atom_site.auth_atom_id 
_atom_site.pdbx_PDB_model_num 
ATOM 1    O "O5'"  . DA A 1 1 ? 2.557   -13.877 -8.360  1.00 0.00 ? 1  DA A "O5'"  1 
ATOM 2    C "C5'"  . DA A 1 1 ? 2.839   -15.006 -7.613  1.00 0.00 ? 1  DA A "C5'"  1 
ATOM 3    C "C4'"  . DA A 1 1 ? 2.878   -14.919 -6.097  1.00 0.00 ? 1  DA A "C4'"  1 
ATOM 4    O "O4'"  . DA A 1 1 ? 4.000   -14.107 -5.686  1.00 0.00 ? 1  DA A "O4'"  1 
ATOM 5    C "C3'"  . DA A 1 1 ? 1.639   -14.270 -5.476  1.00 0.00 ? 1  DA A "C3'"  1 
ATOM 6    O "O3'"  . DA A 1 1 ? 1.382   -14.896 -4.260  1.00 0.00 ? 1  DA A "O3'"  1 
ATOM 7    C "C2'"  . DA A 1 1 ? 2.039   -12.829 -5.388  1.00 0.00 ? 1  DA A "C2'"  1 
ATOM 8    C "C1'"  . DA A 1 1 ? 3.545   -12.844 -5.217  1.00 0.00 ? 1  DA A "C1'"  1 
ATOM 9    N N9     . DA A 1 1 ? 4.285   -11.720 -5.832  1.00 0.00 ? 1  DA A N9     1 
ATOM 10   C C8     . DA A 1 1 ? 4.034   -11.094 -7.016  1.00 0.00 ? 1  DA A C8     1 
ATOM 11   N N7     . DA A 1 1 ? 4.896   -10.176 -7.330  1.00 0.00 ? 1  DA A N7     1 
ATOM 12   C C5     . DA A 1 1 ? 5.789   -10.202 -6.260  1.00 0.00 ? 1  DA A C5     1 
ATOM 13   C C6     . DA A 1 1 ? 6.972   -9.521  -5.923  1.00 0.00 ? 1  DA A C6     1 
ATOM 14   N N6     . DA A 1 1 ? 7.539   -8.560  -6.626  1.00 0.00 ? 1  DA A N6     1 
ATOM 15   N N1     . DA A 1 1 ? 7.648   -9.775  -4.818  1.00 0.00 ? 1  DA A N1     1 
ATOM 16   C C2     . DA A 1 1 ? 7.178   -10.727 -4.038  1.00 0.00 ? 1  DA A C2     1 
ATOM 17   N N3     . DA A 1 1 ? 6.089   -11.460 -4.216  1.00 0.00 ? 1  DA A N3     1 
ATOM 18   C C4     . DA A 1 1 ? 5.428   -11.152 -5.353  1.00 0.00 ? 1  DA A C4     1 
ATOM 19   H "H5'"  . DA A 1 1 ? 3.800   -15.350 -7.927  1.00 0.00 ? 1  DA A "H5'"  1 
ATOM 20   H "H5''" . DA A 1 1 ? 2.183   -15.800 -7.860  1.00 0.00 ? 1  DA A "H5''" 1 
ATOM 21   H "H4'"  . DA A 1 1 ? 2.966   -15.921 -5.703  1.00 0.00 ? 1  DA A "H4'"  1 
ATOM 22   H "H3'"  . DA A 1 1 ? 0.786   -14.378 -6.108  1.00 0.00 ? 1  DA A "H3'"  1 
ATOM 23   H "H2'"  . DA A 1 1 ? 1.773   -12.323 -6.290  1.00 0.00 ? 1  DA A "H2'"  1 
ATOM 24   H "H2''" . DA A 1 1 ? 1.568   -12.318 -4.569  1.00 0.00 ? 1  DA A "H2''" 1 
ATOM 25   H "H1'"  . DA A 1 1 ? 3.727   -12.788 -4.153  1.00 0.00 ? 1  DA A "H1'"  1 
ATOM 26   H H8     . DA A 1 1 ? 3.214   -11.337 -7.653  1.00 0.00 ? 1  DA A H8     1 
ATOM 27   H H61    . DA A 1 1 ? 8.333   -8.097  -6.247  1.00 0.00 ? 1  DA A H61    1 
ATOM 28   H H62    . DA A 1 1 ? 7.245   -8.394  -7.569  1.00 0.00 ? 1  DA A H62    1 
ATOM 29   H H2     . DA A 1 1 ? 7.747   -10.893 -3.154  1.00 0.00 ? 1  DA A H2     1 
ATOM 30   H H5T    . DA A 1 1 ? 1.677   -13.871 -8.644  1.00 0.00 ? 1  DA A H5T    1 
ATOM 31   P P      . DT A 1 2 ? 0.254   -14.447 -3.276  1.00 0.00 ? 2  DT A P      1 
ATOM 32   O OP1    . DT A 1 2 ? -0.277  -15.566 -2.483  1.00 0.00 ? 2  DT A OP1    1 
ATOM 33   O OP2    . DT A 1 2 ? -0.717  -13.609 -3.973  1.00 0.00 ? 2  DT A OP2    1 
ATOM 34   O "O5'"  . DT A 1 2 ? 1.074   -13.523 -2.287  1.00 0.00 ? 2  DT A "O5'"  1 
ATOM 35   C "C5'"  . DT A 1 2 ? 2.175   -14.050 -1.541  1.00 0.00 ? 2  DT A "C5'"  1 
ATOM 36   C "C4'"  . DT A 1 2 ? 2.983   -13.034 -0.804  1.00 0.00 ? 2  DT A "C4'"  1 
ATOM 37   O "O4'"  . DT A 1 2 ? 3.599   -12.137 -1.678  1.00 0.00 ? 2  DT A "O4'"  1 
ATOM 38   C "C3'"  . DT A 1 2 ? 2.220   -12.171 0.192   1.00 0.00 ? 2  DT A "C3'"  1 
ATOM 39   O "O3'"  . DT A 1 2 ? 2.636   -12.353 1.544   1.00 0.00 ? 2  DT A "O3'"  1 
ATOM 40   C "C2'"  . DT A 1 2 ? 2.375   -10.782 -0.284  1.00 0.00 ? 2  DT A "C2'"  1 
ATOM 41   C "C1'"  . DT A 1 2 ? 3.627   -10.872 -1.078  1.00 0.00 ? 2  DT A "C1'"  1 
ATOM 42   N N1     . DT A 1 2 ? 3.723   -9.817  -2.105  1.00 0.00 ? 2  DT A N1     1 
ATOM 43   C C2     . DT A 1 2 ? 4.848   -8.984  -2.096  1.00 0.00 ? 2  DT A C2     1 
ATOM 44   O O2     . DT A 1 2 ? 5.623   -8.948  -1.141  1.00 0.00 ? 2  DT A O2     1 
ATOM 45   N N3     . DT A 1 2 ? 5.012   -8.158  -3.169  1.00 0.00 ? 2  DT A N3     1 
ATOM 46   C C4     . DT A 1 2 ? 4.067   -7.929  -4.145  1.00 0.00 ? 2  DT A C4     1 
ATOM 47   O O4     . DT A 1 2 ? 4.284   -7.156  -5.069  1.00 0.00 ? 2  DT A O4     1 
ATOM 48   C C5     . DT A 1 2 ? 2.844   -8.702  -3.991  1.00 0.00 ? 2  DT A C5     1 
ATOM 49   C C7     . DT A 1 2 ? 1.656   -8.409  -4.883  1.00 0.00 ? 2  DT A C7     1 
ATOM 50   C C6     . DT A 1 2 ? 2.723   -9.646  -3.042  1.00 0.00 ? 2  DT A C6     1 
ATOM 51   H "H5'"  . DT A 1 2 ? 2.835   -14.544 -2.217  1.00 0.00 ? 2  DT A "H5'"  1 
ATOM 52   H "H5''" . DT A 1 2 ? 1.867   -14.803 -0.859  1.00 0.00 ? 2  DT A "H5''" 1 
ATOM 53   H "H4'"  . DT A 1 2 ? 3.771   -13.546 -0.261  1.00 0.00 ? 2  DT A "H4'"  1 
ATOM 54   H "H3'"  . DT A 1 2 ? 1.199   -12.452 0.210   1.00 0.00 ? 2  DT A "H3'"  1 
ATOM 55   H "H2'"  . DT A 1 2 ? 1.559   -10.556 -0.903  1.00 0.00 ? 2  DT A "H2'"  1 
ATOM 56   H "H2''" . DT A 1 2 ? 2.491   -10.130 0.528   1.00 0.00 ? 2  DT A "H2''" 1 
ATOM 57   H "H1'"  . DT A 1 2 ? 4.463   -10.845 -0.430  1.00 0.00 ? 2  DT A "H1'"  1 
ATOM 58   H H3     . DT A 1 2 ? 5.813   -7.552  -3.189  1.00 0.00 ? 2  DT A H3     1 
ATOM 59   H H71    . DT A 1 2 ? 1.479   -7.372  -4.844  1.00 0.00 ? 2  DT A H71    1 
ATOM 60   H H72    . DT A 1 2 ? 1.925   -8.647  -5.881  1.00 0.00 ? 2  DT A H72    1 
ATOM 61   H H73    . DT A 1 2 ? 0.771   -8.879  -4.569  1.00 0.00 ? 2  DT A H73    1 
ATOM 62   H H6     . DT A 1 2 ? 1.849   -10.266 -2.927  1.00 0.00 ? 2  DT A H6     1 
ATOM 63   P P      . DC A 1 3 ? 2.006   -11.632 2.797   1.00 0.00 ? 3  DC A P      1 
ATOM 64   O OP1    . DC A 1 3 ? 2.253   -12.500 3.944   1.00 0.00 ? 3  DC A OP1    1 
ATOM 65   O OP2    . DC A 1 3 ? 0.642   -11.199 2.542   1.00 0.00 ? 3  DC A OP2    1 
ATOM 66   O "O5'"  . DC A 1 3 ? 2.902   -10.315 2.976   1.00 0.00 ? 3  DC A "O5'"  1 
ATOM 67   C "C5'"  . DC A 1 3 ? 4.269   -10.385 3.342   1.00 0.00 ? 3  DC A "C5'"  1 
ATOM 68   C "C4'"  . DC A 1 3 ? 5.000   -9.079  3.268   1.00 0.00 ? 3  DC A "C4'"  1 
ATOM 69   O "O4'"  . DC A 1 3 ? 4.920   -8.579  1.931   1.00 0.00 ? 3  DC A "O4'"  1 
ATOM 70   C "C3'"  . DC A 1 3 ? 4.537   -7.952  4.242   1.00 0.00 ? 3  DC A "C3'"  1 
ATOM 71   O "O3'"  . DC A 1 3 ? 5.692   -7.402  4.834   1.00 0.00 ? 3  DC A "O3'"  1 
ATOM 72   C "C2'"  . DC A 1 3 ? 3.832   -7.024  3.249   1.00 0.00 ? 3  DC A "C2'"  1 
ATOM 73   C "C1'"  . DC A 1 3 ? 4.638   -7.204  1.969   1.00 0.00 ? 3  DC A "C1'"  1 
ATOM 74   N N1     . DC A 1 3 ? 3.978   -6.762  0.712   1.00 0.00 ? 3  DC A N1     1 
ATOM 75   C C2     . DC A 1 3 ? 4.605   -5.767  -0.057  1.00 0.00 ? 3  DC A C2     1 
ATOM 76   O O2     . DC A 1 3 ? 5.656   -5.223  0.271   1.00 0.00 ? 3  DC A O2     1 
ATOM 77   N N3     . DC A 1 3 ? 4.029   -5.352  -1.195  1.00 0.00 ? 3  DC A N3     1 
ATOM 78   C C4     . DC A 1 3 ? 2.833   -5.762  -1.490  1.00 0.00 ? 3  DC A C4     1 
ATOM 79   N N4     . DC A 1 3 ? 2.285   -5.286  -2.569  1.00 0.00 ? 3  DC A N4     1 
ATOM 80   C C5     . DC A 1 3 ? 2.136   -6.709  -0.717  1.00 0.00 ? 3  DC A C5     1 
ATOM 81   C C6     . DC A 1 3 ? 2.734   -7.201  0.364   1.00 0.00 ? 3  DC A C6     1 
ATOM 82   H "H5'"  . DC A 1 3 ? 4.787   -11.104 2.761   1.00 0.00 ? 3  DC A "H5'"  1 
ATOM 83   H "H5''" . DC A 1 3 ? 4.364   -10.756 4.339   1.00 0.00 ? 3  DC A "H5''" 1 
ATOM 84   H "H4'"  . DC A 1 3 ? 6.039   -9.333  3.463   1.00 0.00 ? 3  DC A "H4'"  1 
ATOM 85   H "H3'"  . DC A 1 3 ? 3.862   -8.303  5.011   1.00 0.00 ? 3  DC A "H3'"  1 
ATOM 86   H "H2'"  . DC A 1 3 ? 2.793   -7.299  3.121   1.00 0.00 ? 3  DC A "H2'"  1 
ATOM 87   H "H2''" . DC A 1 3 ? 3.880   -6.016  3.625   1.00 0.00 ? 3  DC A "H2''" 1 
ATOM 88   H "H1'"  . DC A 1 3 ? 5.565   -6.658  2.093   1.00 0.00 ? 3  DC A "H1'"  1 
ATOM 89   H H41    . DC A 1 3 ? 2.816   -4.685  -3.160  1.00 0.00 ? 3  DC A H41    1 
ATOM 90   H H42    . DC A 1 3 ? 1.381   -5.587  -2.858  1.00 0.00 ? 3  DC A H42    1 
ATOM 91   H H5     . DC A 1 3 ? 1.135   -7.004  -0.957  1.00 0.00 ? 3  DC A H5     1 
ATOM 92   H H6     . DC A 1 3 ? 2.241   -7.884  1.029   1.00 0.00 ? 3  DC A H6     1 
ATOM 93   P P      . DC A 1 4 ? 5.639   -6.343  6.057   1.00 0.00 ? 4  DC A P      1 
ATOM 94   O OP1    . DC A 1 4 ? 6.778   -6.573  6.973   1.00 0.00 ? 4  DC A OP1    1 
ATOM 95   O OP2    . DC A 1 4 ? 4.291   -6.372  6.637   1.00 0.00 ? 4  DC A OP2    1 
ATOM 96   O "O5'"  . DC A 1 4 ? 5.804   -4.900  5.383   1.00 0.00 ? 4  DC A "O5'"  1 
ATOM 97   C "C5'"  . DC A 1 4 ? 7.078   -4.405  4.983   1.00 0.00 ? 4  DC A "C5'"  1 
ATOM 98   C "C4'"  . DC A 1 4 ? 7.117   -2.982  4.475   1.00 0.00 ? 4  DC A "C4'"  1 
ATOM 99   O "O4'"  . DC A 1 4 ? 6.540   -2.885  3.194   1.00 0.00 ? 4  DC A "O4'"  1 
ATOM 100  C "C3'"  . DC A 1 4 ? 6.392   -1.998  5.416   1.00 0.00 ? 4  DC A "C3'"  1 
ATOM 101  O "O3'"  . DC A 1 4 ? 7.177   -0.855  5.722   1.00 0.00 ? 4  DC A "O3'"  1 
ATOM 102  C "C2'"  . DC A 1 4 ? 5.169   -1.643  4.604   1.00 0.00 ? 4  DC A "C2'"  1 
ATOM 103  C "C1'"  . DC A 1 4 ? 5.640   -1.803  3.194   1.00 0.00 ? 4  DC A "C1'"  1 
ATOM 104  N N1     . DC A 1 4 ? 4.561   -2.070  2.217   1.00 0.00 ? 4  DC A N1     1 
ATOM 105  C C2     . DC A 1 4 ? 4.403   -1.187  1.154   1.00 0.00 ? 4  DC A C2     1 
ATOM 106  O O2     . DC A 1 4 ? 5.040   -0.148  1.106   1.00 0.00 ? 4  DC A O2     1 
ATOM 107  N N3     . DC A 1 4 ? 3.532   -1.426  0.140   1.00 0.00 ? 4  DC A N3     1 
ATOM 108  C C4     . DC A 1 4 ? 2.806   -2.509  0.230   1.00 0.00 ? 4  DC A C4     1 
ATOM 109  N N4     . DC A 1 4 ? 1.996   -2.701  -0.775  1.00 0.00 ? 4  DC A N4     1 
ATOM 110  C C5     . DC A 1 4 ? 2.822   -3.388  1.348   1.00 0.00 ? 4  DC A C5     1 
ATOM 111  C C6     . DC A 1 4 ? 3.695   -3.136  2.326   1.00 0.00 ? 4  DC A C6     1 
ATOM 112  H "H5'"  . DC A 1 4 ? 7.459   -5.035  4.209   1.00 0.00 ? 4  DC A "H5'"  1 
ATOM 113  H "H5''" . DC A 1 4 ? 7.733   -4.499  5.834   1.00 0.00 ? 4  DC A "H5''" 1 
ATOM 114  H "H4'"  . DC A 1 4 ? 8.162   -2.691  4.460   1.00 0.00 ? 4  DC A "H4'"  1 
ATOM 115  H "H3'"  . DC A 1 4 ? 6.114   -2.532  6.306   1.00 0.00 ? 4  DC A "H3'"  1 
ATOM 116  H "H2'"  . DC A 1 4 ? 4.412   -2.369  4.794   1.00 0.00 ? 4  DC A "H2'"  1 
ATOM 117  H "H2''" . DC A 1 4 ? 4.850   -0.645  4.820   1.00 0.00 ? 4  DC A "H2''" 1 
ATOM 118  H "H1'"  . DC A 1 4 ? 6.180   -0.904  2.970   1.00 0.00 ? 4  DC A "H1'"  1 
ATOM 119  H H41    . DC A 1 4 ? 1.945   -1.995  -1.490  1.00 0.00 ? 4  DC A H41    1 
ATOM 120  H H42    . DC A 1 4 ? 1.360   -3.463  -0.750  1.00 0.00 ? 4  DC A H42    1 
ATOM 121  H H5     . DC A 1 4 ? 2.179   -4.246  1.385   1.00 0.00 ? 4  DC A H5     1 
ATOM 122  H H6     . DC A 1 4 ? 3.760   -3.788  3.177   1.00 0.00 ? 4  DC A H6     1 
ATOM 123  P P      . G  A 1 5 ? 6.807   0.152   6.902   1.00 0.00 ? 5  G  A P      1 
ATOM 124  O OP1    . G  A 1 5 ? 8.025   0.815   7.344   1.00 0.00 ? 5  G  A OP1    1 
ATOM 125  O OP2    . G  A 1 5 ? 5.966   -0.575  7.885   1.00 0.00 ? 5  G  A OP2    1 
ATOM 126  O "O5'"  . G  A 1 5 ? 5.866   1.235   6.213   1.00 0.00 ? 5  G  A "O5'"  1 
ATOM 127  C "C5'"  . G  A 1 5 ? 6.349   2.106   5.248   1.00 0.00 ? 5  G  A "C5'"  1 
ATOM 128  C "C4'"  . G  A 1 5 ? 5.207   2.782   4.487   1.00 0.00 ? 5  G  A "C4'"  1 
ATOM 129  O "O4'"  . G  A 1 5 ? 4.613   1.897   3.545   1.00 0.00 ? 5  G  A "O4'"  1 
ATOM 130  C "C3'"  . G  A 1 5 ? 4.149   3.436   5.347   1.00 0.00 ? 5  G  A "C3'"  1 
ATOM 131  O "O3'"  . G  A 1 5 ? 3.944   4.782   5.016   1.00 0.00 ? 5  G  A "O3'"  1 
ATOM 132  C "C2'"  . G  A 1 5 ? 2.953   2.618   4.924   1.00 0.00 ? 5  G  A "C2'"  1 
ATOM 133  O "O2'"  . G  A 1 5 ? 1.684   3.146   5.208   1.00 0.00 ? 5  G  A "O2'"  1 
ATOM 134  C "C1'"  . G  A 1 5 ? 3.254   2.286   3.427   1.00 0.00 ? 5  G  A "C1'"  1 
ATOM 135  N N9     . G  A 1 5 ? 2.361   1.294   2.828   1.00 0.00 ? 5  G  A N9     1 
ATOM 136  C C8     . G  A 1 5 ? 1.845   0.153   3.354   1.00 0.00 ? 5  G  A C8     1 
ATOM 137  N N7     . G  A 1 5 ? 1.023   -0.471  2.574   1.00 0.00 ? 5  G  A N7     1 
ATOM 138  C C5     . G  A 1 5 ? 0.966   0.337   1.435   1.00 0.00 ? 5  G  A C5     1 
ATOM 139  C C6     . G  A 1 5 ? 0.249   0.233   0.224   1.00 0.00 ? 5  G  A C6     1 
ATOM 140  O O6     . G  A 1 5 ? -0.516  -0.668  -0.159  1.00 0.00 ? 5  G  A O6     1 
ATOM 141  N N1     . G  A 1 5 ? 0.503   1.270   -0.643  1.00 0.00 ? 5  G  A N1     1 
ATOM 142  C C2     . G  A 1 5 ? 1.287   2.339   -0.373  1.00 0.00 ? 5  G  A C2     1 
ATOM 143  N N2     . G  A 1 5 ? 1.457   3.281   -1.295  1.00 0.00 ? 5  G  A N2     1 
ATOM 144  N N3     . G  A 1 5 ? 2.028   2.451   0.714   1.00 0.00 ? 5  G  A N3     1 
ATOM 145  C C4     . G  A 1 5 ? 1.816   1.430   1.586   1.00 0.00 ? 5  G  A C4     1 
ATOM 146  H "H5'"  . G  A 1 5 ? 6.965   1.591   4.526   1.00 0.00 ? 5  G  A "H5'"  1 
ATOM 147  H "H5''" . G  A 1 5 ? 6.925   2.845   5.754   1.00 0.00 ? 5  G  A "H5''" 1 
ATOM 148  H "H4'"  . G  A 1 5 ? 5.670   3.579   3.932   1.00 0.00 ? 5  G  A "H4'"  1 
ATOM 149  H "H3'"  . G  A 1 5 ? 4.323   3.316   6.408   1.00 0.00 ? 5  G  A "H3'"  1 
ATOM 150  H "H2'"  . G  A 1 5 ? 3.031   1.703   5.509   1.00 0.00 ? 5  G  A "H2'"  1 
ATOM 151  H "HO2'" . G  A 1 5 ? 1.655   3.902   4.872   1.00 0.00 ? 5  G  A "HO2'" 1 
ATOM 152  H "H1'"  . G  A 1 5 ? 3.162   3.211   2.868   1.00 0.00 ? 5  G  A "H1'"  1 
ATOM 153  H H8     . G  A 1 5 ? 2.174   -0.181  4.319   1.00 0.00 ? 5  G  A H8     1 
ATOM 154  H H1     . G  A 1 5 ? -0.025  1.243   -1.483  1.00 0.00 ? 5  G  A H1     1 
ATOM 155  H H21    . G  A 1 5 ? 0.959   3.218   -2.160  1.00 0.00 ? 5  G  A H21    1 
ATOM 156  H H22    . G  A 1 5 ? 2.081   4.032   -1.056  1.00 0.00 ? 5  G  A H22    1 
ATOM 157  P P      . DG A 1 6 ? 4.187   5.916   6.082   1.00 0.00 ? 6  DG A P      1 
ATOM 158  O OP1    . DG A 1 6 ? 5.612   6.036   6.218   1.00 0.00 ? 6  DG A OP1    1 
ATOM 159  O OP2    . DG A 1 6 ? 3.351   5.686   7.252   1.00 0.00 ? 6  DG A OP2    1 
ATOM 160  O "O5'"  . DG A 1 6 ? 3.589   7.212   5.332   1.00 0.00 ? 6  DG A "O5'"  1 
ATOM 161  C "C5'"  . DG A 1 6 ? 4.434   8.042   4.527   1.00 0.00 ? 6  DG A "C5'"  1 
ATOM 162  C "C4'"  . DG A 1 6 ? 3.747   8.509   3.237   1.00 0.00 ? 6  DG A "C4'"  1 
ATOM 163  O "O4'"  . DG A 1 6 ? 3.576   7.408   2.396   1.00 0.00 ? 6  DG A "O4'"  1 
ATOM 164  C "C3'"  . DG A 1 6 ? 2.363   9.088   3.469   1.00 0.00 ? 6  DG A "C3'"  1 
ATOM 165  O "O3'"  . DG A 1 6 ? 2.411   10.503  3.622   1.00 0.00 ? 6  DG A "O3'"  1 
ATOM 166  C "C2'"  . DG A 1 6 ? 1.694   8.692   2.173   1.00 0.00 ? 6  DG A "C2'"  1 
ATOM 167  C "C1'"  . DG A 1 6 ? 2.352   7.446   1.726   1.00 0.00 ? 6  DG A "C1'"  1 
ATOM 168  N N9     . DG A 1 6 ? 1.493   6.325   2.121   1.00 0.00 ? 6  DG A N9     1 
ATOM 169  C C8     . DG A 1 6 ? 1.411   5.638   3.288   1.00 0.00 ? 6  DG A C8     1 
ATOM 170  N N7     . DG A 1 6 ? 0.476   4.715   3.340   1.00 0.00 ? 6  DG A N7     1 
ATOM 171  C C5     . DG A 1 6 ? -0.074  4.757   2.054   1.00 0.00 ? 6  DG A C5     1 
ATOM 172  C C6     . DG A 1 6 ? -1.113  4.016   1.419   1.00 0.00 ? 6  DG A C6     1 
ATOM 173  O O6     . DG A 1 6 ? -1.725  3.015   1.855   1.00 0.00 ? 6  DG A O6     1 
ATOM 174  N N1     . DG A 1 6 ? -1.491  4.479   0.204   1.00 0.00 ? 6  DG A N1     1 
ATOM 175  C C2     . DG A 1 6 ? -0.928  5.539   -0.410  1.00 0.00 ? 6  DG A C2     1 
ATOM 176  N N2     . DG A 1 6 ? -1.414  5.929   -1.561  1.00 0.00 ? 6  DG A N2     1 
ATOM 177  N N3     . DG A 1 6 ? 0.109   6.202   0.072   1.00 0.00 ? 6  DG A N3     1 
ATOM 178  C C4     . DG A 1 6 ? 0.533   5.748   1.313   1.00 0.00 ? 6  DG A C4     1 
ATOM 179  H "H5'"  . DG A 1 6 ? 5.343   7.541   4.281   1.00 0.00 ? 6  DG A "H5'"  1 
ATOM 180  H "H5''" . DG A 1 6 ? 4.714   8.866   5.107   1.00 0.00 ? 6  DG A "H5''" 1 
ATOM 181  H "H4'"  . DG A 1 6 ? 4.379   9.235   2.735   1.00 0.00 ? 6  DG A "H4'"  1 
ATOM 182  H "H3'"  . DG A 1 6 ? 1.882   8.578   4.288   1.00 0.00 ? 6  DG A "H3'"  1 
ATOM 183  H "H2'"  . DG A 1 6 ? 0.655   8.535   2.333   1.00 0.00 ? 6  DG A "H2'"  1 
ATOM 184  H "H2''" . DG A 1 6 ? 1.834   9.483   1.469   1.00 0.00 ? 6  DG A "H2''" 1 
ATOM 185  H "H1'"  . DG A 1 6 ? 2.477   7.395   0.655   1.00 0.00 ? 6  DG A "H1'"  1 
ATOM 186  H H8     . DG A 1 6 ? 2.074   5.876   4.094   1.00 0.00 ? 6  DG A H8     1 
ATOM 187  H H1     . DG A 1 6 ? -2.200  3.995   -0.319  1.00 0.00 ? 6  DG A H1     1 
ATOM 188  H H21    . DG A 1 6 ? -2.185  5.423   -1.952  1.00 0.00 ? 6  DG A H21    1 
ATOM 189  H H22    . DG A 1 6 ? -1.044  6.757   -2.000  1.00 0.00 ? 6  DG A H22    1 
ATOM 190  P P      . DT A 1 7 ? 1.163   11.318  4.236   1.00 0.00 ? 7  DT A P      1 
ATOM 191  O OP1    . DT A 1 7 ? 1.494   12.749  4.223   1.00 0.00 ? 7  DT A OP1    1 
ATOM 192  O OP2    . DT A 1 7 ? 0.852   10.680  5.506   1.00 0.00 ? 7  DT A OP2    1 
ATOM 193  O "O5'"  . DT A 1 7 ? -0.101  11.090  3.242   1.00 0.00 ? 7  DT A "O5'"  1 
ATOM 194  C "C5'"  . DT A 1 7 ? -0.155  11.625  1.903   1.00 0.00 ? 7  DT A "C5'"  1 
ATOM 195  C "C4'"  . DT A 1 7 ? -1.291  11.061  1.056   1.00 0.00 ? 7  DT A "C4'"  1 
ATOM 196  O "O4'"  . DT A 1 7 ? -1.218  9.653   0.987   1.00 0.00 ? 7  DT A "O4'"  1 
ATOM 197  C "C3'"  . DT A 1 7 ? -2.682  11.461  1.560   1.00 0.00 ? 7  DT A "C3'"  1 
ATOM 198  O "O3'"  . DT A 1 7 ? -3.201  12.586  0.966   1.00 0.00 ? 7  DT A "O3'"  1 
ATOM 199  C "C2'"  . DT A 1 7 ? -3.398  10.296  1.077   1.00 0.00 ? 7  DT A "C2'"  1 
ATOM 200  C "C1'"  . DT A 1 7 ? -2.484  9.136   0.896   1.00 0.00 ? 7  DT A "C1'"  1 
ATOM 201  N N1     . DT A 1 7 ? -2.744  8.111   1.902   1.00 0.00 ? 7  DT A N1     1 
ATOM 202  C C2     . DT A 1 7 ? -3.612  7.065   1.582   1.00 0.00 ? 7  DT A C2     1 
ATOM 203  O O2     . DT A 1 7 ? -4.230  6.991   0.560   1.00 0.00 ? 7  DT A O2     1 
ATOM 204  N N3     . DT A 1 7 ? -3.741  6.043   2.480   1.00 0.00 ? 7  DT A N3     1 
ATOM 205  C C4     . DT A 1 7 ? -3.157  6.012   3.736   1.00 0.00 ? 7  DT A C4     1 
ATOM 206  O O4     . DT A 1 7 ? -3.382  5.058   4.446   1.00 0.00 ? 7  DT A O4     1 
ATOM 207  C C5     . DT A 1 7 ? -2.353  7.189   4.063   1.00 0.00 ? 7  DT A C5     1 
ATOM 208  C C7     . DT A 1 7 ? -1.719  7.359   5.431   1.00 0.00 ? 7  DT A C7     1 
ATOM 209  C C6     . DT A 1 7 ? -2.168  8.171   3.148   1.00 0.00 ? 7  DT A C6     1 
ATOM 210  H "H5'"  . DT A 1 7 ? 0.788   11.395  1.427   1.00 0.00 ? 7  DT A "H5'"  1 
ATOM 211  H "H5''" . DT A 1 7 ? -0.274  12.689  1.926   1.00 0.00 ? 7  DT A "H5''" 1 
ATOM 212  H "H4'"  . DT A 1 7 ? -1.166  11.450  0.051   1.00 0.00 ? 7  DT A "H4'"  1 
ATOM 213  H "H3'"  . DT A 1 7 ? -2.735  11.514  2.587   1.00 0.00 ? 7  DT A "H3'"  1 
ATOM 214  H "H2'"  . DT A 1 7 ? -4.074  10.077  1.666   1.00 0.00 ? 7  DT A "H2'"  1 
ATOM 215  H "H2''" . DT A 1 7 ? -3.736  10.569  0.252   1.00 0.00 ? 7  DT A "H2''" 1 
ATOM 216  H "H1'"  . DT A 1 7 ? -2.586  8.681   -0.036  1.00 0.00 ? 7  DT A "H1'"  1 
ATOM 217  H H3     . DT A 1 7 ? -4.309  5.267   2.201   1.00 0.00 ? 7  DT A H3     1 
ATOM 218  H H71    . DT A 1 7 ? -1.163  6.503   5.690   1.00 0.00 ? 7  DT A H71    1 
ATOM 219  H H72    . DT A 1 7 ? -1.043  8.175   5.391   1.00 0.00 ? 7  DT A H72    1 
ATOM 220  H H73    . DT A 1 7 ? -2.442  7.533   6.190   1.00 0.00 ? 7  DT A H73    1 
ATOM 221  H H6     . DT A 1 7 ? -1.620  9.054   3.426   1.00 0.00 ? 7  DT A H6     1 
ATOM 222  P P      . DA A 1 8 ? -4.490  13.333  1.474   1.00 0.00 ? 8  DA A P      1 
ATOM 223  O OP1    . DA A 1 8 ? -4.644  14.584  0.712   1.00 0.00 ? 8  DA A OP1    1 
ATOM 224  O OP2    . DA A 1 8 ? -4.410  13.408  2.927   1.00 0.00 ? 8  DA A OP2    1 
ATOM 225  O "O5'"  . DA A 1 8 ? -5.744  12.397  1.189   1.00 0.00 ? 8  DA A "O5'"  1 
ATOM 226  C "C5'"  . DA A 1 8 ? -6.171  12.156  -0.100  1.00 0.00 ? 8  DA A "C5'"  1 
ATOM 227  C "C4'"  . DA A 1 8 ? -7.220  11.055  -0.178  1.00 0.00 ? 8  DA A "C4'"  1 
ATOM 228  O "O4'"  . DA A 1 8 ? -6.818  9.894   0.516   1.00 0.00 ? 8  DA A "O4'"  1 
ATOM 229  C "C3'"  . DA A 1 8 ? -8.581  11.438  0.390   1.00 0.00 ? 8  DA A "C3'"  1 
ATOM 230  O "O3'"  . DA A 1 8 ? -9.604  11.008  -0.490  1.00 0.00 ? 8  DA A "O3'"  1 
ATOM 231  C "C2'"  . DA A 1 8 ? -8.618  10.665  1.689   1.00 0.00 ? 8  DA A "C2'"  1 
ATOM 232  C "C1'"  . DA A 1 8 ? -7.862  9.446   1.296   1.00 0.00 ? 8  DA A "C1'"  1 
ATOM 233  N N9     . DA A 1 8 ? -7.323  8.721   2.453   1.00 0.00 ? 8  DA A N9     1 
ATOM 234  C C8     . DA A 1 8 ? -6.725  9.213   3.554   1.00 0.00 ? 8  DA A C8     1 
ATOM 235  N N7     . DA A 1 8 ? -6.413  8.306   4.468   1.00 0.00 ? 8  DA A N7     1 
ATOM 236  C C5     . DA A 1 8 ? -6.939  7.155   3.944   1.00 0.00 ? 8  DA A C5     1 
ATOM 237  C C6     . DA A 1 8 ? -7.049  5.833   4.406   1.00 0.00 ? 8  DA A C6     1 
ATOM 238  N N6     . DA A 1 8 ? -6.546  5.336   5.505   1.00 0.00 ? 8  DA A N6     1 
ATOM 239  N N1     . DA A 1 8 ? -7.687  4.925   3.667   1.00 0.00 ? 8  DA A N1     1 
ATOM 240  C C2     . DA A 1 8 ? -8.184  5.281   2.519   1.00 0.00 ? 8  DA A C2     1 
ATOM 241  N N3     . DA A 1 8 ? -8.136  6.476   1.949   1.00 0.00 ? 8  DA A N3     1 
ATOM 242  C C4     . DA A 1 8 ? -7.480  7.378   2.736   1.00 0.00 ? 8  DA A C4     1 
ATOM 243  H "H5'"  . DA A 1 8 ? -5.324  11.890  -0.696  1.00 0.00 ? 8  DA A "H5'"  1 
ATOM 244  H "H5''" . DA A 1 8 ? -6.573  13.023  -0.514  1.00 0.00 ? 8  DA A "H5''" 1 
ATOM 245  H "H4'"  . DA A 1 8 ? -7.368  10.811  -1.209  1.00 0.00 ? 8  DA A "H4'"  1 
ATOM 246  H "H3'"  . DA A 1 8 ? -8.697  12.497  0.558   1.00 0.00 ? 8  DA A "H3'"  1 
ATOM 247  H "H2'"  . DA A 1 8 ? -8.088  11.228  2.443   1.00 0.00 ? 8  DA A "H2'"  1 
ATOM 248  H "H2''" . DA A 1 8 ? -9.627  10.438  1.980   1.00 0.00 ? 8  DA A "H2''" 1 
ATOM 249  H "H1'"  . DA A 1 8 ? -8.501  8.795   0.731   1.00 0.00 ? 8  DA A "H1'"  1 
ATOM 250  H H8     . DA A 1 8 ? -6.642  10.251  3.704   1.00 0.00 ? 8  DA A H8     1 
ATOM 251  H H61    . DA A 1 8 ? -6.559  4.332   5.600   1.00 0.00 ? 8  DA A H61    1 
ATOM 252  H H62    . DA A 1 8 ? -6.015  5.919   6.105   1.00 0.00 ? 8  DA A H62    1 
ATOM 253  H H2     . DA A 1 8 ? -8.733  4.562   1.986   1.00 0.00 ? 8  DA A H2     1 
ATOM 254  P P      . DG A 1 9 ? -11.115 11.412  -0.327  1.00 0.00 ? 9  DG A P      1 
ATOM 255  O OP1    . DG A 1 9 ? -11.681 11.361  -1.667  1.00 0.00 ? 9  DG A OP1    1 
ATOM 256  O OP2    . DG A 1 9 ? -11.201 12.636  0.437   1.00 0.00 ? 9  DG A OP2    1 
ATOM 257  O "O5'"  . DG A 1 9 ? -11.690 10.222  0.495   1.00 0.00 ? 9  DG A "O5'"  1 
ATOM 258  C "C5'"  . DG A 1 9 ? -11.788 8.944   -0.056  1.00 0.00 ? 9  DG A "C5'"  1 
ATOM 259  C "C4'"  . DG A 1 9 ? -12.281 7.921   0.965   1.00 0.00 ? 9  DG A "C4'"  1 
ATOM 260  O "O4'"  . DG A 1 9 ? -11.312 7.643   1.938   1.00 0.00 ? 9  DG A "O4'"  1 
ATOM 261  C "C3'"  . DG A 1 9 ? -13.591 8.345   1.661   1.00 0.00 ? 9  DG A "C3'"  1 
ATOM 262  O "O3'"  . DG A 1 9 ? -14.584 7.362   1.620   1.00 0.00 ? 9  DG A "O3'"  1 
ATOM 263  C "C2'"  . DG A 1 9 ? -13.142 8.425   3.129   1.00 0.00 ? 9  DG A "C2'"  1 
ATOM 264  C "C1'"  . DG A 1 9 ? -12.070 7.339   3.100   1.00 0.00 ? 9  DG A "C1'"  1 
ATOM 265  N N9     . DG A 1 9 ? -11.139 7.284   4.253   1.00 0.00 ? 9  DG A N9     1 
ATOM 266  C C8     . DG A 1 9 ? -10.415 8.329   4.755   1.00 0.00 ? 9  DG A C8     1 
ATOM 267  N N7     . DG A 1 9 ? -9.750  8.008   5.836   1.00 0.00 ? 9  DG A N7     1 
ATOM 268  C C5     . DG A 1 9 ? -10.008 6.642   5.974   1.00 0.00 ? 9  DG A C5     1 
ATOM 269  C C6     . DG A 1 9 ? -9.594  5.729   6.981   1.00 0.00 ? 9  DG A C6     1 
ATOM 270  O O6     . DG A 1 9 ? -8.881  5.932   7.943   1.00 0.00 ? 9  DG A O6     1 
ATOM 271  N N1     . DG A 1 9 ? -10.024 4.438   6.772   1.00 0.00 ? 9  DG A N1     1 
ATOM 272  C C2     . DG A 1 9 ? -10.867 4.101   5.791   1.00 0.00 ? 9  DG A C2     1 
ATOM 273  N N2     . DG A 1 9 ? -11.174 2.819   5.734   1.00 0.00 ? 9  DG A N2     1 
ATOM 274  N N3     . DG A 1 9 ? -11.363 4.923   4.874   1.00 0.00 ? 9  DG A N3     1 
ATOM 275  C C4     . DG A 1 9 ? -10.896 6.210   5.050   1.00 0.00 ? 9  DG A C4     1 
ATOM 276  H "H5'"  . DG A 1 9 ? -10.792 8.647   -0.365  1.00 0.00 ? 9  DG A "H5'"  1 
ATOM 277  H "H5''" . DG A 1 9 ? -12.412 8.914   -0.927  1.00 0.00 ? 9  DG A "H5''" 1 
ATOM 278  H "H4'"  . DG A 1 9 ? -12.504 7.012   0.433   1.00 0.00 ? 9  DG A "H4'"  1 
ATOM 279  H "H3'"  . DG A 1 9 ? -13.980 9.254   1.264   1.00 0.00 ? 9  DG A "H3'"  1 
ATOM 280  H "HO3'" . DG A 1 9 ? -14.389 6.742   1.221   1.00 0.00 ? 9  DG A "HO3'" 1 
ATOM 281  H "H2'"  . DG A 1 9 ? -12.655 9.309   3.463   1.00 0.00 ? 9  DG A "H2'"  1 
ATOM 282  H "H2''" . DG A 1 9 ? -13.981 8.291   3.770   1.00 0.00 ? 9  DG A "H2''" 1 
ATOM 283  H "H1'"  . DG A 1 9 ? -12.497 6.362   2.945   1.00 0.00 ? 9  DG A "H1'"  1 
ATOM 284  H H8     . DG A 1 9 ? -10.495 9.320   4.351   1.00 0.00 ? 9  DG A H8     1 
ATOM 285  H H1     . DG A 1 9 ? -9.716  3.780   7.453   1.00 0.00 ? 9  DG A H1     1 
ATOM 286  H H21    . DG A 1 9 ? -10.898 2.203   6.473   1.00 0.00 ? 9  DG A H21    1 
ATOM 287  H H22    . DG A 1 9 ? -11.786 2.554   5.007   1.00 0.00 ? 9  DG A H22    1 
ATOM 288  O "O5'"  . DC B 2 1 ? -6.796  -2.957  11.124  1.00 0.00 ? 10 DC B "O5'"  1 
ATOM 289  C "C5'"  . DC B 2 1 ? -8.004  -3.657  11.248  1.00 0.00 ? 10 DC B "C5'"  1 
ATOM 290  C "C4'"  . DC B 2 1 ? -9.053  -3.188  10.278  1.00 0.00 ? 10 DC B "C4'"  1 
ATOM 291  O "O4'"  . DC B 2 1 ? -9.286  -1.814  10.469  1.00 0.00 ? 10 DC B "O4'"  1 
ATOM 292  C "C3'"  . DC B 2 1 ? -8.676  -3.418  8.829   1.00 0.00 ? 10 DC B "C3'"  1 
ATOM 293  O "O3'"  . DC B 2 1 ? -9.667  -4.097  8.165   1.00 0.00 ? 10 DC B "O3'"  1 
ATOM 294  C "C2'"  . DC B 2 1 ? -8.613  -1.996  8.310   1.00 0.00 ? 10 DC B "C2'"  1 
ATOM 295  C "C1'"  . DC B 2 1 ? -9.403  -1.160  9.244   1.00 0.00 ? 10 DC B "C1'"  1 
ATOM 296  N N1     . DC B 2 1 ? -8.898  0.217   9.326   1.00 0.00 ? 10 DC B N1     1 
ATOM 297  C C2     . DC B 2 1 ? -9.491  1.247   8.593   1.00 0.00 ? 10 DC B C2     1 
ATOM 298  O O2     . DC B 2 1 ? -10.511 1.042   7.919   1.00 0.00 ? 10 DC B O2     1 
ATOM 299  N N3     . DC B 2 1 ? -8.955  2.480   8.594   1.00 0.00 ? 10 DC B N3     1 
ATOM 300  C C4     . DC B 2 1 ? -7.855  2.698   9.255   1.00 0.00 ? 10 DC B C4     1 
ATOM 301  N N4     . DC B 2 1 ? -7.411  3.904   9.251   1.00 0.00 ? 10 DC B N4     1 
ATOM 302  C C5     . DC B 2 1 ? -7.229  1.715   10.043  1.00 0.00 ? 10 DC B C5     1 
ATOM 303  C C6     . DC B 2 1 ? -7.735  0.459   10.033  1.00 0.00 ? 10 DC B C6     1 
ATOM 304  H "H5'"  . DC B 2 1 ? -8.379  -3.534  12.241  1.00 0.00 ? 10 DC B "H5'"  1 
ATOM 305  H "H5''" . DC B 2 1 ? -7.833  -4.688  11.006  1.00 0.00 ? 10 DC B "H5''" 1 
ATOM 306  H "H4'"  . DC B 2 1 ? -9.942  -3.738  10.507  1.00 0.00 ? 10 DC B "H4'"  1 
ATOM 307  H "H3'"  . DC B 2 1 ? -7.763  -3.929  8.723   1.00 0.00 ? 10 DC B "H3'"  1 
ATOM 308  H "H2'"  . DC B 2 1 ? -7.678  -1.682  8.258   1.00 0.00 ? 10 DC B "H2'"  1 
ATOM 309  H "H2''" . DC B 2 1 ? -9.045  -1.997  7.409   1.00 0.00 ? 10 DC B "H2''" 1 
ATOM 310  H "H1'"  . DC B 2 1 ? -10.404 -1.113  8.941   1.00 0.00 ? 10 DC B "H1'"  1 
ATOM 311  H H41    . DC B 2 1 ? -7.895  4.563   8.682   1.00 0.00 ? 10 DC B H41    1 
ATOM 312  H H42    . DC B 2 1 ? -6.521  4.072   9.679   1.00 0.00 ? 10 DC B H42    1 
ATOM 313  H H5     . DC B 2 1 ? -6.361  1.912   10.632  1.00 0.00 ? 10 DC B H5     1 
ATOM 314  H H6     . DC B 2 1 ? -7.265  -0.338  10.577  1.00 0.00 ? 10 DC B H6     1 
ATOM 315  H H5T    . DC B 2 1 ? -6.742  -2.362  11.770  1.00 0.00 ? 10 DC B H5T    1 
ATOM 316  P P      . DT B 2 2 ? -9.419  -4.808  6.799   1.00 0.00 ? 11 DT B P      1 
ATOM 317  O OP1    . DT B 2 2 ? -10.320 -5.931  6.738   1.00 0.00 ? 11 DT B OP1    1 
ATOM 318  O OP2    . DT B 2 2 ? -7.974  -5.048  6.593   1.00 0.00 ? 11 DT B OP2    1 
ATOM 319  O "O5'"  . DT B 2 2 ? -9.920  -3.764  5.719   1.00 0.00 ? 11 DT B "O5'"  1 
ATOM 320  C "C5'"  . DT B 2 2 ? -11.256 -3.454  5.508   1.00 0.00 ? 11 DT B "C5'"  1 
ATOM 321  C "C4'"  . DT B 2 2 ? -11.455 -2.512  4.351   1.00 0.00 ? 11 DT B "C4'"  1 
ATOM 322  O "O4'"  . DT B 2 2 ? -10.901 -1.265  4.642   1.00 0.00 ? 11 DT B "O4'"  1 
ATOM 323  C "C3'"  . DT B 2 2 ? -10.863 -3.033  3.048   1.00 0.00 ? 11 DT B "C3'"  1 
ATOM 324  O "O3'"  . DT B 2 2 ? -11.749 -2.938  1.950   1.00 0.00 ? 11 DT B "O3'"  1 
ATOM 325  C "C2'"  . DT B 2 2 ? -9.667  -2.160  2.895   1.00 0.00 ? 11 DT B "C2'"  1 
ATOM 326  C "C1'"  . DT B 2 2 ? -10.048 -0.875  3.621   1.00 0.00 ? 11 DT B "C1'"  1 
ATOM 327  N N1     . DT B 2 2 ? -8.898  -0.091  4.101   1.00 0.00 ? 11 DT B N1     1 
ATOM 328  C C2     . DT B 2 2 ? -8.823  1.254   3.748   1.00 0.00 ? 11 DT B C2     1 
ATOM 329  O O2     . DT B 2 2 ? -9.551  1.803   2.914   1.00 0.00 ? 11 DT B O2     1 
ATOM 330  N N3     . DT B 2 2 ? -7.871  2.012   4.352   1.00 0.00 ? 11 DT B N3     1 
ATOM 331  C C4     . DT B 2 2 ? -6.933  1.522   5.192   1.00 0.00 ? 11 DT B C4     1 
ATOM 332  O O4     . DT B 2 2 ? -6.171  2.316   5.699   1.00 0.00 ? 11 DT B O4     1 
ATOM 333  C C5     . DT B 2 2 ? -6.968  0.078   5.409   1.00 0.00 ? 11 DT B C5     1 
ATOM 334  C C7     . DT B 2 2 ? -5.884  -0.609  6.189   1.00 0.00 ? 11 DT B C7     1 
ATOM 335  C C6     . DT B 2 2 ? -7.941  -0.667  4.892   1.00 0.00 ? 11 DT B C6     1 
ATOM 336  H "H5'"  . DT B 2 2 ? -11.686 -3.061  6.397   1.00 0.00 ? 11 DT B "H5'"  1 
ATOM 337  H "H5''" . DT B 2 2 ? -11.826 -4.312  5.232   1.00 0.00 ? 11 DT B "H5''" 1 
ATOM 338  H "H4'"  . DT B 2 2 ? -12.507 -2.413  4.256   1.00 0.00 ? 11 DT B "H4'"  1 
ATOM 339  H "H3'"  . DT B 2 2 ? -10.528 -4.036  3.184   1.00 0.00 ? 11 DT B "H3'"  1 
ATOM 340  H "H2'"  . DT B 2 2 ? -8.896  -2.613  3.421   1.00 0.00 ? 11 DT B "H2'"  1 
ATOM 341  H "H2''" . DT B 2 2 ? -9.441  -2.019  1.876   1.00 0.00 ? 11 DT B "H2''" 1 
ATOM 342  H "H1'"  . DT B 2 2 ? -10.605 -0.300  2.934   1.00 0.00 ? 11 DT B "H1'"  1 
ATOM 343  H H3     . DT B 2 2 ? -7.853  2.988   4.117   1.00 0.00 ? 11 DT B H3     1 
ATOM 344  H H71    . DT B 2 2 ? -5.903  -0.244  7.185   1.00 0.00 ? 11 DT B H71    1 
ATOM 345  H H72    . DT B 2 2 ? -5.953  -1.680  6.109   1.00 0.00 ? 11 DT B H72    1 
ATOM 346  H H73    . DT B 2 2 ? -4.961  -0.285  5.822   1.00 0.00 ? 11 DT B H73    1 
ATOM 347  H H6     . DT B 2 2 ? -8.020  -1.719  5.073   1.00 0.00 ? 11 DT B H6     1 
ATOM 348  P P      . DA B 2 3 ? -11.474 -3.713  0.562   1.00 0.00 ? 12 DA B P      1 
ATOM 349  O OP1    . DA B 2 3 ? -12.746 -3.882  -0.128  1.00 0.00 ? 12 DA B OP1    1 
ATOM 350  O OP2    . DA B 2 3 ? -10.678 -4.893  0.899   1.00 0.00 ? 12 DA B OP2    1 
ATOM 351  O "O5'"  . DA B 2 3 ? -10.616 -2.727  -0.300  1.00 0.00 ? 12 DA B "O5'"  1 
ATOM 352  C "C5'"  . DA B 2 3 ? -11.206 -1.572  -0.874  1.00 0.00 ? 12 DA B "C5'"  1 
ATOM 353  C "C4'"  . DA B 2 3 ? -10.178 -0.606  -1.356  1.00 0.00 ? 12 DA B "C4'"  1 
ATOM 354  O "O4'"  . DA B 2 3 ? -9.450  -0.069  -0.283  1.00 0.00 ? 12 DA B "O4'"  1 
ATOM 355  C "C3'"  . DA B 2 3 ? -9.165  -1.138  -2.377  1.00 0.00 ? 12 DA B "C3'"  1 
ATOM 356  O "O3'"  . DA B 2 3 ? -9.374  -0.609  -3.614  1.00 0.00 ? 12 DA B "O3'"  1 
ATOM 357  C "C2'"  . DA B 2 3 ? -7.880  -0.657  -1.774  1.00 0.00 ? 12 DA B "C2'"  1 
ATOM 358  C "C1'"  . DA B 2 3 ? -8.209  0.393   -0.799  1.00 0.00 ? 12 DA B "C1'"  1 
ATOM 359  N N9     . DA B 2 3 ? -7.195  0.567   0.238   1.00 0.00 ? 12 DA B N9     1 
ATOM 360  C C8     . DA B 2 3 ? -6.659  -0.392  1.017   1.00 0.00 ? 12 DA B C8     1 
ATOM 361  N N7     . DA B 2 3 ? -5.787  0.054   1.883   1.00 0.00 ? 12 DA B N7     1 
ATOM 362  C C5     . DA B 2 3 ? -5.746  1.437   1.615   1.00 0.00 ? 12 DA B C5     1 
ATOM 363  C C6     . DA B 2 3 ? -5.141  2.545   2.181   1.00 0.00 ? 12 DA B C6     1 
ATOM 364  N N6     . DA B 2 3 ? -4.391  2.498   3.264   1.00 0.00 ? 12 DA B N6     1 
ATOM 365  N N1     . DA B 2 3 ? -5.281  3.756   1.664   1.00 0.00 ? 12 DA B N1     1 
ATOM 366  C C2     . DA B 2 3 ? -6.062  3.899   0.640   1.00 0.00 ? 12 DA B C2     1 
ATOM 367  N N3     . DA B 2 3 ? -6.780  2.986   0.037   1.00 0.00 ? 12 DA B N3     1 
ATOM 368  C C4     . DA B 2 3 ? -6.575  1.761   0.576   1.00 0.00 ? 12 DA B C4     1 
ATOM 369  H "H5'"  . DA B 2 3 ? -11.849 -1.077  -0.166  1.00 0.00 ? 12 DA B "H5'"  1 
ATOM 370  H "H5''" . DA B 2 3 ? -11.821 -1.845  -1.720  1.00 0.00 ? 12 DA B "H5''" 1 
ATOM 371  H "H4'"  . DA B 2 3 ? -10.703 0.175   -1.886  1.00 0.00 ? 12 DA B "H4'"  1 
ATOM 372  H "H3'"  . DA B 2 3 ? -9.154  -2.190  -2.434  1.00 0.00 ? 12 DA B "H3'"  1 
ATOM 373  H "H2'"  . DA B 2 3 ? -7.394  -1.413  -1.312  1.00 0.00 ? 12 DA B "H2'"  1 
ATOM 374  H "H2''" . DA B 2 3 ? -7.318  -0.250  -2.521  1.00 0.00 ? 12 DA B "H2''" 1 
ATOM 375  H "H1'"  . DA B 2 3 ? -8.347  1.325   -1.304  1.00 0.00 ? 12 DA B "H1'"  1 
ATOM 376  H H8     . DA B 2 3 ? -6.919  -1.417  0.923   1.00 0.00 ? 12 DA B H8     1 
ATOM 377  H H61    . DA B 2 3 ? -3.941  3.351   3.546   1.00 0.00 ? 12 DA B H61    1 
ATOM 378  H H62    . DA B 2 3 ? -4.242  1.618   3.712   1.00 0.00 ? 12 DA B H62    1 
ATOM 379  H H2     . DA B 2 3 ? -6.191  4.883   0.256   1.00 0.00 ? 12 DA B H2     1 
ATOM 380  P P      . DC B 2 4 ? -8.526  -0.975  -4.924  1.00 0.00 ? 13 DC B P      1 
ATOM 381  O OP1    . DC B 2 4 ? -9.421  -1.187  -6.033  1.00 0.00 ? 13 DC B OP1    1 
ATOM 382  O OP2    . DC B 2 4 ? -7.541  -1.984  -4.599  1.00 0.00 ? 13 DC B OP2    1 
ATOM 383  O "O5'"  . DC B 2 4 ? -7.758  0.356   -5.194  1.00 0.00 ? 13 DC B "O5'"  1 
ATOM 384  C "C5'"  . DC B 2 4 ? -8.496  1.554   -5.334  1.00 0.00 ? 13 DC B "C5'"  1 
ATOM 385  C "C4'"  . DC B 2 4 ? -7.691  2.814   -5.458  1.00 0.00 ? 13 DC B "C4'"  1 
ATOM 386  O "O4'"  . DC B 2 4 ? -7.004  3.104   -4.250  1.00 0.00 ? 13 DC B "O4'"  1 
ATOM 387  C "C3'"  . DC B 2 4 ? -6.626  2.737   -6.540  1.00 0.00 ? 13 DC B "C3'"  1 
ATOM 388  O "O3'"  . DC B 2 4 ? -6.665  3.943   -7.310  1.00 0.00 ? 13 DC B "O3'"  1 
ATOM 389  C "C2'"  . DC B 2 4 ? -5.401  2.617   -5.751  1.00 0.00 ? 13 DC B "C2'"  1 
ATOM 390  C "C1'"  . DC B 2 4 ? -5.674  3.328   -4.475  1.00 0.00 ? 13 DC B "C1'"  1 
ATOM 391  N N1     . DC B 2 4 ? -4.913  2.751   -3.339  1.00 0.00 ? 13 DC B N1     1 
ATOM 392  C C2     . DC B 2 4 ? -4.121  3.551   -2.540  1.00 0.00 ? 13 DC B C2     1 
ATOM 393  O O2     . DC B 2 4 ? -3.982  4.740   -2.702  1.00 0.00 ? 13 DC B O2     1 
ATOM 394  N N3     . DC B 2 4 ? -3.455  3.063   -1.472  1.00 0.00 ? 13 DC B N3     1 
ATOM 395  C C4     . DC B 2 4 ? -3.567  1.802   -1.227  1.00 0.00 ? 13 DC B C4     1 
ATOM 396  N N4     . DC B 2 4 ? -3.000  1.409   -0.131  1.00 0.00 ? 13 DC B N4     1 
ATOM 397  C C5     . DC B 2 4 ? -4.390  0.925   -1.962  1.00 0.00 ? 13 DC B C5     1 
ATOM 398  C C6     . DC B 2 4 ? -5.008  1.433   -3.051  1.00 0.00 ? 13 DC B C6     1 
ATOM 399  H "H5'"  . DC B 2 4 ? -9.171  1.716   -4.522  1.00 0.00 ? 13 DC B "H5'"  1 
ATOM 400  H "H5''" . DC B 2 4 ? -9.105  1.516   -6.189  1.00 0.00 ? 13 DC B "H5''" 1 
ATOM 401  H "H4'"  . DC B 2 4 ? -8.317  3.669   -5.663  1.00 0.00 ? 13 DC B "H4'"  1 
ATOM 402  H "H3'"  . DC B 2 4 ? -6.752  1.874   -7.167  1.00 0.00 ? 13 DC B "H3'"  1 
ATOM 403  H "H2'"  . DC B 2 4 ? -5.232  1.620   -5.523  1.00 0.00 ? 13 DC B "H2'"  1 
ATOM 404  H "H2''" . DC B 2 4 ? -4.588  3.008   -6.252  1.00 0.00 ? 13 DC B "H2''" 1 
ATOM 405  H "H1'"  . DC B 2 4 ? -5.419  4.337   -4.665  1.00 0.00 ? 13 DC B "H1'"  1 
ATOM 406  H H41    . DC B 2 4 ? -2.633  2.096   0.498   1.00 0.00 ? 13 DC B H41    1 
ATOM 407  H H42    . DC B 2 4 ? -2.972  0.429   0.031   1.00 0.00 ? 13 DC B H42    1 
ATOM 408  H H5     . DC B 2 4 ? -4.498  -0.099  -1.751  1.00 0.00 ? 13 DC B H5     1 
ATOM 409  H H6     . DC B 2 4 ? -5.632  0.807   -3.653  1.00 0.00 ? 13 DC B H6     1 
ATOM 410  P P      . DC B 2 5 ? -5.916  4.128   -8.702  1.00 0.00 ? 14 DC B P      1 
ATOM 411  O OP1    . DC B 2 5 ? -6.315  5.430   -9.256  1.00 0.00 ? 14 DC B OP1    1 
ATOM 412  O OP2    . DC B 2 5 ? -6.231  2.912   -9.452  1.00 0.00 ? 14 DC B OP2    1 
ATOM 413  O "O5'"  . DC B 2 5 ? -4.322  4.108   -8.408  1.00 0.00 ? 14 DC B "O5'"  1 
ATOM 414  C "C5'"  . DC B 2 5 ? -3.692  5.226   -7.780  1.00 0.00 ? 14 DC B "C5'"  1 
ATOM 415  C "C4'"  . DC B 2 5 ? -2.283  4.924   -7.264  1.00 0.00 ? 14 DC B "C4'"  1 
ATOM 416  O "O4'"  . DC B 2 5 ? -2.325  4.080   -6.103  1.00 0.00 ? 14 DC B "O4'"  1 
ATOM 417  C "C3'"  . DC B 2 5 ? -1.351  4.298   -8.300  1.00 0.00 ? 14 DC B "C3'"  1 
ATOM 418  O "O3'"  . DC B 2 5 ? -0.051  4.838   -8.232  1.00 0.00 ? 14 DC B "O3'"  1 
ATOM 419  C "C2'"  . DC B 2 5 ? -1.301  2.870   -7.723  1.00 0.00 ? 14 DC B "C2'"  1 
ATOM 420  C "C1'"  . DC B 2 5 ? -1.254  3.251   -6.249  1.00 0.00 ? 14 DC B "C1'"  1 
ATOM 421  N N1     . DC B 2 5 ? -1.388  2.122   -5.311  1.00 0.00 ? 14 DC B N1     1 
ATOM 422  C C2     . DC B 2 5 ? -0.711  2.119   -4.100  1.00 0.00 ? 14 DC B C2     1 
ATOM 423  O O2     . DC B 2 5 ? 0.007   3.053   -3.748  1.00 0.00 ? 14 DC B O2     1 
ATOM 424  N N3     . DC B 2 5 ? -0.863  1.091   -3.227  1.00 0.00 ? 14 DC B N3     1 
ATOM 425  C C4     . DC B 2 5 ? -1.613  0.086   -3.582  1.00 0.00 ? 14 DC B C4     1 
ATOM 426  N N4     . DC B 2 5 ? -1.768  -0.885  -2.759  1.00 0.00 ? 14 DC B N4     1 
ATOM 427  C C5     . DC B 2 5 ? -2.337  0.051   -4.786  1.00 0.00 ? 14 DC B C5     1 
ATOM 428  C C6     . DC B 2 5 ? -2.201  1.090   -5.624  1.00 0.00 ? 14 DC B C6     1 
ATOM 429  H "H5'"  . DC B 2 5 ? -4.315  5.553   -6.965  1.00 0.00 ? 14 DC B "H5'"  1 
ATOM 430  H "H5''" . DC B 2 5 ? -3.641  6.097   -8.419  1.00 0.00 ? 14 DC B "H5''" 1 
ATOM 431  H "H4'"  . DC B 2 5 ? -1.850  5.865   -6.940  1.00 0.00 ? 14 DC B "H4'"  1 
ATOM 432  H "H3'"  . DC B 2 5 ? -1.761  4.346   -9.308  1.00 0.00 ? 14 DC B "H3'"  1 
ATOM 433  H "H2'"  . DC B 2 5 ? -2.206  2.357   -8.019  1.00 0.00 ? 14 DC B "H2'"  1 
ATOM 434  H "H2''" . DC B 2 5 ? -0.436  2.324   -8.048  1.00 0.00 ? 14 DC B "H2''" 1 
ATOM 435  H "H1'"  . DC B 2 5 ? -0.313  3.763   -6.076  1.00 0.00 ? 14 DC B "H1'"  1 
ATOM 436  H H41    . DC B 2 5 ? -1.225  -0.863  -1.923  1.00 0.00 ? 14 DC B H41    1 
ATOM 437  H H42    . DC B 2 5 ? -2.399  -1.611  -2.916  1.00 0.00 ? 14 DC B H42    1 
ATOM 438  H H5     . DC B 2 5 ? -3.015  -0.738  -5.028  1.00 0.00 ? 14 DC B H5     1 
ATOM 439  H H6     . DC B 2 5 ? -2.736  1.154   -6.554  1.00 0.00 ? 14 DC B H6     1 
ATOM 440  P P      . DG B 2 6 ? 1.002   4.627   -9.413  1.00 0.00 ? 15 DG B P      1 
ATOM 441  O OP1    . DG B 2 6 ? 0.928   5.793   -10.294 1.00 0.00 ? 15 DG B OP1    1 
ATOM 442  O OP2    . DG B 2 6 ? 0.858   3.279   -9.956  1.00 0.00 ? 15 DG B OP2    1 
ATOM 443  O "O5'"  . DG B 2 6 ? 2.361   4.626   -8.600  1.00 0.00 ? 15 DG B "O5'"  1 
ATOM 444  C "C5'"  . DG B 2 6 ? 2.842   5.809   -7.997  1.00 0.00 ? 15 DG B "C5'"  1 
ATOM 445  C "C4'"  . DG B 2 6 ? 4.036   5.720   -7.098  1.00 0.00 ? 15 DG B "C4'"  1 
ATOM 446  O "O4'"  . DG B 2 6 ? 3.663   5.003   -5.937  1.00 0.00 ? 15 DG B "O4'"  1 
ATOM 447  C "C3'"  . DG B 2 6 ? 5.248   4.992   -7.724  1.00 0.00 ? 15 DG B "C3'"  1 
ATOM 448  O "O3'"  . DG B 2 6 ? 6.452   5.585   -7.241  1.00 0.00 ? 15 DG B "O3'"  1 
ATOM 449  C "C2'"  . DG B 2 6 ? 5.088   3.559   -7.180  1.00 0.00 ? 15 DG B "C2'"  1 
ATOM 450  C "C1'"  . DG B 2 6 ? 4.435   3.828   -5.855  1.00 0.00 ? 15 DG B "C1'"  1 
ATOM 451  N N9     . DG B 2 6 ? 3.608   2.686   -5.393  1.00 0.00 ? 15 DG B N9     1 
ATOM 452  C C8     . DG B 2 6 ? 2.678   2.011   -6.103  1.00 0.00 ? 15 DG B C8     1 
ATOM 453  N N7     . DG B 2 6 ? 2.121   1.035   -5.465  1.00 0.00 ? 15 DG B N7     1 
ATOM 454  C C5     . DG B 2 6 ? 2.727   1.023   -4.224  1.00 0.00 ? 15 DG B C5     1 
ATOM 455  C C6     . DG B 2 6 ? 2.624   0.138   -3.092  1.00 0.00 ? 15 DG B C6     1 
ATOM 456  O O6     . DG B 2 6 ? 1.898   -0.823  -2.943  1.00 0.00 ? 15 DG B O6     1 
ATOM 457  N N1     . DG B 2 6 ? 3.530   0.409   -2.098  1.00 0.00 ? 15 DG B N1     1 
ATOM 458  C C2     . DG B 2 6 ? 4.319   1.516   -2.111  1.00 0.00 ? 15 DG B C2     1 
ATOM 459  N N2     . DG B 2 6 ? 5.142   1.601   -1.155  1.00 0.00 ? 15 DG B N2     1 
ATOM 460  N N3     . DG B 2 6 ? 4.466   2.348   -3.114  1.00 0.00 ? 15 DG B N3     1 
ATOM 461  C C4     . DG B 2 6 ? 3.639   2.058   -4.151  1.00 0.00 ? 15 DG B C4     1 
ATOM 462  H "H5'"  . DG B 2 6 ? 2.032   6.206   -7.401  1.00 0.00 ? 15 DG B "H5'"  1 
ATOM 463  H "H5''" . DG B 2 6 ? 3.048   6.538   -8.736  1.00 0.00 ? 15 DG B "H5''" 1 
ATOM 464  H "H4'"  . DG B 2 6 ? 4.340   6.744   -6.915  1.00 0.00 ? 15 DG B "H4'"  1 
ATOM 465  H "H3'"  . DG B 2 6 ? 5.225   5.038   -8.794  1.00 0.00 ? 15 DG B "H3'"  1 
ATOM 466  H "H2'"  . DG B 2 6 ? 4.482   2.934   -7.814  1.00 0.00 ? 15 DG B "H2'"  1 
ATOM 467  H "H2''" . DG B 2 6 ? 6.062   3.123   -7.007  1.00 0.00 ? 15 DG B "H2''" 1 
ATOM 468  H "H1'"  . DG B 2 6 ? 5.264   3.969   -5.186  1.00 0.00 ? 15 DG B "H1'"  1 
ATOM 469  H H8     . DG B 2 6 ? 2.410   2.275   -7.106  1.00 0.00 ? 15 DG B H8     1 
ATOM 470  H H1     . DG B 2 6 ? 3.555   -0.216  -1.313  1.00 0.00 ? 15 DG B H1     1 
ATOM 471  H H21    . DG B 2 6 ? 5.153   0.907   -0.427  1.00 0.00 ? 15 DG B H21    1 
ATOM 472  H H22    . DG B 2 6 ? 5.729   2.406   -1.193  1.00 0.00 ? 15 DG B H22    1 
ATOM 473  P P      . DG B 2 7 ? 7.911   5.279   -7.826  1.00 0.00 ? 16 DG B P      1 
ATOM 474  O OP1    . DG B 2 7 ? 8.747   6.486   -7.643  1.00 0.00 ? 16 DG B OP1    1 
ATOM 475  O OP2    . DG B 2 7 ? 7.758   4.709   -9.190  1.00 0.00 ? 16 DG B OP2    1 
ATOM 476  O "O5'"  . DG B 2 7 ? 8.397   4.135   -6.875  1.00 0.00 ? 16 DG B "O5'"  1 
ATOM 477  C "C5'"  . DG B 2 7 ? 8.522   4.355   -5.499  1.00 0.00 ? 16 DG B "C5'"  1 
ATOM 478  C "C4'"  . DG B 2 7 ? 8.538   3.101   -4.624  1.00 0.00 ? 16 DG B "C4'"  1 
ATOM 479  O "O4'"  . DG B 2 7 ? 7.361   2.383   -4.675  1.00 0.00 ? 16 DG B "O4'"  1 
ATOM 480  C "C3'"  . DG B 2 7 ? 9.677   2.135   -4.876  1.00 0.00 ? 16 DG B "C3'"  1 
ATOM 481  O "O3'"  . DG B 2 7 ? 10.766  2.421   -4.003  1.00 0.00 ? 16 DG B "O3'"  1 
ATOM 482  C "C2'"  . DG B 2 7 ? 9.007   0.817   -4.547  1.00 0.00 ? 16 DG B "C2'"  1 
ATOM 483  C "C1'"  . DG B 2 7 ? 7.629   1.147   -4.098  1.00 0.00 ? 16 DG B "C1'"  1 
ATOM 484  N N9     . DG B 2 7 ? 6.728   0.060   -4.497  1.00 0.00 ? 16 DG B N9     1 
ATOM 485  C C8     . DG B 2 7 ? 6.106   -0.113  -5.696  1.00 0.00 ? 16 DG B C8     1 
ATOM 486  N N7     . DG B 2 7 ? 5.360   -1.200  -5.744  1.00 0.00 ? 16 DG B N7     1 
ATOM 487  C C5     . DG B 2 7 ? 5.497   -1.768  -4.477  1.00 0.00 ? 16 DG B C5     1 
ATOM 488  C C6     . DG B 2 7 ? 4.877   -2.881  -3.809  1.00 0.00 ? 16 DG B C6     1 
ATOM 489  O O6     . DG B 2 7 ? 4.014   -3.619  -4.215  1.00 0.00 ? 16 DG B O6     1 
ATOM 490  N N1     . DG B 2 7 ? 5.226   -3.054  -2.515  1.00 0.00 ? 16 DG B N1     1 
ATOM 491  C C2     . DG B 2 7 ? 6.131   -2.273  -1.876  1.00 0.00 ? 16 DG B C2     1 
ATOM 492  N N2     . DG B 2 7 ? 6.524   -2.655  -0.700  1.00 0.00 ? 16 DG B N2     1 
ATOM 493  N N3     . DG B 2 7 ? 6.715   -1.197  -2.388  1.00 0.00 ? 16 DG B N3     1 
ATOM 494  C C4     . DG B 2 7 ? 6.345   -0.974  -3.702  1.00 0.00 ? 16 DG B C4     1 
ATOM 495  H "H5'"  . DG B 2 7 ? 7.698   4.928   -5.183  1.00 0.00 ? 16 DG B "H5'"  1 
ATOM 496  H "H5''" . DG B 2 7 ? 9.365   4.986   -5.345  1.00 0.00 ? 16 DG B "H5''" 1 
ATOM 497  H "H4'"  . DG B 2 7 ? 8.645   3.426   -3.608  1.00 0.00 ? 16 DG B "H4'"  1 
ATOM 498  H "H3'"  . DG B 2 7 ? 9.989   2.159   -5.890  1.00 0.00 ? 16 DG B "H3'"  1 
ATOM 499  H "H2'"  . DG B 2 7 ? 9.056   0.155   -5.350  1.00 0.00 ? 16 DG B "H2'"  1 
ATOM 500  H "H2''" . DG B 2 7 ? 9.456   0.354   -3.711  1.00 0.00 ? 16 DG B "H2''" 1 
ATOM 501  H "H1'"  . DG B 2 7 ? 7.655   1.170   -3.047  1.00 0.00 ? 16 DG B "H1'"  1 
ATOM 502  H H8     . DG B 2 7 ? 6.225   0.624   -6.470  1.00 0.00 ? 16 DG B H8     1 
ATOM 503  H H1     . DG B 2 7 ? 4.852   -3.844  -2.014  1.00 0.00 ? 16 DG B H1     1 
ATOM 504  H H21    . DG B 2 7 ? 6.137   -3.503  -0.322  1.00 0.00 ? 16 DG B H21    1 
ATOM 505  H H22    . DG B 2 7 ? 7.209   -2.131  -0.224  1.00 0.00 ? 16 DG B H22    1 
ATOM 506  P P      . DA B 2 8 ? 12.107  1.585   -4.040  1.00 0.00 ? 17 DA B P      1 
ATOM 507  O OP1    . DA B 2 8 ? 13.122  2.418   -3.423  1.00 0.00 ? 17 DA B OP1    1 
ATOM 508  O OP2    . DA B 2 8 ? 12.342  1.105   -5.377  1.00 0.00 ? 17 DA B OP2    1 
ATOM 509  O "O5'"  . DA B 2 8 ? 11.932  0.327   -3.109  1.00 0.00 ? 17 DA B "O5'"  1 
ATOM 510  C "C5'"  . DA B 2 8 ? 11.876  0.477   -1.734  1.00 0.00 ? 17 DA B "C5'"  1 
ATOM 511  C "C4'"  . DA B 2 8 ? 11.516  -0.775  -0.910  1.00 0.00 ? 17 DA B "C4'"  1 
ATOM 512  O "O4'"  . DA B 2 8 ? 10.268  -1.322  -1.348  1.00 0.00 ? 17 DA B "O4'"  1 
ATOM 513  C "C3'"  . DA B 2 8 ? 12.549  -1.884  -0.917  1.00 0.00 ? 17 DA B "C3'"  1 
ATOM 514  O "O3'"  . DA B 2 8 ? 12.836  -2.317  0.392   1.00 0.00 ? 17 DA B "O3'"  1 
ATOM 515  C "C2'"  . DA B 2 8 ? 11.891  -2.966  -1.710  1.00 0.00 ? 17 DA B "C2'"  1 
ATOM 516  C "C1'"  . DA B 2 8 ? 10.419  -2.700  -1.507  1.00 0.00 ? 17 DA B "C1'"  1 
ATOM 517  N N9     . DA B 2 8 ? 9.645   -3.161  -2.667  1.00 0.00 ? 17 DA B N9     1 
ATOM 518  C C8     . DA B 2 8 ? 9.695   -2.657  -3.918  1.00 0.00 ? 17 DA B C8     1 
ATOM 519  N N7     . DA B 2 8 ? 8.867   -3.240  -4.753  1.00 0.00 ? 17 DA B N7     1 
ATOM 520  C C5     . DA B 2 8 ? 8.273   -4.246  -3.969  1.00 0.00 ? 17 DA B C5     1 
ATOM 521  C C6     . DA B 2 8 ? 7.299   -5.261  -4.186  1.00 0.00 ? 17 DA B C6     1 
ATOM 522  N N6     . DA B 2 8 ? 6.664   -5.501  -5.304  1.00 0.00 ? 17 DA B N6     1 
ATOM 523  N N1     . DA B 2 8 ? 7.008   -6.120  -3.227  1.00 0.00 ? 17 DA B N1     1 
ATOM 524  C C2     . DA B 2 8 ? 7.596   -5.992  -2.077  1.00 0.00 ? 17 DA B C2     1 
ATOM 525  N N3     . DA B 2 8 ? 8.461   -5.066  -1.691  1.00 0.00 ? 17 DA B N3     1 
ATOM 526  C C4     . DA B 2 8 ? 8.758   -4.195  -2.698  1.00 0.00 ? 17 DA B C4     1 
ATOM 527  H "H5'"  . DA B 2 8 ? 11.119  1.197   -1.516  1.00 0.00 ? 17 DA B "H5'"  1 
ATOM 528  H "H5''" . DA B 2 8 ? 12.831  0.834   -1.408  1.00 0.00 ? 17 DA B "H5''" 1 
ATOM 529  H "H4'"  . DA B 2 8 ? 11.430  -0.424  0.108   1.00 0.00 ? 17 DA B "H4'"  1 
ATOM 530  H "H3'"  . DA B 2 8 ? 13.423  -1.556  -1.456  1.00 0.00 ? 17 DA B "H3'"  1 
ATOM 531  H "H2'"  . DA B 2 8 ? 12.128  -2.864  -2.746  1.00 0.00 ? 17 DA B "H2'"  1 
ATOM 532  H "H2''" . DA B 2 8 ? 12.133  -3.959  -1.391  1.00 0.00 ? 17 DA B "H2''" 1 
ATOM 533  H "H1'"  . DA B 2 8 ? 10.030  -3.228  -0.663  1.00 0.00 ? 17 DA B "H1'"  1 
ATOM 534  H H8     . DA B 2 8 ? 10.395  -1.884  -4.126  1.00 0.00 ? 17 DA B H8     1 
ATOM 535  H H61    . DA B 2 8 ? 5.922   -6.181  -5.282  1.00 0.00 ? 17 DA B H61    1 
ATOM 536  H H62    . DA B 2 8 ? 6.872   -4.986  -6.111  1.00 0.00 ? 17 DA B H62    1 
ATOM 537  H H2     . DA B 2 8 ? 7.344   -6.728  -1.340  1.00 0.00 ? 17 DA B H2     1 
ATOM 538  P P      . DT B 2 9 ? 14.078  -3.225  0.807   1.00 0.00 ? 18 DT B P      1 
ATOM 539  O OP1    . DT B 2 9 ? 14.392  -2.884  2.174   1.00 0.00 ? 18 DT B OP1    1 
ATOM 540  O OP2    . DT B 2 9 ? 15.124  -3.138  -0.229  1.00 0.00 ? 18 DT B OP2    1 
ATOM 541  O "O5'"  . DT B 2 9 ? 13.463  -4.631  0.771   1.00 0.00 ? 18 DT B "O5'"  1 
ATOM 542  C "C5'"  . DT B 2 9 ? 12.401  -4.963  1.646   1.00 0.00 ? 18 DT B "C5'"  1 
ATOM 543  C "C4'"  . DT B 2 9 ? 11.755  -6.264  1.260   1.00 0.00 ? 18 DT B "C4'"  1 
ATOM 544  O "O4'"  . DT B 2 9 ? 11.065  -6.164  0.025   1.00 0.00 ? 18 DT B "O4'"  1 
ATOM 545  C "C3'"  . DT B 2 9 ? 12.637  -7.500  1.276   1.00 0.00 ? 18 DT B "C3'"  1 
ATOM 546  O "O3'"  . DT B 2 9 ? 12.090  -8.493  2.139   1.00 0.00 ? 18 DT B "O3'"  1 
ATOM 547  C "C2'"  . DT B 2 9 ? 12.547  -7.897  -0.170  1.00 0.00 ? 18 DT B "C2'"  1 
ATOM 548  C "C1'"  . DT B 2 9 ? 11.142  -7.444  -0.526  1.00 0.00 ? 18 DT B "C1'"  1 
ATOM 549  N N1     . DT B 2 9 ? 10.942  -7.427  -1.989  1.00 0.00 ? 18 DT B N1     1 
ATOM 550  C C2     . DT B 2 9 ? 9.958   -8.248  -2.541  1.00 0.00 ? 18 DT B C2     1 
ATOM 551  O O2     . DT B 2 9 ? 9.318   -9.065  -1.923  1.00 0.00 ? 18 DT B O2     1 
ATOM 552  N N3     . DT B 2 9 ? 9.756   -8.057  -3.855  1.00 0.00 ? 18 DT B N3     1 
ATOM 553  C C4     . DT B 2 9 ? 10.422  -7.182  -4.659  1.00 0.00 ? 18 DT B C4     1 
ATOM 554  O O4     . DT B 2 9 ? 10.096  -7.132  -5.829  1.00 0.00 ? 18 DT B O4     1 
ATOM 555  C C5     . DT B 2 9 ? 11.438  -6.363  -3.998  1.00 0.00 ? 18 DT B C5     1 
ATOM 556  C C7     . DT B 2 9 ? 12.254  -5.399  -4.840  1.00 0.00 ? 18 DT B C7     1 
ATOM 557  C C6     . DT B 2 9 ? 11.643  -6.466  -2.679  1.00 0.00 ? 18 DT B C6     1 
ATOM 558  H "H5'"  . DT B 2 9 ? 11.650  -4.193  1.504   1.00 0.00 ? 18 DT B "H5'"  1 
ATOM 559  H "H5''" . DT B 2 9 ? 12.758  -5.033  2.660   1.00 0.00 ? 18 DT B "H5''" 1 
ATOM 560  H "H4'"  . DT B 2 9 ? 10.958  -6.431  1.956   1.00 0.00 ? 18 DT B "H4'"  1 
ATOM 561  H "H3'"  . DT B 2 9 ? 13.650  -7.279  1.576   1.00 0.00 ? 18 DT B "H3'"  1 
ATOM 562  H "HO3'" . DT B 2 9 ? 12.617  -9.260  2.054   1.00 0.00 ? 18 DT B "HO3'" 1 
ATOM 563  H "H2'"  . DT B 2 9 ? 13.291  -7.432  -0.783  1.00 0.00 ? 18 DT B "H2'"  1 
ATOM 564  H "H2''" . DT B 2 9 ? 12.608  -8.968  -0.279  1.00 0.00 ? 18 DT B "H2''" 1 
ATOM 565  H "H1'"  . DT B 2 9 ? 10.421  -8.079  -0.058  1.00 0.00 ? 18 DT B "H1'"  1 
ATOM 566  H H3     . DT B 2 9 ? 9.077   -8.636  -4.275  1.00 0.00 ? 18 DT B H3     1 
ATOM 567  H H71    . DT B 2 9 ? 12.931  -4.794  -4.289  1.00 0.00 ? 18 DT B H71    1 
ATOM 568  H H72    . DT B 2 9 ? 12.820  -5.941  -5.562  1.00 0.00 ? 18 DT B H72    1 
ATOM 569  H H73    . DT B 2 9 ? 11.565  -4.776  -5.339  1.00 0.00 ? 18 DT B H73    1 
ATOM 570  H H6     . DT B 2 9 ? 12.368  -5.880  -2.151  1.00 0.00 ? 18 DT B H6     1 
ATOM 571  O "O5'"  . DA A 1 1 ? 1.985   -9.899  -13.080 1.00 0.00 ? 1  DA A "O5'"  2 
ATOM 572  C "C5'"  . DA A 1 1 ? 2.043   -11.284 -13.096 1.00 0.00 ? 1  DA A "C5'"  2 
ATOM 573  C "C4'"  . DA A 1 1 ? 2.062   -11.937 -11.737 1.00 0.00 ? 1  DA A "C4'"  2 
ATOM 574  O "O4'"  . DA A 1 1 ? 3.323   -11.698 -11.085 1.00 0.00 ? 1  DA A "O4'"  2 
ATOM 575  C "C3'"  . DA A 1 1 ? 0.940   -11.485 -10.804 1.00 0.00 ? 1  DA A "C3'"  2 
ATOM 576  O "O3'"  . DA A 1 1 ? 0.348   -12.615 -10.233 1.00 0.00 ? 1  DA A "O3'"  2 
ATOM 577  C "C2'"  . DA A 1 1 ? 1.697   -10.609 -9.800  1.00 0.00 ? 1  DA A "C2'"  2 
ATOM 578  C "C1'"  . DA A 1 1 ? 3.154   -11.004 -9.898  1.00 0.00 ? 1  DA A "C1'"  2 
ATOM 579  N N9     . DA A 1 1 ? 4.092   -9.863  -9.817  1.00 0.00 ? 1  DA A N9     2 
ATOM 580  C C8     . DA A 1 1 ? 4.023   -8.648  -10.454 1.00 0.00 ? 1  DA A C8     2 
ATOM 581  N N7     . DA A 1 1 ? 4.935   -7.798  -10.130 1.00 0.00 ? 1  DA A N7     2 
ATOM 582  C C5     . DA A 1 1 ? 5.705   -8.528  -9.238  1.00 0.00 ? 1  DA A C5     2 
ATOM 583  C C6     . DA A 1 1 ? 6.913   -8.275  -8.534  1.00 0.00 ? 1  DA A C6     2 
ATOM 584  N N6     . DA A 1 1 ? 7.654   -7.179  -8.653  1.00 0.00 ? 1  DA A N6     2 
ATOM 585  N N1     . DA A 1 1 ? 7.486   -9.155  -7.764  1.00 0.00 ? 1  DA A N1     2 
ATOM 586  C C2     . DA A 1 1 ? 6.843   -10.317 -7.632  1.00 0.00 ? 1  DA A C2     2 
ATOM 587  N N3     . DA A 1 1 ? 5.720   -10.738 -8.236  1.00 0.00 ? 1  DA A N3     2 
ATOM 588  C C4     . DA A 1 1 ? 5.206   -9.772  -9.044  1.00 0.00 ? 1  DA A C4     2 
ATOM 589  H "H5'"  . DA A 1 1 ? 2.913   -11.634 -13.603 1.00 0.00 ? 1  DA A "H5'"  2 
ATOM 590  H "H5''" . DA A 1 1 ? 1.174   -11.588 -13.636 1.00 0.00 ? 1  DA A "H5''" 2 
ATOM 591  H "H4'"  . DA A 1 1 ? 1.944   -12.996 -11.850 1.00 0.00 ? 1  DA A "H4'"  2 
ATOM 592  H "H3'"  . DA A 1 1 ? 0.192   -10.911 -11.328 1.00 0.00 ? 1  DA A "H3'"  2 
ATOM 593  H "H2'"  . DA A 1 1 ? 1.512   -9.601  -10.146 1.00 0.00 ? 1  DA A "H2'"  2 
ATOM 594  H "H2''" . DA A 1 1 ? 1.329   -10.750 -8.791  1.00 0.00 ? 1  DA A "H2''" 2 
ATOM 595  H "H1'"  . DA A 1 1 ? 3.363   -11.615 -9.041  1.00 0.00 ? 1  DA A "H1'"  2 
ATOM 596  H H8     . DA A 1 1 ? 3.255   -8.407  -11.155 1.00 0.00 ? 1  DA A H8     2 
ATOM 597  H H61    . DA A 1 1 ? 8.476   -7.151  -8.112  1.00 0.00 ? 1  DA A H61    2 
ATOM 598  H H62    . DA A 1 1 ? 7.330   -6.406  -9.166  1.00 0.00 ? 1  DA A H62    2 
ATOM 599  H H2     . DA A 1 1 ? 7.282   -10.951 -6.895  1.00 0.00 ? 1  DA A H2     2 
ATOM 600  H H5T    . DA A 1 1 ? 1.257   -9.649  -13.392 1.00 0.00 ? 1  DA A H5T    2 
ATOM 601  P P      . DT A 1 2 ? -0.881  -12.601 -9.206  1.00 0.00 ? 2  DT A P      2 
ATOM 602  O OP1    . DT A 1 2 ? -1.469  -13.952 -9.266  1.00 0.00 ? 2  DT A OP1    2 
ATOM 603  O OP2    . DT A 1 2 ? -1.737  -11.423 -9.494  1.00 0.00 ? 2  DT A OP2    2 
ATOM 604  O "O5'"  . DT A 1 2 ? -0.191  -12.394 -7.783  1.00 0.00 ? 2  DT A "O5'"  2 
ATOM 605  C "C5'"  . DT A 1 2 ? 0.815   -13.302 -7.298  1.00 0.00 ? 2  DT A "C5'"  2 
ATOM 606  C "C4'"  . DT A 1 2 ? 1.590   -12.760 -6.126  1.00 0.00 ? 2  DT A "C4'"  2 
ATOM 607  O "O4'"  . DT A 1 2 ? 2.460   -11.704 -6.535  1.00 0.00 ? 2  DT A "O4'"  2 
ATOM 608  C "C3'"  . DT A 1 2 ? 0.700   -12.277 -4.953  1.00 0.00 ? 2  DT A "C3'"  2 
ATOM 609  O "O3'"  . DT A 1 2 ? 1.093   -12.974 -3.800  1.00 0.00 ? 2  DT A "O3'"  2 
ATOM 610  C "C2'"  . DT A 1 2 ? 1.076   -10.805 -4.919  1.00 0.00 ? 2  DT A "C2'"  2 
ATOM 611  C "C1'"  . DT A 1 2 ? 2.501   -10.808 -5.474  1.00 0.00 ? 2  DT A "C1'"  2 
ATOM 612  N N1     . DT A 1 2 ? 2.938   -9.466  -5.911  1.00 0.00 ? 2  DT A N1     2 
ATOM 613  C C2     . DT A 1 2 ? 4.176   -8.977  -5.424  1.00 0.00 ? 2  DT A C2     2 
ATOM 614  O O2     . DT A 1 2 ? 4.858   -9.514  -4.583  1.00 0.00 ? 2  DT A O2     2 
ATOM 615  N N3     . DT A 1 2 ? 4.565   -7.770  -5.897  1.00 0.00 ? 2  DT A N3     2 
ATOM 616  C C4     . DT A 1 2 ? 3.866   -6.986  -6.816  1.00 0.00 ? 2  DT A C4     2 
ATOM 617  O O4     . DT A 1 2 ? 4.392   -5.912  -7.112  1.00 0.00 ? 2  DT A O4     2 
ATOM 618  C C5     . DT A 1 2 ? 2.606   -7.536  -7.283  1.00 0.00 ? 2  DT A C5     2 
ATOM 619  C C7     . DT A 1 2 ? 1.738   -6.743  -8.233  1.00 0.00 ? 2  DT A C7     2 
ATOM 620  C C6     . DT A 1 2 ? 2.188   -8.770  -6.836  1.00 0.00 ? 2  DT A C6     2 
ATOM 621  H "H5'"  . DT A 1 2 ? 1.545   -13.529 -8.070  1.00 0.00 ? 2  DT A "H5'"  2 
ATOM 622  H "H5''" . DT A 1 2 ? 0.294   -14.200 -7.013  1.00 0.00 ? 2  DT A "H5''" 2 
ATOM 623  H "H4'"  . DT A 1 2 ? 2.243   -13.543 -5.759  1.00 0.00 ? 2  DT A "H4'"  2 
ATOM 624  H "H3'"  . DT A 1 2 ? -0.342  -12.448 -5.174  1.00 0.00 ? 2  DT A "H3'"  2 
ATOM 625  H "H2'"  . DT A 1 2 ? 0.426   -10.231 -5.545  1.00 0.00 ? 2  DT A "H2'"  2 
ATOM 626  H "H2''" . DT A 1 2 ? 1.062   -10.394 -3.928  1.00 0.00 ? 2  DT A "H2''" 2 
ATOM 627  H "H1'"  . DT A 1 2 ? 3.196   -11.162 -4.727  1.00 0.00 ? 2  DT A "H1'"  2 
ATOM 628  H H3     . DT A 1 2 ? 5.374   -7.350  -5.469  1.00 0.00 ? 2  DT A H3     2 
ATOM 629  H H71    . DT A 1 2 ? 1.586   -5.769  -7.860  1.00 0.00 ? 2  DT A H71    2 
ATOM 630  H H72    . DT A 1 2 ? 2.197   -6.618  -9.168  1.00 0.00 ? 2  DT A H72    2 
ATOM 631  H H73    . DT A 1 2 ? 0.781   -7.161  -8.299  1.00 0.00 ? 2  DT A H73    2 
ATOM 632  H H6     . DT A 1 2 ? 1.255   -9.186  -7.153  1.00 0.00 ? 2  DT A H6     2 
ATOM 633  P P      . DC A 1 3 ? 0.428   -12.727 -2.380  1.00 0.00 ? 3  DC A P      2 
ATOM 634  O OP1    . DC A 1 3 ? 0.261   -14.045 -1.748  1.00 0.00 ? 3  DC A OP1    2 
ATOM 635  O OP2    . DC A 1 3 ? -0.739  -11.849 -2.550  1.00 0.00 ? 3  DC A OP2    2 
ATOM 636  O "O5'"  . DC A 1 3 ? 1.522   -11.937 -1.625  1.00 0.00 ? 3  DC A "O5'"  2 
ATOM 637  C "C5'"  . DC A 1 3 ? 2.755   -12.570 -1.307  1.00 0.00 ? 3  DC A "C5'"  2 
ATOM 638  C "C4'"  . DC A 1 3 ? 3.740   -11.621 -0.663  1.00 0.00 ? 3  DC A "C4'"  2 
ATOM 639  O "O4'"  . DC A 1 3 ? 4.027   -10.514 -1.516  1.00 0.00 ? 3  DC A "O4'"  2 
ATOM 640  C "C3'"  . DC A 1 3 ? 3.303   -11.093 0.705   1.00 0.00 ? 3  DC A "C3'"  2 
ATOM 641  O "O3'"  . DC A 1 3 ? 4.375   -11.097 1.632   1.00 0.00 ? 3  DC A "O3'"  2 
ATOM 642  C "C2'"  . DC A 1 3 ? 2.869   -9.670  0.360   1.00 0.00 ? 3  DC A "C2'"  2 
ATOM 643  C "C1'"  . DC A 1 3 ? 3.854   -9.313  -0.757  1.00 0.00 ? 3  DC A "C1'"  2 
ATOM 644  N N1     . DC A 1 3 ? 3.378   -8.211  -1.632  1.00 0.00 ? 3  DC A N1     2 
ATOM 645  C C2     . DC A 1 3 ? 4.077   -7.032  -1.651  1.00 0.00 ? 3  DC A C2     2 
ATOM 646  O O2     . DC A 1 3 ? 4.943   -6.810  -0.850  1.00 0.00 ? 3  DC A O2     2 
ATOM 647  N N3     . DC A 1 3 ? 3.822   -6.038  -2.540  1.00 0.00 ? 3  DC A N3     2 
ATOM 648  C C4     . DC A 1 3 ? 2.829   -6.248  -3.363  1.00 0.00 ? 3  DC A C4     2 
ATOM 649  N N4     . DC A 1 3 ? 2.614   -5.333  -4.237  1.00 0.00 ? 3  DC A N4     2 
ATOM 650  C C5     . DC A 1 3 ? 1.993   -7.382  -3.293  1.00 0.00 ? 3  DC A C5     2 
ATOM 651  C C6     . DC A 1 3 ? 2.292   -8.353  -2.433  1.00 0.00 ? 3  DC A C6     2 
ATOM 652  H "H5'"  . DC A 1 3 ? 3.208   -12.941 -2.192  1.00 0.00 ? 3  DC A "H5'"  2 
ATOM 653  H "H5''" . DC A 1 3 ? 2.567   -13.389 -0.663  1.00 0.00 ? 3  DC A "H5''" 2 
ATOM 654  H "H4'"  . DC A 1 3 ? 4.678   -12.137 -0.487  1.00 0.00 ? 3  DC A "H4'"  2 
ATOM 655  H "H3'"  . DC A 1 3 ? 2.472   -11.696 1.052   1.00 0.00 ? 3  DC A "H3'"  2 
ATOM 656  H "H2'"  . DC A 1 3 ? 1.835   -9.725  0.036   1.00 0.00 ? 3  DC A "H2'"  2 
ATOM 657  H "H2''" . DC A 1 3 ? 2.929   -8.983  1.195   1.00 0.00 ? 3  DC A "H2''" 2 
ATOM 658  H "H1'"  . DC A 1 3 ? 4.796   -9.044  -0.288  1.00 0.00 ? 3  DC A "H1'"  2 
ATOM 659  H H41    . DC A 1 3 ? 3.273   -4.572  -4.226  1.00 0.00 ? 3  DC A H41    2 
ATOM 660  H H42    . DC A 1 3 ? 1.781   -5.312  -4.781  1.00 0.00 ? 3  DC A H42    2 
ATOM 661  H H5     . DC A 1 3 ? 1.139   -7.518  -3.925  1.00 0.00 ? 3  DC A H5     2 
ATOM 662  H H6     . DC A 1 3 ? 1.785   -9.270  -2.371  1.00 0.00 ? 3  DC A H6     2 
ATOM 663  P P      . DC A 1 4 ? 4.229   -11.077 3.194   1.00 0.00 ? 4  DC A P      2 
ATOM 664  O OP1    . DC A 1 4 ? 5.504   -11.511 3.759   1.00 0.00 ? 4  DC A OP1    2 
ATOM 665  O OP2    . DC A 1 4 ? 3.030   -11.819 3.545   1.00 0.00 ? 4  DC A OP2    2 
ATOM 666  O "O5'"  . DC A 1 4 ? 3.968   -9.551  3.573   1.00 0.00 ? 4  DC A "O5'"  2 
ATOM 667  C "C5'"  . DC A 1 4 ? 5.037   -8.603  3.701   1.00 0.00 ? 4  DC A "C5'"  2 
ATOM 668  C "C4'"  . DC A 1 4 ? 4.571   -7.151  3.695   1.00 0.00 ? 4  DC A "C4'"  2 
ATOM 669  O "O4'"  . DC A 1 4 ? 4.106   -6.796  2.403   1.00 0.00 ? 4  DC A "O4'"  2 
ATOM 670  C "C3'"  . DC A 1 4 ? 3.450   -6.793  4.639   1.00 0.00 ? 4  DC A "C3'"  2 
ATOM 671  O "O3'"  . DC A 1 4 ? 3.918   -6.000  5.693   1.00 0.00 ? 4  DC A "O3'"  2 
ATOM 672  C "C2'"  . DC A 1 4 ? 2.514   -6.029  3.793   1.00 0.00 ? 4  DC A "C2'"  2 
ATOM 673  C "C1'"  . DC A 1 4 ? 3.250   -5.766  2.562   1.00 0.00 ? 4  DC A "C1'"  2 
ATOM 674  N N1     . DC A 1 4 ? 2.430   -5.540  1.363   1.00 0.00 ? 4  DC A N1     2 
ATOM 675  C C2     . DC A 1 4 ? 2.614   -4.363  0.608   1.00 0.00 ? 4  DC A C2     2 
ATOM 676  O O2     . DC A 1 4 ? 3.462   -3.565  0.929   1.00 0.00 ? 4  DC A O2     2 
ATOM 677  N N3     . DC A 1 4 ? 1.875   -4.065  -0.508  1.00 0.00 ? 4  DC A N3     2 
ATOM 678  C C4     . DC A 1 4 ? 0.977   -4.908  -0.850  1.00 0.00 ? 4  DC A C4     2 
ATOM 679  N N4     . DC A 1 4 ? 0.338   -4.634  -1.935  1.00 0.00 ? 4  DC A N4     2 
ATOM 680  C C5     . DC A 1 4 ? 0.680   -6.086  -0.112  1.00 0.00 ? 4  DC A C5     2 
ATOM 681  C C6     . DC A 1 4 ? 1.431   -6.388  0.973   1.00 0.00 ? 4  DC A C6     2 
ATOM 682  H "H5'"  . DC A 1 4 ? 5.761   -8.705  2.904   1.00 0.00 ? 4  DC A "H5'"  2 
ATOM 683  H "H5''" . DC A 1 4 ? 5.581   -8.787  4.618   1.00 0.00 ? 4  DC A "H5''" 2 
ATOM 684  H "H4'"  . DC A 1 4 ? 5.435   -6.548  3.928   1.00 0.00 ? 4  DC A "H4'"  2 
ATOM 685  H "H3'"  . DC A 1 4 ? 3.012   -7.652  5.044   1.00 0.00 ? 4  DC A "H3'"  2 
ATOM 686  H "H2'"  . DC A 1 4 ? 1.739   -6.619  3.560   1.00 0.00 ? 4  DC A "H2'"  2 
ATOM 687  H "H2''" . DC A 1 4 ? 2.266   -5.152  4.231   1.00 0.00 ? 4  DC A "H2''" 2 
ATOM 688  H "H1'"  . DC A 1 4 ? 3.817   -4.912  2.775   1.00 0.00 ? 4  DC A "H1'"  2 
ATOM 689  H H41    . DC A 1 4 ? 0.578   -3.782  -2.401  1.00 0.00 ? 4  DC A H41    2 
ATOM 690  H H42    . DC A 1 4 ? -0.249  -5.312  -2.324  1.00 0.00 ? 4  DC A H42    2 
ATOM 691  H H5     . DC A 1 4 ? -0.090  -6.743  -0.405  1.00 0.00 ? 4  DC A H5     2 
ATOM 692  H H6     . DC A 1 4 ? 1.232   -7.263  1.547   1.00 0.00 ? 4  DC A H6     2 
ATOM 693  P P      . G  A 1 5 ? 2.989   -5.398  6.874   1.00 0.00 ? 5  G  A P      2 
ATOM 694  O OP1    . G  A 1 5 ? 3.797   -5.349  8.086   1.00 0.00 ? 5  G  A OP1    2 
ATOM 695  O OP2    . G  A 1 5 ? 1.744   -6.122  6.929   1.00 0.00 ? 5  G  A OP2    2 
ATOM 696  O "O5'"  . G  A 1 5 ? 2.695   -3.908  6.347   1.00 0.00 ? 5  G  A "O5'"  2 
ATOM 697  C "C5'"  . G  A 1 5 ? 3.776   -3.080  6.001   1.00 0.00 ? 5  G  A "C5'"  2 
ATOM 698  C "C4'"  . G  A 1 5 ? 3.355   -1.781  5.364   1.00 0.00 ? 5  G  A "C4'"  2 
ATOM 699  O "O4'"  . G  A 1 5 ? 2.827   -1.921  4.066   1.00 0.00 ? 5  G  A "O4'"  2 
ATOM 700  C "C3'"  . G  A 1 5 ? 2.379   -0.973  6.194   1.00 0.00 ? 5  G  A "C3'"  2 
ATOM 701  O "O3'"  . G  A 1 5 ? 2.878   0.350   6.294   1.00 0.00 ? 5  G  A "O3'"  2 
ATOM 702  C "C2'"  . G  A 1 5 ? 1.156   -1.108  5.285   1.00 0.00 ? 5  G  A "C2'"  2 
ATOM 703  O "O2'"  . G  A 1 5 ? 0.096   -0.262  5.617   1.00 0.00 ? 5  G  A "O2'"  2 
ATOM 704  C "C1'"  . G  A 1 5 ? 1.834   -0.954  3.937   1.00 0.00 ? 5  G  A "C1'"  2 
ATOM 705  N N9     . G  A 1 5 ? 0.968   -1.203  2.781   1.00 0.00 ? 5  G  A N9     2 
ATOM 706  C C8     . G  A 1 5 ? 0.158   -2.233  2.633   1.00 0.00 ? 5  G  A C8     2 
ATOM 707  N N7     . G  A 1 5 ? -0.643  -2.203  1.591   1.00 0.00 ? 5  G  A N7     2 
ATOM 708  C C5     . G  A 1 5 ? -0.291  -1.021  1.019   1.00 0.00 ? 5  G  A C5     2 
ATOM 709  C C6     . G  A 1 5 ? -0.791  -0.369  -0.166  1.00 0.00 ? 5  G  A C6     2 
ATOM 710  O O6     . G  A 1 5 ? -1.654  -0.796  -0.932  1.00 0.00 ? 5  G  A O6     2 
ATOM 711  N N1     . G  A 1 5 ? -0.169  0.814   -0.440  1.00 0.00 ? 5  G  A N1     2 
ATOM 712  C C2     . G  A 1 5 ? 0.807   1.323   0.313   1.00 0.00 ? 5  G  A C2     2 
ATOM 713  N N2     . G  A 1 5 ? 1.394   2.386   -0.123  1.00 0.00 ? 5  G  A N2     2 
ATOM 714  N N3     . G  A 1 5 ? 1.304   0.795   1.419   1.00 0.00 ? 5  G  A N3     2 
ATOM 715  C C4     . G  A 1 5 ? 0.711   -0.409  1.698   1.00 0.00 ? 5  G  A C4     2 
ATOM 716  H "H5'"  . G  A 1 5 ? 4.444   -3.616  5.364   1.00 0.00 ? 5  G  A "H5'"  2 
ATOM 717  H "H5''" . G  A 1 5 ? 4.345   -2.875  6.885   1.00 0.00 ? 5  G  A "H5''" 2 
ATOM 718  H "H4'"  . G  A 1 5 ? 4.241   -1.205  5.254   1.00 0.00 ? 5  G  A "H4'"  2 
ATOM 719  H "H3'"  . G  A 1 5 ? 2.143   -1.368  7.160   1.00 0.00 ? 5  G  A "H3'"  2 
ATOM 720  H "H2'"  . G  A 1 5 ? 0.804   -2.127  5.417   1.00 0.00 ? 5  G  A "H2'"  2 
ATOM 721  H "HO2'" . G  A 1 5 ? 0.358   0.564   5.619   1.00 0.00 ? 5  G  A "HO2'" 2 
ATOM 722  H "H1'"  . G  A 1 5 ? 2.268   0.023   3.810   1.00 0.00 ? 5  G  A "H1'"  2 
ATOM 723  H H8     . G  A 1 5 ? 0.289   -3.031  3.324   1.00 0.00 ? 5  G  A H8     2 
ATOM 724  H H1     . G  A 1 5 ? -0.406  1.297   -1.286  1.00 0.00 ? 5  G  A H1     2 
ATOM 725  H H21    . G  A 1 5 ? 1.099   2.811   -0.976  1.00 0.00 ? 5  G  A H21    2 
ATOM 726  H H22    . G  A 1 5 ? 2.164   2.773   0.389   1.00 0.00 ? 5  G  A H22    2 
ATOM 727  P P      . DG A 1 6 ? 3.336   0.909   7.694   1.00 0.00 ? 6  DG A P      2 
ATOM 728  O OP1    . DG A 1 6 ? 4.675   0.488   7.990   1.00 0.00 ? 6  DG A OP1    2 
ATOM 729  O OP2    . DG A 1 6 ? 2.264   0.601   8.586   1.00 0.00 ? 6  DG A OP2    2 
ATOM 730  O "O5'"  . DG A 1 6 ? 3.350   2.476   7.572   1.00 0.00 ? 6  DG A "O5'"  2 
ATOM 731  C "C5'"  . DG A 1 6 ? 4.490   3.195   7.089   1.00 0.00 ? 6  DG A "C5'"  2 
ATOM 732  C "C4'"  . DG A 1 6 ? 4.179   4.564   6.491   1.00 0.00 ? 6  DG A "C4'"  2 
ATOM 733  O "O4'"  . DG A 1 6 ? 3.601   4.430   5.208   1.00 0.00 ? 6  DG A "O4'"  2 
ATOM 734  C "C3'"  . DG A 1 6 ? 3.249   5.500   7.299   1.00 0.00 ? 6  DG A "C3'"  2 
ATOM 735  O "O3'"  . DG A 1 6 ? 3.693   6.850   7.164   1.00 0.00 ? 6  DG A "O3'"  2 
ATOM 736  C "C2'"  . DG A 1 6 ? 1.923   5.250   6.604   1.00 0.00 ? 6  DG A "C2'"  2 
ATOM 737  C "C1'"  . DG A 1 6 ? 2.274   4.889   5.188   1.00 0.00 ? 6  DG A "C1'"  2 
ATOM 738  N N9     . DG A 1 6 ? 1.364   3.876   4.599   1.00 0.00 ? 6  DG A N9     2 
ATOM 739  C C8     . DG A 1 6 ? 1.006   2.714   5.150   1.00 0.00 ? 6  DG A C8     2 
ATOM 740  N N7     . DG A 1 6 ? 0.032   2.154   4.568   1.00 0.00 ? 6  DG A N7     2 
ATOM 741  C C5     . DG A 1 6 ? -0.291  2.981   3.530   1.00 0.00 ? 6  DG A C5     2 
ATOM 742  C C6     . DG A 1 6 ? -1.261  2.891   2.481   1.00 0.00 ? 6  DG A C6     2 
ATOM 743  O O6     . DG A 1 6 ? -2.044  2.017   2.244   1.00 0.00 ? 6  DG A O6     2 
ATOM 744  N N1     . DG A 1 6 ? -1.267  3.960   1.626   1.00 0.00 ? 6  DG A N1     2 
ATOM 745  C C2     . DG A 1 6 ? -0.424  4.973   1.702   1.00 0.00 ? 6  DG A C2     2 
ATOM 746  N N2     . DG A 1 6 ? -0.506  5.903   0.809   1.00 0.00 ? 6  DG A N2     2 
ATOM 747  N N3     . DG A 1 6 ? 0.537   5.113   2.637   1.00 0.00 ? 6  DG A N3     2 
ATOM 748  C C4     . DG A 1 6 ? 0.535   4.082   3.530   1.00 0.00 ? 6  DG A C4     2 
ATOM 749  H "H5'"  . DG A 1 6 ? 4.935   2.646   6.275   1.00 0.00 ? 6  DG A "H5'"  2 
ATOM 750  H "H5''" . DG A 1 6 ? 5.181   3.275   7.906   1.00 0.00 ? 6  DG A "H5''" 2 
ATOM 751  H "H4'"  . DG A 1 6 ? 5.110   5.098   6.381   1.00 0.00 ? 6  DG A "H4'"  2 
ATOM 752  H "H3'"  . DG A 1 6 ? 3.254   5.191   8.327   1.00 0.00 ? 6  DG A "H3'"  2 
ATOM 753  H "H2'"  . DG A 1 6 ? 1.405   4.448   7.070   1.00 0.00 ? 6  DG A "H2'"  2 
ATOM 754  H "H2''" . DG A 1 6 ? 1.290   6.100   6.591   1.00 0.00 ? 6  DG A "H2''" 2 
ATOM 755  H "H1'"  . DG A 1 6 ? 2.221   5.794   4.616   1.00 0.00 ? 6  DG A "H1'"  2 
ATOM 756  H H8     . DG A 1 6 ? 1.500   2.328   6.027   1.00 0.00 ? 6  DG A H8     2 
ATOM 757  H H1     . DG A 1 6 ? -1.887  3.989   0.858   1.00 0.00 ? 6  DG A H1     2 
ATOM 758  H H21    . DG A 1 6 ? -1.185  5.895   0.090   1.00 0.00 ? 6  DG A H21    2 
ATOM 759  H H22    . DG A 1 6 ? 0.143   6.653   0.883   1.00 0.00 ? 6  DG A H22    2 
ATOM 760  P P      . DT A 1 7 ? 3.030   8.049   8.002   1.00 0.00 ? 7  DT A P      2 
ATOM 761  O OP1    . DT A 1 7 ? 4.030   9.104   8.168   1.00 0.00 ? 7  DT A OP1    2 
ATOM 762  O OP2    . DT A 1 7 ? 2.428   7.506   9.210   1.00 0.00 ? 7  DT A OP2    2 
ATOM 763  O "O5'"  . DT A 1 7 ? 1.860   8.581   7.116   1.00 0.00 ? 7  DT A "O5'"  2 
ATOM 764  C "C5'"  . DT A 1 7 ? 2.066   9.228   5.892   1.00 0.00 ? 7  DT A "C5'"  2 
ATOM 765  C "C4'"  . DT A 1 7 ? 0.774   9.584   5.171   1.00 0.00 ? 7  DT A "C4'"  2 
ATOM 766  O "O4'"  . DT A 1 7 ? 0.129   8.388   4.781   1.00 0.00 ? 7  DT A "O4'"  2 
ATOM 767  C "C3'"  . DT A 1 7 ? -0.206  10.429  5.953   1.00 0.00 ? 7  DT A "C3'"  2 
ATOM 768  O "O3'"  . DT A 1 7 ? -0.807  11.371  5.058   1.00 0.00 ? 7  DT A "O3'"  2 
ATOM 769  C "C2'"  . DT A 1 7 ? -1.191  9.373   6.406   1.00 0.00 ? 7  DT A "C2'"  2 
ATOM 770  C "C1'"  . DT A 1 7 ? -1.222  8.461   5.185   1.00 0.00 ? 7  DT A "C1'"  2 
ATOM 771  N N1     . DT A 1 7 ? -1.781  7.083   5.414   1.00 0.00 ? 7  DT A N1     2 
ATOM 772  C C2     . DT A 1 7 ? -2.639  6.560   4.430   1.00 0.00 ? 7  DT A C2     2 
ATOM 773  O O2     . DT A 1 7 ? -2.941  7.100   3.369   1.00 0.00 ? 7  DT A O2     2 
ATOM 774  N N3     . DT A 1 7 ? -3.062  5.263   4.706   1.00 0.00 ? 7  DT A N3     2 
ATOM 775  C C4     . DT A 1 7 ? -2.780  4.486   5.804   1.00 0.00 ? 7  DT A C4     2 
ATOM 776  O O4     . DT A 1 7 ? -3.246  3.352   5.894   1.00 0.00 ? 7  DT A O4     2 
ATOM 777  C C5     . DT A 1 7 ? -1.943  5.131   6.769   1.00 0.00 ? 7  DT A C5     2 
ATOM 778  C C7     . DT A 1 7 ? -1.526  4.369   8.013   1.00 0.00 ? 7  DT A C7     2 
ATOM 779  C C6     . DT A 1 7 ? -1.475  6.377   6.532   1.00 0.00 ? 7  DT A C6     2 
ATOM 780  H "H5'"  . DT A 1 7 ? 2.638   8.589   5.260   1.00 0.00 ? 7  DT A "H5'"  2 
ATOM 781  H "H5''" . DT A 1 7 ? 2.629   10.120  6.072   1.00 0.00 ? 7  DT A "H5''" 2 
ATOM 782  H "H4'"  . DT A 1 7 ? 0.994   10.102  4.272   1.00 0.00 ? 7  DT A "H4'"  2 
ATOM 783  H "H3'"  . DT A 1 7 ? 0.266   10.944  6.771   1.00 0.00 ? 7  DT A "H3'"  2 
ATOM 784  H "H2'"  . DT A 1 7 ? -0.824  8.875   7.290   1.00 0.00 ? 7  DT A "H2'"  2 
ATOM 785  H "H2''" . DT A 1 7 ? -2.147  9.792   6.636   1.00 0.00 ? 7  DT A "H2''" 2 
ATOM 786  H "H1'"  . DT A 1 7 ? -1.798  8.980   4.427   1.00 0.00 ? 7  DT A "H1'"  2 
ATOM 787  H H3     . DT A 1 7 ? -3.712  4.875   4.061   1.00 0.00 ? 7  DT A H3     2 
ATOM 788  H H71    . DT A 1 7 ? -1.190  3.388   7.786   1.00 0.00 ? 7  DT A H71    2 
ATOM 789  H H72    . DT A 1 7 ? -0.775  4.867   8.544   1.00 0.00 ? 7  DT A H72    2 
ATOM 790  H H73    . DT A 1 7 ? -2.372  4.263   8.638   1.00 0.00 ? 7  DT A H73    2 
ATOM 791  H H6     . DT A 1 7 ? -0.850  6.830   7.270   1.00 0.00 ? 7  DT A H6     2 
ATOM 792  P P      . DA A 1 8 ? -1.544  12.689  5.520   1.00 0.00 ? 8  DA A P      2 
ATOM 793  O OP1    . DA A 1 8 ? -0.668  13.807  5.287   1.00 0.00 ? 8  DA A OP1    2 
ATOM 794  O OP2    . DA A 1 8 ? -2.072  12.473  6.834   1.00 0.00 ? 8  DA A OP2    2 
ATOM 795  O "O5'"  . DA A 1 8 ? -2.833  12.764  4.576   1.00 0.00 ? 8  DA A "O5'"  2 
ATOM 796  C "C5'"  . DA A 1 8 ? -2.768  12.944  3.179   1.00 0.00 ? 8  DA A "C5'"  2 
ATOM 797  C "C4'"  . DA A 1 8 ? -4.119  12.778  2.466   1.00 0.00 ? 8  DA A "C4'"  2 
ATOM 798  O "O4'"  . DA A 1 8 ? -4.496  11.436  2.510   1.00 0.00 ? 8  DA A "O4'"  2 
ATOM 799  C "C3'"  . DA A 1 8 ? -5.281  13.571  3.004   1.00 0.00 ? 8  DA A "C3'"  2 
ATOM 800  O "O3'"  . DA A 1 8 ? -6.111  14.010  1.932   1.00 0.00 ? 8  DA A "O3'"  2 
ATOM 801  C "C2'"  . DA A 1 8 ? -5.921  12.574  3.939   1.00 0.00 ? 8  DA A "C2'"  2 
ATOM 802  C "C1'"  . DA A 1 8 ? -5.644  11.257  3.241   1.00 0.00 ? 8  DA A "C1'"  2 
ATOM 803  N N9     . DA A 1 8 ? -5.505  10.116  4.179   1.00 0.00 ? 8  DA A N9     2 
ATOM 804  C C8     . DA A 1 8 ? -4.759  10.081  5.313   1.00 0.00 ? 8  DA A C8     2 
ATOM 805  N N7     . DA A 1 8 ? -4.799  8.944   5.935   1.00 0.00 ? 8  DA A N7     2 
ATOM 806  C C5     . DA A 1 8 ? -5.695  8.210   5.166   1.00 0.00 ? 8  DA A C5     2 
ATOM 807  C C6     . DA A 1 8 ? -6.241  6.904   5.270   1.00 0.00 ? 8  DA A C6     2 
ATOM 808  N N6     . DA A 1 8 ? -5.962  6.070   6.254   1.00 0.00 ? 8  DA A N6     2 
ATOM 809  N N1     . DA A 1 8 ? -7.185  6.459   4.425   1.00 0.00 ? 8  DA A N1     2 
ATOM 810  C C2     . DA A 1 8 ? -7.567  7.288   3.444   1.00 0.00 ? 8  DA A C2     2 
ATOM 811  N N3     . DA A 1 8 ? -7.080  8.506   3.191   1.00 0.00 ? 8  DA A N3     2 
ATOM 812  C C4     . DA A 1 8 ? -6.122  8.911   4.095   1.00 0.00 ? 8  DA A C4     2 
ATOM 813  H "H5'"  . DA A 1 8 ? -2.055  12.291  2.713   1.00 0.00 ? 8  DA A "H5'"  2 
ATOM 814  H "H5''" . DA A 1 8 ? -2.412  13.936  2.943   1.00 0.00 ? 8  DA A "H5''" 2 
ATOM 815  H "H4'"  . DA A 1 8 ? -3.994  13.062  1.434   1.00 0.00 ? 8  DA A "H4'"  2 
ATOM 816  H "H3'"  . DA A 1 8 ? -4.897  14.421  3.534   1.00 0.00 ? 8  DA A "H3'"  2 
ATOM 817  H "H2'"  . DA A 1 8 ? -5.491  12.625  4.933   1.00 0.00 ? 8  DA A "H2'"  2 
ATOM 818  H "H2''" . DA A 1 8 ? -6.990  12.717  4.059   1.00 0.00 ? 8  DA A "H2''" 2 
ATOM 819  H "H1'"  . DA A 1 8 ? -6.475  11.073  2.582   1.00 0.00 ? 8  DA A "H1'"  2 
ATOM 820  H H8     . DA A 1 8 ? -4.148  10.905  5.603   1.00 0.00 ? 8  DA A H8     2 
ATOM 821  H H61    . DA A 1 8 ? -6.413  5.174   6.251   1.00 0.00 ? 8  DA A H61    2 
ATOM 822  H H62    . DA A 1 8 ? -5.336  6.319   6.988   1.00 0.00 ? 8  DA A H62    2 
ATOM 823  H H2     . DA A 1 8 ? -8.371  6.968   2.812   1.00 0.00 ? 8  DA A H2     2 
ATOM 824  P P      . DG A 1 9 ? -7.420  14.888  2.174   1.00 0.00 ? 9  DG A P      2 
ATOM 825  O OP1    . DG A 1 9 ? -7.722  15.514  0.871   1.00 0.00 ? 9  DG A OP1    2 
ATOM 826  O OP2    . DG A 1 9 ? -7.136  15.753  3.313   1.00 0.00 ? 9  DG A OP2    2 
ATOM 827  O "O5'"  . DG A 1 9 ? -8.576  13.855  2.562   1.00 0.00 ? 9  DG A "O5'"  2 
ATOM 828  C "C5'"  . DG A 1 9 ? -9.141  12.968  1.655   1.00 0.00 ? 9  DG A "C5'"  2 
ATOM 829  C "C4'"  . DG A 1 9 ? -10.008 11.945  2.383   1.00 0.00 ? 9  DG A "C4'"  2 
ATOM 830  O "O4'"  . DG A 1 9 ? -9.267  11.081  3.237   1.00 0.00 ? 9  DG A "O4'"  2 
ATOM 831  C "C3'"  . DG A 1 9 ? -11.231 12.424  3.116   1.00 0.00 ? 9  DG A "C3'"  2 
ATOM 832  O "O3'"  . DG A 1 9 ? -12.361 11.994  2.460   1.00 0.00 ? 9  DG A "O3'"  2 
ATOM 833  C "C2'"  . DG A 1 9 ? -11.133 11.689  4.455   1.00 0.00 ? 9  DG A "C2'"  2 
ATOM 834  C "C1'"  . DG A 1 9 ? -10.243 10.488  4.101   1.00 0.00 ? 9  DG A "C1'"  2 
ATOM 835  N N9     . DG A 1 9 ? -9.587  9.949   5.297   1.00 0.00 ? 9  DG A N9     2 
ATOM 836  C C8     . DG A 1 9 ? -8.702  10.555  6.120   1.00 0.00 ? 9  DG A C8     2 
ATOM 837  N N7     . DG A 1 9 ? -8.280  9.830   7.102   1.00 0.00 ? 9  DG A N7     2 
ATOM 838  C C5     . DG A 1 9 ? -8.962  8.619   6.876   1.00 0.00 ? 9  DG A C5     2 
ATOM 839  C C6     . DG A 1 9 ? -8.946  7.407   7.655   1.00 0.00 ? 9  DG A C6     2 
ATOM 840  O O6     . DG A 1 9 ? -8.343  7.144   8.669   1.00 0.00 ? 9  DG A O6     2 
ATOM 841  N N1     . DG A 1 9 ? -9.835  6.459   7.204   1.00 0.00 ? 9  DG A N1     2 
ATOM 842  C C2     . DG A 1 9 ? -10.603 6.653   6.131   1.00 0.00 ? 9  DG A C2     2 
ATOM 843  N N2     . DG A 1 9 ? -11.387 5.645   5.838   1.00 0.00 ? 9  DG A N2     2 
ATOM 844  N N3     . DG A 1 9 ? -10.619 7.717   5.356   1.00 0.00 ? 9  DG A N3     2 
ATOM 845  C C4     . DG A 1 9 ? -9.772  8.697   5.825   1.00 0.00 ? 9  DG A C4     2 
ATOM 846  H "H5'"  . DG A 1 9 ? -8.352  12.486  1.114   1.00 0.00 ? 9  DG A "H5'"  2 
ATOM 847  H "H5''" . DG A 1 9 ? -9.748  13.479  0.933   1.00 0.00 ? 9  DG A "H5''" 2 
ATOM 848  H "H4'"  . DG A 1 9 ? -10.384 11.364  1.549   1.00 0.00 ? 9  DG A "H4'"  2 
ATOM 849  H "H3'"  . DG A 1 9 ? -11.277 13.492  3.109   1.00 0.00 ? 9  DG A "H3'"  2 
ATOM 850  H "HO3'" . DG A 1 9 ? -12.711 11.436  2.649   1.00 0.00 ? 9  DG A "HO3'" 2 
ATOM 851  H "H2'"  . DG A 1 9 ? -10.666 12.264  5.245   1.00 0.00 ? 9  DG A "H2'"  2 
ATOM 852  H "H2''" . DG A 1 9 ? -12.115 11.431  4.821   1.00 0.00 ? 9  DG A "H2''" 2 
ATOM 853  H "H1'"  . DG A 1 9 ? -10.691 9.680   3.534   1.00 0.00 ? 9  DG A "H1'"  2 
ATOM 854  H H8     . DG A 1 9 ? -8.405  11.564  5.952   1.00 0.00 ? 9  DG A H8     2 
ATOM 855  H H1     . DG A 1 9 ? -9.897  5.597   7.712   1.00 0.00 ? 9  DG A H1     2 
ATOM 856  H H21    . DG A 1 9 ? -11.382 4.821   6.383   1.00 0.00 ? 9  DG A H21    2 
ATOM 857  H H22    . DG A 1 9 ? -11.847 5.679   4.968   1.00 0.00 ? 9  DG A H22    2 
ATOM 858  O "O5'"  . DC B 2 1 ? -10.694 -2.492  10.437  1.00 0.00 ? 10 DC B "O5'"  2 
ATOM 859  C "C5'"  . DC B 2 1 ? -11.996 -2.611  9.827   1.00 0.00 ? 10 DC B "C5'"  2 
ATOM 860  C "C4'"  . DC B 2 1 ? -12.294 -1.578  8.754   1.00 0.00 ? 10 DC B "C4'"  2 
ATOM 861  O "O4'"  . DC B 2 1 ? -12.278 -0.263  9.303   1.00 0.00 ? 10 DC B "O4'"  2 
ATOM 862  C "C3'"  . DC B 2 1 ? -11.300 -1.603  7.609   1.00 0.00 ? 10 DC B "C3'"  2 
ATOM 863  O "O3'"  . DC B 2 1 ? -11.701 -2.517  6.579   1.00 0.00 ? 10 DC B "O3'"  2 
ATOM 864  C "C2'"  . DC B 2 1 ? -11.395 -0.122  7.134   1.00 0.00 ? 10 DC B "C2'"  2 
ATOM 865  C "C1'"  . DC B 2 1 ? -12.008 0.678   8.282   1.00 0.00 ? 10 DC B "C1'"  2 
ATOM 866  N N1     . DC B 2 1 ? -10.967 1.663   8.705   1.00 0.00 ? 10 DC B N1     2 
ATOM 867  C C2     . DC B 2 1 ? -10.890 2.898   8.083   1.00 0.00 ? 10 DC B C2     2 
ATOM 868  O O2     . DC B 2 1 ? -11.711 3.246   7.251   1.00 0.00 ? 10 DC B O2     2 
ATOM 869  N N3     . DC B 2 1 ? -9.866  3.726   8.337   1.00 0.00 ? 10 DC B N3     2 
ATOM 870  C C4     . DC B 2 1 ? -8.909  3.360   9.161   1.00 0.00 ? 10 DC B C4     2 
ATOM 871  N N4     . DC B 2 1 ? -7.959  4.221   9.361   1.00 0.00 ? 10 DC B N4     2 
ATOM 872  C C5     . DC B 2 1 ? -8.956  2.131   9.832   1.00 0.00 ? 10 DC B C5     2 
ATOM 873  C C6     . DC B 2 1 ? -10.011 1.327   9.577   1.00 0.00 ? 10 DC B C6     2 
ATOM 874  H "H5'"  . DC B 2 1 ? -12.757 -2.529  10.569  1.00 0.00 ? 10 DC B "H5'"  2 
ATOM 875  H "H5''" . DC B 2 1 ? -12.091 -3.552  9.375   1.00 0.00 ? 10 DC B "H5''" 2 
ATOM 876  H "H4'"  . DC B 2 1 ? -13.267 -1.762  8.315   1.00 0.00 ? 10 DC B "H4'"  2 
ATOM 877  H "H3'"  . DC B 2 1 ? -10.335 -1.853  8.021   1.00 0.00 ? 10 DC B "H3'"  2 
ATOM 878  H "H2'"  . DC B 2 1 ? -10.442 0.239   6.831   1.00 0.00 ? 10 DC B "H2'"  2 
ATOM 879  H "H2''" . DC B 2 1 ? -12.015 -0.060  6.271   1.00 0.00 ? 10 DC B "H2''" 2 
ATOM 880  H "H1'"  . DC B 2 1 ? -12.930 1.176   8.018   1.00 0.00 ? 10 DC B "H1'"  2 
ATOM 881  H H41    . DC B 2 1 ? -8.114  5.110   8.938   1.00 0.00 ? 10 DC B H41    2 
ATOM 882  H H42    . DC B 2 1 ? -7.237  4.085   9.989   1.00 0.00 ? 10 DC B H42    2 
ATOM 883  H H5     . DC B 2 1 ? -8.220  1.871   10.549  1.00 0.00 ? 10 DC B H5     2 
ATOM 884  H H6     . DC B 2 1 ? -10.121 0.367   10.004  1.00 0.00 ? 10 DC B H6     2 
ATOM 885  H H5T    . DC B 2 1 ? -10.146 -3.147  10.075  1.00 0.00 ? 10 DC B H5T    2 
ATOM 886  P P      . DT B 2 2 ? -10.738 -2.849  5.380   1.00 0.00 ? 11 DT B P      2 
ATOM 887  O OP1    . DT B 2 2 ? -11.217 -4.105  4.823   1.00 0.00 ? 11 DT B OP1    2 
ATOM 888  O OP2    . DT B 2 2 ? -9.356  -2.765  5.829   1.00 0.00 ? 11 DT B OP2    2 
ATOM 889  O "O5'"  . DT B 2 2 ? -10.989 -1.705  4.296   1.00 0.00 ? 11 DT B "O5'"  2 
ATOM 890  C "C5'"  . DT B 2 2 ? -12.245 -1.511  3.688   1.00 0.00 ? 11 DT B "C5'"  2 
ATOM 891  C "C4'"  . DT B 2 2 ? -12.277 -0.218  2.839   1.00 0.00 ? 11 DT B "C4'"  2 
ATOM 892  O "O4'"  . DT B 2 2 ? -11.926 0.880   3.660   1.00 0.00 ? 11 DT B "O4'"  2 
ATOM 893  C "C3'"  . DT B 2 2 ? -11.388 -0.243  1.630   1.00 0.00 ? 11 DT B "C3'"  2 
ATOM 894  O "O3'"  . DT B 2 2 ? -11.972 -0.041  0.434   1.00 0.00 ? 11 DT B "O3'"  2 
ATOM 895  C "C2'"  . DT B 2 2 ? -10.574 0.800   1.941   1.00 0.00 ? 11 DT B "C2'"  2 
ATOM 896  C "C1'"  . DT B 2 2 ? -10.990 1.643   2.996   1.00 0.00 ? 11 DT B "C1'"  2 
ATOM 897  N N1     . DT B 2 2 ? -9.886  2.136   3.829   1.00 0.00 ? 11 DT B N1     2 
ATOM 898  C C2     . DT B 2 2 ? -9.557  3.474   3.853   1.00 0.00 ? 11 DT B C2     2 
ATOM 899  O O2     . DT B 2 2 ? -10.070 4.272   3.093   1.00 0.00 ? 11 DT B O2     2 
ATOM 900  N N3     . DT B 2 2 ? -8.523  3.849   4.696   1.00 0.00 ? 11 DT B N3     2 
ATOM 901  C C4     . DT B 2 2 ? -7.831  3.003   5.477   1.00 0.00 ? 11 DT B C4     2 
ATOM 902  O O4     . DT B 2 2 ? -6.934  3.480   6.164   1.00 0.00 ? 11 DT B O4     2 
ATOM 903  C C5     . DT B 2 2 ? -8.280  1.624   5.436   1.00 0.00 ? 11 DT B C5     2 
ATOM 904  C C7     . DT B 2 2 ? -7.617  0.549   6.279   1.00 0.00 ? 11 DT B C7     2 
ATOM 905  C C6     . DT B 2 2 ? -9.269  1.233   4.609   1.00 0.00 ? 11 DT B C6     2 
ATOM 906  H "H5'"  . DT B 2 2 ? -13.040 -1.448  4.368   1.00 0.00 ? 11 DT B "H5'"  2 
ATOM 907  H "H5''" . DT B 2 2 ? -12.493 -2.281  3.012   1.00 0.00 ? 11 DT B "H5''" 2 
ATOM 908  H "H4'"  . DT B 2 2 ? -13.290 -0.053  2.496   1.00 0.00 ? 11 DT B "H4'"  2 
ATOM 909  H "H3'"  . DT B 2 2 ? -10.854 -1.053  1.567   1.00 0.00 ? 11 DT B "H3'"  2 
ATOM 910  H "H2'"  . DT B 2 2 ? -9.841  0.570   2.100   1.00 0.00 ? 11 DT B "H2'"  2 
ATOM 911  H "H2''" . DT B 2 2 ? -10.602 1.200   1.243   1.00 0.00 ? 11 DT B "H2''" 2 
ATOM 912  H "H1'"  . DT B 2 2 ? -11.456 2.428   2.617   1.00 0.00 ? 11 DT B "H1'"  2 
ATOM 913  H H3     . DT B 2 2 ? -8.188  4.793   4.649   1.00 0.00 ? 11 DT B H3     2 
ATOM 914  H H71    . DT B 2 2 ? -7.718  0.144   6.622   1.00 0.00 ? 11 DT B H71    2 
ATOM 915  H H72    . DT B 2 2 ? -7.314  0.186   6.131   1.00 0.00 ? 11 DT B H72    2 
ATOM 916  H H73    . DT B 2 2 ? -7.222  0.538   6.639   1.00 0.00 ? 11 DT B H73    2 
ATOM 917  H H6     . DT B 2 2 ? -9.603  0.214   4.595   1.00 0.00 ? 11 DT B H6     2 
ATOM 918  P P      . DA B 2 3 ? -11.175 -0.142  -0.943  1.00 0.00 ? 12 DA B P      2 
ATOM 919  O OP1    . DA B 2 3 ? -12.234 -0.249  -1.952  1.00 0.00 ? 12 DA B OP1    2 
ATOM 920  O OP2    . DA B 2 3 ? -10.121 -1.169  -0.839  1.00 0.00 ? 12 DA B OP2    2 
ATOM 921  O "O5'"  . DA B 2 3 ? -10.434 1.246   -1.131  1.00 0.00 ? 12 DA B "O5'"  2 
ATOM 922  C "C5'"  . DA B 2 3 ? -11.122 2.423   -1.551  1.00 0.00 ? 12 DA B "C5'"  2 
ATOM 923  C "C4'"  . DA B 2 3 ? -10.283 3.586   -1.978  1.00 0.00 ? 12 DA B "C4'"  2 
ATOM 924  O "O4'"  . DA B 2 3 ? -9.430  3.995   -0.957  1.00 0.00 ? 12 DA B "O4'"  2 
ATOM 925  C "C3'"  . DA B 2 3 ? -9.431  3.225   -3.145  1.00 0.00 ? 12 DA B "C3'"  2 
ATOM 926  O "O3'"  . DA B 2 3 ? -9.435  4.239   -4.126  1.00 0.00 ? 12 DA B "O3'"  2 
ATOM 927  C "C2'"  . DA B 2 3 ? -8.100  2.912   -2.532  1.00 0.00 ? 12 DA B "C2'"  2 
ATOM 928  C "C1'"  . DA B 2 3 ? -8.094  3.727   -1.256  1.00 0.00 ? 12 DA B "C1'"  2 
ATOM 929  N N9     . DA B 2 3 ? -7.430  3.029   -0.098  1.00 0.00 ? 12 DA B N9     2 
ATOM 930  C C8     . DA B 2 3 ? -7.524  1.721   0.288   1.00 0.00 ? 12 DA B C8     2 
ATOM 931  N N7     . DA B 2 3 ? -6.879  1.414   1.380   1.00 0.00 ? 12 DA B N7     2 
ATOM 932  C C5     . DA B 2 3 ? -6.266  2.626   1.702   1.00 0.00 ? 12 DA B C5     2 
ATOM 933  C C6     . DA B 2 3 ? -5.381  3.035   2.715   1.00 0.00 ? 12 DA B C6     2 
ATOM 934  N N6     . DA B 2 3 ? -4.940  2.299   3.722   1.00 0.00 ? 12 DA B N6     2 
ATOM 935  N N1     . DA B 2 3 ? -4.912  4.256   2.758   1.00 0.00 ? 12 DA B N1     2 
ATOM 936  C C2     . DA B 2 3 ? -5.271  5.083   1.802   1.00 0.00 ? 12 DA B C2     2 
ATOM 937  N N3     . DA B 2 3 ? -6.105  4.867   0.809   1.00 0.00 ? 12 DA B N3     2 
ATOM 938  C C4     . DA B 2 3 ? -6.570  3.597   0.800   1.00 0.00 ? 12 DA B C4     2 
ATOM 939  H "H5'"  . DA B 2 3 ? -11.755 2.733   -0.764  1.00 0.00 ? 12 DA B "H5'"  2 
ATOM 940  H "H5''" . DA B 2 3 ? -11.770 2.165   -2.356  1.00 0.00 ? 12 DA B "H5''" 2 
ATOM 941  H "H4'"  . DA B 2 3 ? -10.959 4.392   -2.210  1.00 0.00 ? 12 DA B "H4'"  2 
ATOM 942  H "H3'"  . DA B 2 3 ? -9.855  2.367   -3.574  1.00 0.00 ? 12 DA B "H3'"  2 
ATOM 943  H "H2'"  . DA B 2 3 ? -8.044  1.860   -2.319  1.00 0.00 ? 12 DA B "H2'"  2 
ATOM 944  H "H2''" . DA B 2 3 ? -7.296  3.209   -3.171  1.00 0.00 ? 12 DA B "H2''" 2 
ATOM 945  H "H1'"  . DA B 2 3 ? -7.578  4.627   -1.447  1.00 0.00 ? 12 DA B "H1'"  2 
ATOM 946  H H8     . DA B 2 3 ? -8.114  1.046   -0.295  1.00 0.00 ? 12 DA B H8     2 
ATOM 947  H H61    . DA B 2 3 ? -4.329  2.740   4.376   1.00 0.00 ? 12 DA B H61    2 
ATOM 948  H H62    . DA B 2 3 ? -5.154  1.320   3.746   1.00 0.00 ? 12 DA B H62    2 
ATOM 949  H H2     . DA B 2 3 ? -4.815  6.053   1.862   1.00 0.00 ? 12 DA B H2     2 
ATOM 950  P P      . DC B 2 4 ? -8.633  4.184   -5.495  1.00 0.00 ? 13 DC B P      2 
ATOM 951  O OP1    . DC B 2 4 ? -9.459  4.902   -6.466  1.00 0.00 ? 13 DC B OP1    2 
ATOM 952  O OP2    . DC B 2 4 ? -8.286  2.781   -5.778  1.00 0.00 ? 13 DC B OP2    2 
ATOM 953  O "O5'"  . DC B 2 4 ? -7.283  5.018   -5.195  1.00 0.00 ? 13 DC B "O5'"  2 
ATOM 954  C "C5'"  . DC B 2 4 ? -7.373  6.378   -4.842  1.00 0.00 ? 13 DC B "C5'"  2 
ATOM 955  C "C4'"  . DC B 2 4 ? -6.039  6.991   -4.550  1.00 0.00 ? 13 DC B "C4'"  2 
ATOM 956  O "O4'"  . DC B 2 4 ? -5.485  6.503   -3.346  1.00 0.00 ? 13 DC B "O4'"  2 
ATOM 957  C "C3'"  . DC B 2 4 ? -4.958  6.844   -5.626  1.00 0.00 ? 13 DC B "C3'"  2 
ATOM 958  O "O3'"  . DC B 2 4 ? -4.411  8.137   -5.870  1.00 0.00 ? 13 DC B "O3'"  2 
ATOM 959  C "C2'"  . DC B 2 4 ? -3.992  5.889   -4.982  1.00 0.00 ? 13 DC B "C2'"  2 
ATOM 960  C "C1'"  . DC B 2 4 ? -4.143  6.141   -3.487  1.00 0.00 ? 13 DC B "C1'"  2 
ATOM 961  N N1     . DC B 2 4 ? -3.897  4.913   -2.690  1.00 0.00 ? 13 DC B N1     2 
ATOM 962  C C2     . DC B 2 4 ? -3.120  4.964   -1.542  1.00 0.00 ? 13 DC B C2     2 
ATOM 963  O O2     . DC B 2 4 ? -2.429  5.937   -1.252  1.00 0.00 ? 13 DC B O2     2 
ATOM 964  N N3     . DC B 2 4 ? -3.062  3.910   -0.679  1.00 0.00 ? 13 DC B N3     2 
ATOM 965  C C4     . DC B 2 4 ? -3.732  2.821   -0.961  1.00 0.00 ? 13 DC B C4     2 
ATOM 966  N N4     . DC B 2 4 ? -3.691  1.874   -0.111  1.00 0.00 ? 13 DC B N4     2 
ATOM 967  C C5     . DC B 2 4 ? -4.551  2.720   -2.126  1.00 0.00 ? 13 DC B C5     2 
ATOM 968  C C6     . DC B 2 4 ? -4.581  3.794   -2.964  1.00 0.00 ? 13 DC B C6     2 
ATOM 969  H "H5'"  . DC B 2 4 ? -7.951  6.475   -3.945  1.00 0.00 ? 13 DC B "H5'"  2 
ATOM 970  H "H5''" . DC B 2 4 ? -7.822  6.939   -5.639  1.00 0.00 ? 13 DC B "H5''" 2 
ATOM 971  H "H4'"  . DC B 2 4 ? -6.192  8.051   -4.418  1.00 0.00 ? 13 DC B "H4'"  2 
ATOM 972  H "H3'"  . DC B 2 4 ? -5.399  6.437   -6.519  1.00 0.00 ? 13 DC B "H3'"  2 
ATOM 973  H "H2'"  . DC B 2 4 ? -4.347  4.915   -5.261  1.00 0.00 ? 13 DC B "H2'"  2 
ATOM 974  H "H2''" . DC B 2 4 ? -2.969  6.042   -5.235  1.00 0.00 ? 13 DC B "H2''" 2 
ATOM 975  H "H1'"  . DC B 2 4 ? -3.526  6.949   -3.185  1.00 0.00 ? 13 DC B "H1'"  2 
ATOM 976  H H41    . DC B 2 4 ? -3.084  2.006   0.677   1.00 0.00 ? 13 DC B H41    2 
ATOM 977  H H42    . DC B 2 4 ? -4.151  1.014   -0.329  1.00 0.00 ? 13 DC B H42    2 
ATOM 978  H H5     . DC B 2 4 ? -5.118  1.843   -2.338  1.00 0.00 ? 13 DC B H5     2 
ATOM 979  H H6     . DC B 2 4 ? -5.192  3.785   -3.848  1.00 0.00 ? 13 DC B H6     2 
ATOM 980  P P      . DC B 2 5 ? -3.456  8.466   -7.108  1.00 0.00 ? 14 DC B P      2 
ATOM 981  O OP1    . DC B 2 5 ? -3.238  9.905   -7.158  1.00 0.00 ? 14 DC B OP1    2 
ATOM 982  O OP2    . DC B 2 5 ? -3.995  7.770   -8.254  1.00 0.00 ? 14 DC B OP2    2 
ATOM 983  O "O5'"  . DC B 2 5 ? -2.069  7.781   -6.758  1.00 0.00 ? 14 DC B "O5'"  2 
ATOM 984  C "C5'"  . DC B 2 5 ? -1.206  8.267   -5.740  1.00 0.00 ? 14 DC B "C5'"  2 
ATOM 985  C "C4'"  . DC B 2 5 ? -0.113  7.314   -5.340  1.00 0.00 ? 14 DC B "C4'"  2 
ATOM 986  O "O4'"  . DC B 2 5 ? -0.595  6.228   -4.574  1.00 0.00 ? 14 DC B "O4'"  2 
ATOM 987  C "C3'"  . DC B 2 5 ? 0.783   6.765   -6.442  1.00 0.00 ? 14 DC B "C3'"  2 
ATOM 988  O "O3'"  . DC B 2 5 ? 2.087   7.256   -6.359  1.00 0.00 ? 14 DC B "O3'"  2 
ATOM 989  C "C2'"  . DC B 2 5 ? 0.656   5.286   -6.190  1.00 0.00 ? 14 DC B "C2'"  2 
ATOM 990  C "C1'"  . DC B 2 5 ? 0.237   5.137   -4.785  1.00 0.00 ? 14 DC B "C1'"  2 
ATOM 991  N N1     . DC B 2 5 ? -0.476  3.896   -4.435  1.00 0.00 ? 14 DC B N1     2 
ATOM 992  C C2     . DC B 2 5 ? -0.143  3.186   -3.276  1.00 0.00 ? 14 DC B C2     2 
ATOM 993  O O2     . DC B 2 5 ? 0.703   3.616   -2.494  1.00 0.00 ? 14 DC B O2     2 
ATOM 994  N N3     . DC B 2 5 ? -0.747  2.007   -3.003  1.00 0.00 ? 14 DC B N3     2 
ATOM 995  C C4     . DC B 2 5 ? -1.640  1.542   -3.823  1.00 0.00 ? 14 DC B C4     2 
ATOM 996  N N4     . DC B 2 5 ? -2.216  0.437   -3.502  1.00 0.00 ? 14 DC B N4     2 
ATOM 997  C C5     . DC B 2 5 ? -2.025  2.221   -5.007  1.00 0.00 ? 14 DC B C5     2 
ATOM 998  C C6     . DC B 2 5 ? -1.446  3.421   -5.256  1.00 0.00 ? 14 DC B C6     2 
ATOM 999  H "H5'"  . DC B 2 5 ? -1.799  8.499   -4.875  1.00 0.00 ? 14 DC B "H5'"  2 
ATOM 1000 H "H5''" . DC B 2 5 ? -0.721  9.160   -6.093  1.00 0.00 ? 14 DC B "H5''" 2 
ATOM 1001 H "H4'"  . DC B 2 5 ? 0.527   7.879   -4.676  1.00 0.00 ? 14 DC B "H4'"  2 
ATOM 1002 H "H3'"  . DC B 2 5 ? 0.416   7.061   -7.398  1.00 0.00 ? 14 DC B "H3'"  2 
ATOM 1003 H "H2'"  . DC B 2 5 ? -0.068  4.875   -6.816  1.00 0.00 ? 14 DC B "H2'"  2 
ATOM 1004 H "H2''" . DC B 2 5 ? 1.527   4.727   -6.289  1.00 0.00 ? 14 DC B "H2''" 2 
ATOM 1005 H "H1'"  . DC B 2 5 ? 1.062   5.243   -4.131  1.00 0.00 ? 14 DC B "H1'"  2 
ATOM 1006 H H41    . DC B 2 5 ? -1.991  0.001   -2.647  1.00 0.00 ? 14 DC B H41    2 
ATOM 1007 H H42    . DC B 2 5 ? -2.883  0.063   -4.100  1.00 0.00 ? 14 DC B H42    2 
ATOM 1008 H H5     . DC B 2 5 ? -2.795  1.864   -5.652  1.00 0.00 ? 14 DC B H5     2 
ATOM 1009 H H6     . DC B 2 5 ? -1.772  4.057   -6.056  1.00 0.00 ? 14 DC B H6     2 
ATOM 1010 P P      . DG B 2 6 ? 3.319   6.686   -7.202  1.00 0.00 ? 15 DG B P      2 
ATOM 1011 O OP1    . DG B 2 6 ? 4.234   7.813   -7.391  1.00 0.00 ? 15 DG B OP1    2 
ATOM 1012 O OP2    . DG B 2 6 ? 2.841   5.907   -8.348  1.00 0.00 ? 15 DG B OP2    2 
ATOM 1013 O "O5'"  . DG B 2 6 ? 3.953   5.681   -6.162  1.00 0.00 ? 15 DG B "O5'"  2 
ATOM 1014 C "C5'"  . DG B 2 6 ? 4.367   6.154   -4.901  1.00 0.00 ? 15 DG B "C5'"  2 
ATOM 1015 C "C4'"  . DG B 2 6 ? 4.819   5.089   -3.918  1.00 0.00 ? 15 DG B "C4'"  2 
ATOM 1016 O "O4'"  . DG B 2 6 ? 3.778   4.247   -3.562  1.00 0.00 ? 15 DG B "O4'"  2 
ATOM 1017 C "C3'"  . DG B 2 6 ? 5.972   4.229   -4.401  1.00 0.00 ? 15 DG B "C3'"  2 
ATOM 1018 O "O3'"  . DG B 2 6 ? 7.174   4.331   -3.646  1.00 0.00 ? 15 DG B "O3'"  2 
ATOM 1019 C "C2'"  . DG B 2 6 ? 5.389   2.831   -4.339  1.00 0.00 ? 15 DG B "C2'"  2 
ATOM 1020 C "C1'"  . DG B 2 6 ? 4.276   2.946   -3.359  1.00 0.00 ? 15 DG B "C1'"  2 
ATOM 1021 N N9     . DG B 2 6 ? 3.308   1.829   -3.614  1.00 0.00 ? 15 DG B N9     2 
ATOM 1022 C C8     . DG B 2 6 ? 2.552   1.609   -4.699  1.00 0.00 ? 15 DG B C8     2 
ATOM 1023 N N7     . DG B 2 6 ? 1.903   0.480   -4.711  1.00 0.00 ? 15 DG B N7     2 
ATOM 1024 C C5     . DG B 2 6 ? 2.237   -0.109  -3.513  1.00 0.00 ? 15 DG B C5     2 
ATOM 1025 C C6     . DG B 2 6 ? 1.829   -1.333  -2.931  1.00 0.00 ? 15 DG B C6     2 
ATOM 1026 O O6     . DG B 2 6 ? 1.054   -2.169  -3.289  1.00 0.00 ? 15 DG B O6     2 
ATOM 1027 N N1     . DG B 2 6 ? 2.475   -1.574  -1.752  1.00 0.00 ? 15 DG B N1     2 
ATOM 1028 C C2     . DG B 2 6 ? 3.421   -0.747  -1.213  1.00 0.00 ? 15 DG B C2     2 
ATOM 1029 N N2     . DG B 2 6 ? 3.912   -1.121  -0.152  1.00 0.00 ? 15 DG B N2     2 
ATOM 1030 N N3     . DG B 2 6 ? 3.789   0.404   -1.735  1.00 0.00 ? 15 DG B N3     2 
ATOM 1031 C C4     . DG B 2 6 ? 3.140   0.705   -2.869  1.00 0.00 ? 15 DG B C4     2 
ATOM 1032 H "H5'"  . DG B 2 6 ? 3.618   6.752   -4.414  1.00 0.00 ? 15 DG B "H5'"  2 
ATOM 1033 H "H5''" . DG B 2 6 ? 5.153   6.847   -5.056  1.00 0.00 ? 15 DG B "H5''" 2 
ATOM 1034 H "H4'"  . DG B 2 6 ? 5.181   5.621   -3.062  1.00 0.00 ? 15 DG B "H4'"  2 
ATOM 1035 H "H3'"  . DG B 2 6 ? 6.170   4.520   -5.414  1.00 0.00 ? 15 DG B "H3'"  2 
ATOM 1036 H "H2'"  . DG B 2 6 ? 5.033   2.549   -5.260  1.00 0.00 ? 15 DG B "H2'"  2 
ATOM 1037 H "H2''" . DG B 2 6 ? 6.092   2.151   -4.003  1.00 0.00 ? 15 DG B "H2''" 2 
ATOM 1038 H "H1'"  . DG B 2 6 ? 4.630   2.855   -2.365  1.00 0.00 ? 15 DG B "H1'"  2 
ATOM 1039 H H8     . DG B 2 6 ? 2.583   2.283   -5.529  1.00 0.00 ? 15 DG B H8     2 
ATOM 1040 H H1     . DG B 2 6 ? 2.326   -2.459  -1.301  1.00 0.00 ? 15 DG B H1     2 
ATOM 1041 H H21    . DG B 2 6 ? 3.693   -2.018  0.239   1.00 0.00 ? 15 DG B H21    2 
ATOM 1042 H H22    . DG B 2 6 ? 4.494   -0.494  0.284   1.00 0.00 ? 15 DG B H22    2 
ATOM 1043 P P      . DG B 2 7 ? 8.576   3.873   -4.298  1.00 0.00 ? 16 DG B P      2 
ATOM 1044 O OP1    . DG B 2 7 ? 9.448   5.047   -4.376  1.00 0.00 ? 16 DG B OP1    2 
ATOM 1045 O OP2    . DG B 2 7 ? 8.292   3.130   -5.526  1.00 0.00 ? 16 DG B OP2    2 
ATOM 1046 O "O5'"  . DG B 2 7 ? 9.246   2.848   -3.287  1.00 0.00 ? 16 DG B "O5'"  2 
ATOM 1047 C "C5'"  . DG B 2 7 ? 9.436   3.192   -1.936  1.00 0.00 ? 16 DG B "C5'"  2 
ATOM 1048 C "C4'"  . DG B 2 7 ? 9.896   1.965   -1.136  1.00 0.00 ? 16 DG B "C4'"  2 
ATOM 1049 O "O4'"  . DG B 2 7 ? 8.875   1.006   -0.997  1.00 0.00 ? 16 DG B "O4'"  2 
ATOM 1050 C "C3'"  . DG B 2 7 ? 11.117  1.239   -1.700  1.00 0.00 ? 16 DG B "C3'"  2 
ATOM 1051 O "O3'"  . DG B 2 7 ? 11.951  0.834   -0.622  1.00 0.00 ? 16 DG B "O3'"  2 
ATOM 1052 C "C2'"  . DG B 2 7 ? 10.513  0.117   -2.495  1.00 0.00 ? 16 DG B "C2'"  2 
ATOM 1053 C "C1'"  . DG B 2 7 ? 9.263   -0.167  -1.662  1.00 0.00 ? 16 DG B "C1'"  2 
ATOM 1054 N N9     . DG B 2 7 ? 8.104   -0.602  -2.513  1.00 0.00 ? 16 DG B N9     2 
ATOM 1055 C C8     . DG B 2 7 ? 7.706   -0.099  -3.714  1.00 0.00 ? 16 DG B C8     2 
ATOM 1056 N N7     . DG B 2 7 ? 6.698   -0.706  -4.276  1.00 0.00 ? 16 DG B N7     2 
ATOM 1057 C C5     . DG B 2 7 ? 6.451   -1.752  -3.383  1.00 0.00 ? 16 DG B C5     2 
ATOM 1058 C C6     . DG B 2 7 ? 5.501   -2.831  -3.422  1.00 0.00 ? 16 DG B C6     2 
ATOM 1059 O O6     . DG B 2 7 ? 4.621   -3.053  -4.263  1.00 0.00 ? 16 DG B O6     2 
ATOM 1060 N N1     . DG B 2 7 ? 5.619   -3.696  -2.352  1.00 0.00 ? 16 DG B N1     2 
ATOM 1061 C C2     . DG B 2 7 ? 6.497   -3.561  -1.334  1.00 0.00 ? 16 DG B C2     2 
ATOM 1062 N N2     . DG B 2 7 ? 6.555   -4.475  -0.415  1.00 0.00 ? 16 DG B N2     2 
ATOM 1063 N N3     . DG B 2 7 ? 7.435   -2.617  -1.317  1.00 0.00 ? 16 DG B N3     2 
ATOM 1064 C C4     . DG B 2 7 ? 7.346   -1.724  -2.336  1.00 0.00 ? 16 DG B C4     2 
ATOM 1065 H "H5'"  . DG B 2 7 ? 8.509   3.535   -1.532  1.00 0.00 ? 16 DG B "H5'"  2 
ATOM 1066 H "H5''" . DG B 2 7 ? 10.154  3.977   -1.880  1.00 0.00 ? 16 DG B "H5''" 2 
ATOM 1067 H "H4'"  . DG B 2 7 ? 10.142  2.361   -0.167  1.00 0.00 ? 16 DG B "H4'"  2 
ATOM 1068 H "H3'"  . DG B 2 7 ? 11.626  1.914   -2.370  1.00 0.00 ? 16 DG B "H3'"  2 
ATOM 1069 H "H2'"  . DG B 2 7 ? 10.265  0.531   -3.467  1.00 0.00 ? 16 DG B "H2'"  2 
ATOM 1070 H "H2''" . DG B 2 7 ? 11.178  -0.728  -2.572  1.00 0.00 ? 16 DG B "H2''" 2 
ATOM 1071 H "H1'"  . DG B 2 7 ? 9.444   -0.956  -0.950  1.00 0.00 ? 16 DG B "H1'"  2 
ATOM 1072 H H8     . DG B 2 7 ? 8.130   0.817   -4.064  1.00 0.00 ? 16 DG B H8     2 
ATOM 1073 H H1     . DG B 2 7 ? 4.961   -4.454  -2.307  1.00 0.00 ? 16 DG B H1     2 
ATOM 1074 H H21    . DG B 2 7 ? 5.948   -5.271  -0.496  1.00 0.00 ? 16 DG B H21    2 
ATOM 1075 H H22    . DG B 2 7 ? 7.364   -4.488  0.165   1.00 0.00 ? 16 DG B H22    2 
ATOM 1076 P P      . DA B 2 8 ? 13.354  0.075   -0.845  1.00 0.00 ? 17 DA B P      2 
ATOM 1077 O OP1    . DA B 2 8 ? 14.178  0.299   0.351   1.00 0.00 ? 17 DA B OP1    2 
ATOM 1078 O OP2    . DA B 2 8 ? 13.890  0.454   -2.156  1.00 0.00 ? 17 DA B OP2    2 
ATOM 1079 O "O5'"  . DA B 2 8 ? 12.963  -1.472  -0.927  1.00 0.00 ? 17 DA B "O5'"  2 
ATOM 1080 C "C5'"  . DA B 2 8 ? 12.365  -2.090  0.193   1.00 0.00 ? 17 DA B "C5'"  2 
ATOM 1081 C "C4'"  . DA B 2 8 ? 11.883  -3.529  -0.048  1.00 0.00 ? 17 DA B "C4'"  2 
ATOM 1082 O "O4'"  . DA B 2 8 ? 10.737  -3.482  -0.904  1.00 0.00 ? 17 DA B "O4'"  2 
ATOM 1083 C "C3'"  . DA B 2 8 ? 12.857  -4.559  -0.626  1.00 0.00 ? 17 DA B "C3'"  2 
ATOM 1084 O "O3'"  . DA B 2 8 ? 13.272  -5.450  0.367   1.00 0.00 ? 17 DA B "O3'"  2 
ATOM 1085 C "C2'"  . DA B 2 8 ? 12.069  -5.164  -1.702  1.00 0.00 ? 17 DA B "C2'"  2 
ATOM 1086 C "C1'"  . DA B 2 8 ? 10.640  -4.725  -1.586  1.00 0.00 ? 17 DA B "C1'"  2 
ATOM 1087 N N9     . DA B 2 8 ? 9.956   -4.601  -2.891  1.00 0.00 ? 17 DA B N9     2 
ATOM 1088 C C8     . DA B 2 8 ? 10.261  -3.681  -3.854  1.00 0.00 ? 17 DA B C8     2 
ATOM 1089 N N7     . DA B 2 8 ? 9.479   -3.671  -4.892  1.00 0.00 ? 17 DA B N7     2 
ATOM 1090 C C5     . DA B 2 8 ? 8.569   -4.690  -4.579  1.00 0.00 ? 17 DA B C5     2 
ATOM 1091 C C6     . DA B 2 8 ? 7.479   -5.275  -5.245  1.00 0.00 ? 17 DA B C6     2 
ATOM 1092 N N6     . DA B 2 8 ? 6.983   -4.843  -6.348  1.00 0.00 ? 17 DA B N6     2 
ATOM 1093 N N1     . DA B 2 8 ? 6.806   -6.279  -4.716  1.00 0.00 ? 17 DA B N1     2 
ATOM 1094 C C2     . DA B 2 8 ? 7.191   -6.743  -3.530  1.00 0.00 ? 17 DA B C2     2 
ATOM 1095 N N3     . DA B 2 8 ? 8.207   -6.325  -2.764  1.00 0.00 ? 17 DA B N3     2 
ATOM 1096 C C4     . DA B 2 8 ? 8.860   -5.288  -3.362  1.00 0.00 ? 17 DA B C4     2 
ATOM 1097 H "H5'"  . DA B 2 8 ? 11.539  -1.478  0.524   1.00 0.00 ? 17 DA B "H5'"  2 
ATOM 1098 H "H5''" . DA B 2 8 ? 13.069  -2.069  1.009   1.00 0.00 ? 17 DA B "H5''" 2 
ATOM 1099 H "H4'"  . DA B 2 8 ? 11.567  -3.941  0.906   1.00 0.00 ? 17 DA B "H4'"  2 
ATOM 1100 H "H3'"  . DA B 2 8 ? 13.667  -4.034  -1.085  1.00 0.00 ? 17 DA B "H3'"  2 
ATOM 1101 H "H2'"  . DA B 2 8 ? 12.463  -4.896  -2.635  1.00 0.00 ? 17 DA B "H2'"  2 
ATOM 1102 H "H2''" . DA B 2 8 ? 12.136  -6.203  -1.584  1.00 0.00 ? 17 DA B "H2''" 2 
ATOM 1103 H "H1'"  . DA B 2 8 ? 10.102  -5.431  -0.999  1.00 0.00 ? 17 DA B "H1'"  2 
ATOM 1104 H H8     . DA B 2 8 ? 11.127  -3.069  -3.768  1.00 0.00 ? 17 DA B H8     2 
ATOM 1105 H H61    . DA B 2 8 ? 6.142   -5.259  -6.666  1.00 0.00 ? 17 DA B H61    2 
ATOM 1106 H H62    . DA B 2 8 ? 7.431   -4.072  -6.806  1.00 0.00 ? 17 DA B H62    2 
ATOM 1107 H H2     . DA B 2 8 ? 6.614   -7.566  -3.146  1.00 0.00 ? 17 DA B H2     2 
ATOM 1108 P P      . DT B 2 9 ? 14.290  -6.628  0.102   1.00 0.00 ? 18 DT B P      2 
ATOM 1109 O OP1    . DT B 2 9 ? 14.909  -6.998  1.346   1.00 0.00 ? 18 DT B OP1    2 
ATOM 1110 O OP2    . DT B 2 9 ? 15.157  -6.264  -1.013  1.00 0.00 ? 18 DT B OP2    2 
ATOM 1111 O "O5'"  . DT B 2 9 ? 13.460  -7.839  -0.383  1.00 0.00 ? 18 DT B "O5'"  2 
ATOM 1112 C "C5'"  . DT B 2 9 ? 12.440  -8.354  0.375   1.00 0.00 ? 18 DT B "C5'"  2 
ATOM 1113 C "C4'"  . DT B 2 9 ? 11.572  -9.312  -0.380  1.00 0.00 ? 18 DT B "C4'"  2 
ATOM 1114 O "O4'"  . DT B 2 9 ? 10.878  -8.652  -1.403  1.00 0.00 ? 18 DT B "O4'"  2 
ATOM 1115 C "C3'"  . DT B 2 9 ? 12.334  -10.494 -1.010  1.00 0.00 ? 18 DT B "C3'"  2 
ATOM 1116 O "O3'"  . DT B 2 9 ? 11.800  -11.714 -0.671  1.00 0.00 ? 18 DT B "O3'"  2 
ATOM 1117 C "C2'"  . DT B 2 9 ? 12.107  -10.287 -2.493  1.00 0.00 ? 18 DT B "C2'"  2 
ATOM 1118 C "C1'"  . DT B 2 9 ? 10.782  -9.508  -2.528  1.00 0.00 ? 18 DT B "C1'"  2 
ATOM 1119 N N1     . DT B 2 9 ? 10.628  -8.729  -3.760  1.00 0.00 ? 18 DT B N1     2 
ATOM 1120 C C2     . DT B 2 9 ? 9.619   -9.084  -4.644  1.00 0.00 ? 18 DT B C2     2 
ATOM 1121 O O2     . DT B 2 9 ? 8.841   -9.980  -4.422  1.00 0.00 ? 18 DT B O2     2 
ATOM 1122 N N3     . DT B 2 9 ? 9.495   -8.377  -5.794  1.00 0.00 ? 18 DT B N3     2 
ATOM 1123 C C4     . DT B 2 9 ? 10.334  -7.387  -6.183  1.00 0.00 ? 18 DT B C4     2 
ATOM 1124 O O4     . DT B 2 9 ? 10.177  -6.878  -7.260  1.00 0.00 ? 18 DT B O4     2 
ATOM 1125 C C5     . DT B 2 9 ? 11.424  -7.053  -5.243  1.00 0.00 ? 18 DT B C5     2 
ATOM 1126 C C7     . DT B 2 9 ? 12.449  -5.999  -5.610  1.00 0.00 ? 18 DT B C7     2 
ATOM 1127 C C6     . DT B 2 9 ? 11.528  -7.744  -4.059  1.00 0.00 ? 18 DT B C6     2 
ATOM 1128 H "H5'"  . DT B 2 9 ? 11.851  -7.566  0.819   1.00 0.00 ? 18 DT B "H5'"  2 
ATOM 1129 H "H5''" . DT B 2 9 ? 12.853  -8.878  1.188   1.00 0.00 ? 18 DT B "H5''" 2 
ATOM 1130 H "H4'"  . DT B 2 9 ? 10.818  -9.719  0.258   1.00 0.00 ? 18 DT B "H4'"  2 
ATOM 1131 H "H3'"  . DT B 2 9 ? 13.376  -10.425 -0.824  1.00 0.00 ? 18 DT B "H3'"  2 
ATOM 1132 H "HO3'" . DT B 2 9 ? 11.268  -11.774 -0.129  1.00 0.00 ? 18 DT B "HO3'" 2 
ATOM 1133 H "H2'"  . DT B 2 9 ? 12.923  -9.729  -2.901  1.00 0.00 ? 18 DT B "H2'"  2 
ATOM 1134 H "H2''" . DT B 2 9 ? 12.067  -11.219 -3.044  1.00 0.00 ? 18 DT B "H2''" 2 
ATOM 1135 H "H1'"  . DT B 2 9 ? 9.937   -10.173 -2.426  1.00 0.00 ? 18 DT B "H1'"  2 
ATOM 1136 H H3     . DT B 2 9 ? 8.732   -8.606  -6.404  1.00 0.00 ? 18 DT B H3     2 
ATOM 1137 H H71    . DT B 2 9 ? 12.951  -6.334  -6.503  1.00 0.00 ? 18 DT B H71    2 
ATOM 1138 H H72    . DT B 2 9 ? 11.955  -5.074  -5.835  1.00 0.00 ? 18 DT B H72    2 
ATOM 1139 H H73    . DT B 2 9 ? 13.182  -5.841  -4.835  1.00 0.00 ? 18 DT B H73    2 
ATOM 1140 H H6     . DT B 2 9 ? 12.293  -7.585  -3.331  1.00 0.00 ? 18 DT B H6     2 
ATOM 1141 O "O5'"  . DA A 1 1 ? -0.823  -14.296 -11.845 1.00 0.00 ? 1  DA A "O5'"  3 
ATOM 1142 C "C5'"  . DA A 1 1 ? -0.658  -15.494 -11.196 1.00 0.00 ? 1  DA A "C5'"  3 
ATOM 1143 C "C4'"  . DA A 1 1 ? -0.555  -15.404 -9.721  1.00 0.00 ? 1  DA A "C4'"  3 
ATOM 1144 O "O4'"  . DA A 1 1 ? 0.625   -14.761 -9.391  1.00 0.00 ? 1  DA A "O4'"  3 
ATOM 1145 C "C3'"  . DA A 1 1 ? -1.713  -14.706 -9.043  1.00 0.00 ? 1  DA A "C3'"  3 
ATOM 1146 O "O3'"  . DA A 1 1 ? -2.304  -15.537 -8.149  1.00 0.00 ? 1  DA A "O3'"  3 
ATOM 1147 C "C2'"  . DA A 1 1 ? -1.014  -13.560 -8.387  1.00 0.00 ? 1  DA A "C2'"  3 
ATOM 1148 C "C1'"  . DA A 1 1 ? 0.445   -13.911 -8.325  1.00 0.00 ? 1  DA A "C1'"  3 
ATOM 1149 N N9     . DA A 1 1 ? 1.282   -12.707 -8.384  1.00 0.00 ? 1  DA A N9     3 
ATOM 1150 C C8     . DA A 1 1 ? 1.190   -11.605 -9.144  1.00 0.00 ? 1  DA A C8     3 
ATOM 1151 N N7     . DA A 1 1 ? 2.181   -10.759 -9.001  1.00 0.00 ? 1  DA A N7     3 
ATOM 1152 C C5     . DA A 1 1 ? 2.966   -11.390 -8.059  1.00 0.00 ? 1  DA A C5     3 
ATOM 1153 C C6     . DA A 1 1 ? 4.216   -11.092 -7.465  1.00 0.00 ? 1  DA A C6     3 
ATOM 1154 N N6     . DA A 1 1 ? 4.919   -10.015 -7.679  1.00 0.00 ? 1  DA A N6     3 
ATOM 1155 N N1     . DA A 1 1 ? 4.795   -11.952 -6.609  1.00 0.00 ? 1  DA A N1     3 
ATOM 1156 C C2     . DA A 1 1 ? 4.142   -13.038 -6.314  1.00 0.00 ? 1  DA A C2     3 
ATOM 1157 N N3     . DA A 1 1 ? 2.963   -13.460 -6.810  1.00 0.00 ? 1  DA A N3     3 
ATOM 1158 C C4     . DA A 1 1 ? 2.426   -12.576 -7.687  1.00 0.00 ? 1  DA A C4     3 
ATOM 1159 H "H5'"  . DA A 1 1 ? 0.208   -15.941 -11.585 1.00 0.00 ? 1  DA A "H5'"  3 
ATOM 1160 H "H5''" . DA A 1 1 ? -1.455  -16.128 -11.382 1.00 0.00 ? 1  DA A "H5''" 3 
ATOM 1161 H "H4'"  . DA A 1 1 ? -0.516  -16.396 -9.363  1.00 0.00 ? 1  DA A "H4'"  3 
ATOM 1162 H "H3'"  . DA A 1 1 ? -2.408  -14.342 -9.746  1.00 0.00 ? 1  DA A "H3'"  3 
ATOM 1163 H "H2'"  . DA A 1 1 ? -1.133  -12.739 -8.932  1.00 0.00 ? 1  DA A "H2'"  3 
ATOM 1164 H "H2''" . DA A 1 1 ? -1.370  -13.411 -7.468  1.00 0.00 ? 1  DA A "H2''" 3 
ATOM 1165 H "H1'"  . DA A 1 1 ? 0.615   -14.427 -7.421  1.00 0.00 ? 1  DA A "H1'"  3 
ATOM 1166 H H8     . DA A 1 1 ? 0.380   -11.411 -9.818  1.00 0.00 ? 1  DA A H8     3 
ATOM 1167 H H61    . DA A 1 1 ? 5.821   -9.957  -7.248  1.00 0.00 ? 1  DA A H61    3 
ATOM 1168 H H62    . DA A 1 1 ? 4.581   -9.279  -8.252  1.00 0.00 ? 1  DA A H62    3 
ATOM 1169 H H2     . DA A 1 1 ? 4.603   -13.704 -5.617  1.00 0.00 ? 1  DA A H2     3 
ATOM 1170 H H5T    . DA A 1 1 ? -0.018  -13.839 -11.872 1.00 0.00 ? 1  DA A H5T    3 
ATOM 1171 P P      . DT A 1 2 ? -3.550  -15.153 -7.299  1.00 0.00 ? 2  DT A P      3 
ATOM 1172 O OP1    . DT A 1 2 ? -4.192  -16.400 -6.999  1.00 0.00 ? 2  DT A OP1    3 
ATOM 1173 O OP2    . DT A 1 2 ? -4.336  -14.166 -8.016  1.00 0.00 ? 2  DT A OP2    3 
ATOM 1174 O "O5'"  . DT A 1 2 ? -2.956  -14.492 -5.975  1.00 0.00 ? 2  DT A "O5'"  3 
ATOM 1175 C "C5'"  . DT A 1 2 ? -2.190  -15.292 -5.136  1.00 0.00 ? 2  DT A "C5'"  3 
ATOM 1176 C "C4'"  . DT A 1 2 ? -1.395  -14.522 -4.068  1.00 0.00 ? 2  DT A "C4'"  3 
ATOM 1177 O "O4'"  . DT A 1 2 ? -0.419  -13.666 -4.649  1.00 0.00 ? 2  DT A "O4'"  3 
ATOM 1178 C "C3'"  . DT A 1 2 ? -2.244  -13.704 -3.086  1.00 0.00 ? 2  DT A "C3'"  3 
ATOM 1179 O "O3'"  . DT A 1 2 ? -2.069  -14.170 -1.753  1.00 0.00 ? 2  DT A "O3'"  3 
ATOM 1180 C "C2'"  . DT A 1 2 ? -1.717  -12.312 -3.339  1.00 0.00 ? 2  DT A "C2'"  3 
ATOM 1181 C "C1'"  . DT A 1 2 ? -0.311  -12.577 -3.799  1.00 0.00 ? 2  DT A "C1'"  3 
ATOM 1182 N N1     . DT A 1 2 ? 0.303   -11.443 -4.558  1.00 0.00 ? 2  DT A N1     3 
ATOM 1183 C C2     . DT A 1 2 ? 1.595   -11.048 -4.209  1.00 0.00 ? 2  DT A C2     3 
ATOM 1184 O O2     . DT A 1 2 ? 2.256   -11.574 -3.357  1.00 0.00 ? 2  DT A O2     3 
ATOM 1185 N N3     . DT A 1 2 ? 2.126   -10.018 -4.911  1.00 0.00 ? 2  DT A N3     3 
ATOM 1186 C C4     . DT A 1 2 ? 1.524   -9.267  -5.866  1.00 0.00 ? 2  DT A C4     3 
ATOM 1187 O O4     . DT A 1 2 ? 2.195   -8.401  -6.389  1.00 0.00 ? 2  DT A O4     3 
ATOM 1188 C C5     . DT A 1 2 ? 0.173   -9.707  -6.194  1.00 0.00 ? 2  DT A C5     3 
ATOM 1189 C C7     . DT A 1 2 ? -0.608  -8.954  -7.249  1.00 0.00 ? 2  DT A C7     3 
ATOM 1190 C C6     . DT A 1 2 ? -0.390  -10.762 -5.539  1.00 0.00 ? 2  DT A C6     3 
ATOM 1191 H "H5'"  . DT A 1 2 ? -1.507  -15.857 -5.751  1.00 0.00 ? 2  DT A "H5'"  3 
ATOM 1192 H "H5''" . DT A 1 2 ? -2.849  -16.025 -4.689  1.00 0.00 ? 2  DT A "H5''" 3 
ATOM 1193 H "H4'"  . DT A 1 2 ? -0.897  -15.263 -3.454  1.00 0.00 ? 2  DT A "H4'"  3 
ATOM 1194 H "H3'"  . DT A 1 2 ? -3.260  -13.764 -3.356  1.00 0.00 ? 2  DT A "H3'"  3 
ATOM 1195 H "H2'"  . DT A 1 2 ? -2.273  -11.831 -4.129  1.00 0.00 ? 2  DT A "H2'"  3 
ATOM 1196 H "H2''" . DT A 1 2 ? -1.769  -11.706 -2.460  1.00 0.00 ? 2  DT A "H2''" 3 
ATOM 1197 H "H1'"  . DT A 1 2 ? 0.276   -12.789 -2.915  1.00 0.00 ? 2  DT A "H1'"  3 
ATOM 1198 H H3     . DT A 1 2 ? 2.992   -9.660  -4.556  1.00 0.00 ? 2  DT A H3     3 
ATOM 1199 H H71    . DT A 1 2 ? -0.697  -7.956  -6.977  1.00 0.00 ? 2  DT A H71    3 
ATOM 1200 H H72    . DT A 1 2 ? -0.056  -8.985  -8.148  1.00 0.00 ? 2  DT A H72    3 
ATOM 1201 H H73    . DT A 1 2 ? -1.579  -9.312  -7.420  1.00 0.00 ? 2  DT A H73    3 
ATOM 1202 H H6     . DT A 1 2 ? -1.379  -11.118 -5.767  1.00 0.00 ? 2  DT A H6     3 
ATOM 1203 P P      . DC A 1 3 ? -2.654  -13.481 -0.458  1.00 0.00 ? 3  DC A P      3 
ATOM 1204 O OP1    . DC A 1 3 ? -2.933  -14.545 0.519   1.00 0.00 ? 3  DC A OP1    3 
ATOM 1205 O OP2    . DC A 1 3 ? -3.736  -12.531 -0.825  1.00 0.00 ? 3  DC A OP2    3 
ATOM 1206 O "O5'"  . DC A 1 3 ? -1.432  -12.618 0.000   1.00 0.00 ? 3  DC A "O5'"  3 
ATOM 1207 C "C5'"  . DC A 1 3 ? -0.243  -13.183 0.472   1.00 0.00 ? 3  DC A "C5'"  3 
ATOM 1208 C "C4'"  . DC A 1 3 ? 0.717   -12.156 1.024   1.00 0.00 ? 3  DC A "C4'"  3 
ATOM 1209 O "O4'"  . DC A 1 3 ? 1.155   -11.289 0.040   1.00 0.00 ? 3  DC A "O4'"  3 
ATOM 1210 C "C3'"  . DC A 1 3 ? 0.108   -11.287 2.106   1.00 0.00 ? 3  DC A "C3'"  3 
ATOM 1211 O "O3'"  . DC A 1 3 ? 0.855   -11.412 3.301   1.00 0.00 ? 3  DC A "O3'"  3 
ATOM 1212 C "C2'"  . DC A 1 3 ? 0.144   -9.950  1.460   1.00 0.00 ? 3  DC A "C2'"  3 
ATOM 1213 C "C1'"  . DC A 1 3 ? 1.188   -9.980  0.425   1.00 0.00 ? 3  DC A "C1'"  3 
ATOM 1214 N N1     . DC A 1 3 ? 1.022   -9.010  -0.663  1.00 0.00 ? 3  DC A N1     3 
ATOM 1215 C C2     . DC A 1 3 ? 1.952   -7.974  -0.848  1.00 0.00 ? 3  DC A C2     3 
ATOM 1216 O O2     . DC A 1 3 ? 2.902   -7.818  -0.102  1.00 0.00 ? 3  DC A O2     3 
ATOM 1217 N N3     . DC A 1 3 ? 1.862   -7.177  -1.931  1.00 0.00 ? 3  DC A N3     3 
ATOM 1218 C C4     . DC A 1 3 ? 0.893   -7.346  -2.770  1.00 0.00 ? 3  DC A C4     3 
ATOM 1219 N N4     . DC A 1 3 ? 0.827   -6.533  -3.748  1.00 0.00 ? 3  DC A N4     3 
ATOM 1220 C C5     . DC A 1 3 ? -0.132  -8.331  -2.568  1.00 0.00 ? 3  DC A C5     3 
ATOM 1221 C C6     . DC A 1 3 ? 0.012   -9.179  -1.542  1.00 0.00 ? 3  DC A C6     3 
ATOM 1222 H "H5'"  . DC A 1 3 ? 0.245   -13.728 -0.307  1.00 0.00 ? 3  DC A "H5'"  3 
ATOM 1223 H "H5''" . DC A 1 3 ? -0.431  -13.845 1.267   1.00 0.00 ? 3  DC A "H5''" 3 
ATOM 1224 H "H4'"  . DC A 1 3 ? 1.588   -12.650 1.415   1.00 0.00 ? 3  DC A "H4'"  3 
ATOM 1225 H "H3'"  . DC A 1 3 ? -0.912  -11.549 2.274   1.00 0.00 ? 3  DC A "H3'"  3 
ATOM 1226 H "H2'"  . DC A 1 3 ? -0.755  -9.717  1.051   1.00 0.00 ? 3  DC A "H2'"  3 
ATOM 1227 H "H2''" . DC A 1 3 ? 0.379   -9.249  2.145   1.00 0.00 ? 3  DC A "H2''" 3 
ATOM 1228 H "H1'"  . DC A 1 3 ? 2.129   -9.855  0.835   1.00 0.00 ? 3  DC A "H1'"  3 
ATOM 1229 H H41    . DC A 1 3 ? 1.567   -5.877  -3.921  1.00 0.00 ? 3  DC A H41    3 
ATOM 1230 H H42    . DC A 1 3 ? 0.020   -6.569  -4.338  1.00 0.00 ? 3  DC A H42    3 
ATOM 1231 H H5     . DC A 1 3 ? -0.932  -8.459  -3.272  1.00 0.00 ? 3  DC A H5     3 
ATOM 1232 H H6     . DC A 1 3 ? -0.710  -9.959  -1.401  1.00 0.00 ? 3  DC A H6     3 
ATOM 1233 P P      . DC A 1 4 ? 0.453   -10.755 4.703   1.00 0.00 ? 4  DC A P      3 
ATOM 1234 O OP1    . DC A 1 4 ? 1.158   -11.469 5.767   1.00 0.00 ? 4  DC A OP1    3 
ATOM 1235 O OP2    . DC A 1 4 ? -0.999  -10.664 4.764   1.00 0.00 ? 4  DC A OP2    3 
ATOM 1236 O "O5'"  . DC A 1 4 ? 1.007   -9.281  4.635   1.00 0.00 ? 4  DC A "O5'"  3 
ATOM 1237 C "C5'"  . DC A 1 4 ? 2.364   -9.040  4.698   1.00 0.00 ? 4  DC A "C5'"  3 
ATOM 1238 C "C4'"  . DC A 1 4 ? 2.704   -7.589  4.431   1.00 0.00 ? 4  DC A "C4'"  3 
ATOM 1239 O "O4'"  . DC A 1 4 ? 2.375   -7.233  3.117   1.00 0.00 ? 4  DC A "O4'"  3 
ATOM 1240 C "C3'"  . DC A 1 4 ? 1.980   -6.580  5.318   1.00 0.00 ? 4  DC A "C3'"  3 
ATOM 1241 O "O3'"  . DC A 1 4 ? 2.685   -5.971  6.313   1.00 0.00 ? 4  DC A "O3'"  3 
ATOM 1242 C "C2'"  . DC A 1 4 ? 1.516   -5.664  4.368   1.00 0.00 ? 4  DC A "C2'"  3 
ATOM 1243 C "C1'"  . DC A 1 4 ? 2.142   -5.870  3.054   1.00 0.00 ? 4  DC A "C1'"  3 
ATOM 1244 N N1     . DC A 1 4 ? 1.326   -5.497  1.901   1.00 0.00 ? 4  DC A N1     3 
ATOM 1245 C C2     . DC A 1 4 ? 1.797   -4.527  1.036   1.00 0.00 ? 4  DC A C2     3 
ATOM 1246 O O2     . DC A 1 4 ? 2.841   -3.935  1.233   1.00 0.00 ? 4  DC A O2     3 
ATOM 1247 N N3     . DC A 1 4 ? 1.118   -4.160  -0.062  1.00 0.00 ? 4  DC A N3     3 
ATOM 1248 C C4     . DC A 1 4 ? -0.040  -4.668  -0.294  1.00 0.00 ? 4  DC A C4     3 
ATOM 1249 N N4     . DC A 1 4 ? -0.701  -4.198  -1.307  1.00 0.00 ? 4  DC A N4     3 
ATOM 1250 C C5     . DC A 1 4 ? -0.581  -5.710  0.523   1.00 0.00 ? 4  DC A C5     3 
ATOM 1251 C C6     . DC A 1 4 ? 0.120   -6.091  1.616   1.00 0.00 ? 4  DC A C6     3 
ATOM 1252 H "H5'"  . DC A 1 4 ? 2.853   -9.673  3.981   1.00 0.00 ? 4  DC A "H5'"  3 
ATOM 1253 H "H5''" . DC A 1 4 ? 2.704   -9.241  5.671   1.00 0.00 ? 4  DC A "H5''" 3 
ATOM 1254 H "H4'"  . DC A 1 4 ? 3.749   -7.477  4.601   1.00 0.00 ? 4  DC A "H4'"  3 
ATOM 1255 H "H3'"  . DC A 1 4 ? 1.178   -7.037  5.725   1.00 0.00 ? 4  DC A "H3'"  3 
ATOM 1256 H "H2'"  . DC A 1 4 ? 0.636   -5.793  4.286   1.00 0.00 ? 4  DC A "H2'"  3 
ATOM 1257 H "H2''" . DC A 1 4 ? 1.681   -4.815  4.674   1.00 0.00 ? 4  DC A "H2''" 3 
ATOM 1258 H "H1'"  . DC A 1 4 ? 3.060   -5.330  3.073   1.00 0.00 ? 4  DC A "H1'"  3 
ATOM 1259 H H41    . DC A 1 4 ? -0.261  -3.526  -1.906  1.00 0.00 ? 4  DC A H41    3 
ATOM 1260 H H42    . DC A 1 4 ? -1.534  -4.670  -1.570  1.00 0.00 ? 4  DC A H42    3 
ATOM 1261 H H5     . DC A 1 4 ? -1.510  -6.189  0.284   1.00 0.00 ? 4  DC A H5     3 
ATOM 1262 H H6     . DC A 1 4 ? -0.238  -6.906  2.202   1.00 0.00 ? 4  DC A H6     3 
ATOM 1263 P P      . G  A 1 5 ? 2.056   -4.985  7.412   1.00 0.00 ? 5  G  A P      3 
ATOM 1264 O OP1    . G  A 1 5 ? 2.852   -5.135  8.636   1.00 0.00 ? 5  G  A OP1    3 
ATOM 1265 O OP2    . G  A 1 5 ? 0.594   -5.177  7.486   1.00 0.00 ? 5  G  A OP2    3 
ATOM 1266 O "O5'"  . G  A 1 5 ? 2.269   -3.498  6.860   1.00 0.00 ? 5  G  A "O5'"  3 
ATOM 1267 C "C5'"  . G  A 1 5 ? 3.552   -2.955  6.626   1.00 0.00 ? 5  G  A "C5'"  3 
ATOM 1268 C "C4'"  . G  A 1 5 ? 3.516   -1.615  5.910   1.00 0.00 ? 5  G  A "C4'"  3 
ATOM 1269 O "O4'"  . G  A 1 5 ? 3.070   -1.708  4.563   1.00 0.00 ? 5  G  A "O4'"  3 
ATOM 1270 C "C3'"  . G  A 1 5 ? 2.646   -0.558  6.632   1.00 0.00 ? 5  G  A "C3'"  3 
ATOM 1271 O "O3'"  . G  A 1 5 ? 3.285   0.674   6.587   1.00 0.00 ? 5  G  A "O3'"  3 
ATOM 1272 C "C2'"  . G  A 1 5 ? 1.453   -0.660  5.717   1.00 0.00 ? 5  G  A "C2'"  3 
ATOM 1273 O "O2'"  . G  A 1 5 ? 0.443   0.326   5.867   1.00 0.00 ? 5  G  A "O2'"  3 
ATOM 1274 C "C1'"  . G  A 1 5 ? 2.153   -0.688  4.362   1.00 0.00 ? 5  G  A "C1'"  3 
ATOM 1275 N N9     . G  A 1 5 ? 1.267   -0.908  3.202   1.00 0.00 ? 5  G  A N9     3 
ATOM 1276 C C8     . G  A 1 5 ? 0.331   -1.831  3.038   1.00 0.00 ? 5  G  A C8     3 
ATOM 1277 N N7     . G  A 1 5 ? -0.328  -1.770  1.927   1.00 0.00 ? 5  G  A N7     3 
ATOM 1278 C C5     . G  A 1 5 ? 0.255   -0.696  1.267   1.00 0.00 ? 5  G  A C5     3 
ATOM 1279 C C6     . G  A 1 5 ? -0.033  -0.119  0.018   1.00 0.00 ? 5  G  A C6     3 
ATOM 1280 O O6     . G  A 1 5 ? -0.863  -0.414  -0.833  1.00 0.00 ? 5  G  A O6     3 
ATOM 1281 N N1     . G  A 1 5 ? 0.761   0.979   -0.298  1.00 0.00 ? 5  G  A N1     3 
ATOM 1282 C C2     . G  A 1 5 ? 1.736   1.412   0.519   1.00 0.00 ? 5  G  A C2     3 
ATOM 1283 N N2     . G  A 1 5 ? 2.450   2.386   0.100   1.00 0.00 ? 5  G  A N2     3 
ATOM 1284 N N3     . G  A 1 5 ? 2.002   0.905   1.740   1.00 0.00 ? 5  G  A N3     3 
ATOM 1285 C C4     . G  A 1 5 ? 1.244   -0.149  2.047   1.00 0.00 ? 5  G  A C4     3 
ATOM 1286 H "H5'"  . G  A 1 5 ? 4.120   -3.666  6.062   1.00 0.00 ? 5  G  A "H5'"  3 
ATOM 1287 H "H5''" . G  A 1 5 ? 4.008   -2.818  7.593   1.00 0.00 ? 5  G  A "H5''" 3 
ATOM 1288 H "H4'"  . G  A 1 5 ? 4.513   -1.201  5.924   1.00 0.00 ? 5  G  A "H4'"  3 
ATOM 1289 H "H3'"  . G  A 1 5 ? 2.363   -0.823  7.644   1.00 0.00 ? 5  G  A "H3'"  3 
ATOM 1290 H "H2'"  . G  A 1 5 ? 1.047   -1.641  5.939   1.00 0.00 ? 5  G  A "H2'"  3 
ATOM 1291 H "HO2'" . G  A 1 5 ? 0.685   1.125   5.408   1.00 0.00 ? 5  G  A "HO2'" 3 
ATOM 1292 H "H1'"  . G  A 1 5 ? 2.628   0.265   4.152   1.00 0.00 ? 5  G  A "H1'"  3 
ATOM 1293 H H8     . G  A 1 5 ? 0.189   -2.580  3.772   1.00 0.00 ? 5  G  A H8     3 
ATOM 1294 H H1     . G  A 1 5 ? 0.666   1.361   -1.220  1.00 0.00 ? 5  G  A H1     3 
ATOM 1295 H H21    . G  A 1 5 ? 2.404   2.732   -0.836  1.00 0.00 ? 5  G  A H21    3 
ATOM 1296 H H22    . G  A 1 5 ? 3.133   2.730   0.742   1.00 0.00 ? 5  G  A H22    3 
ATOM 1297 P P      . DG A 1 6 ? 3.591   1.414   7.920   1.00 0.00 ? 6  DG A P      3 
ATOM 1298 O OP1    . DG A 1 6 ? 4.739   0.758   8.556   1.00 0.00 ? 6  DG A OP1    3 
ATOM 1299 O OP2    . DG A 1 6 ? 2.364   1.538   8.684   1.00 0.00 ? 6  DG A OP2    3 
ATOM 1300 O "O5'"  . DG A 1 6 ? 4.033   2.858   7.469   1.00 0.00 ? 6  DG A "O5'"  3 
ATOM 1301 C "C5'"  . DG A 1 6 ? 5.268   3.098   6.829   1.00 0.00 ? 6  DG A "C5'"  3 
ATOM 1302 C "C4'"  . DG A 1 6 ? 5.286   4.455   6.152   1.00 0.00 ? 6  DG A "C4'"  3 
ATOM 1303 O "O4'"  . DG A 1 6 ? 4.612   4.344   4.908   1.00 0.00 ? 6  DG A "O4'"  3 
ATOM 1304 C "C3'"  . DG A 1 6 ? 4.591   5.634   6.894   1.00 0.00 ? 6  DG A "C3'"  3 
ATOM 1305 O "O3'"  . DG A 1 6 ? 5.325   6.813   6.627   1.00 0.00 ? 6  DG A "O3'"  3 
ATOM 1306 C "C2'"  . DG A 1 6 ? 3.215   5.582   6.316   1.00 0.00 ? 6  DG A "C2'"  3 
ATOM 1307 C "C1'"  . DG A 1 6 ? 3.423   5.059   4.894   1.00 0.00 ? 6  DG A "C1'"  3 
ATOM 1308 N N9     . DG A 1 6 ? 2.305   4.228   4.482   1.00 0.00 ? 6  DG A N9     3 
ATOM 1309 C C8     . DG A 1 6 ? 1.735   3.143   5.117   1.00 0.00 ? 6  DG A C8     3 
ATOM 1310 N N7     . DG A 1 6 ? 0.669   2.670   4.552   1.00 0.00 ? 6  DG A N7     3 
ATOM 1311 C C5     . DG A 1 6 ? 0.561   3.425   3.357   1.00 0.00 ? 6  DG A C5     3 
ATOM 1312 C C6     . DG A 1 6 ? -0.373  3.362   2.275   1.00 0.00 ? 6  DG A C6     3 
ATOM 1313 O O6     . DG A 1 6 ? -1.363  2.644   2.120   1.00 0.00 ? 6  DG A O6     3 
ATOM 1314 N N1     . DG A 1 6 ? -0.132  4.304   1.302   1.00 0.00 ? 6  DG A N1     3 
ATOM 1315 C C2     . DG A 1 6 ? 0.927   5.149   1.322   1.00 0.00 ? 6  DG A C2     3 
ATOM 1316 N N2     . DG A 1 6 ? 1.033   5.979   0.344   1.00 0.00 ? 6  DG A N2     3 
ATOM 1317 N N3     . DG A 1 6 ? 1.744   5.269   2.348   1.00 0.00 ? 6  DG A N3     3 
ATOM 1318 C C4     . DG A 1 6 ? 1.564   4.365   3.341   1.00 0.00 ? 6  DG A C4     3 
ATOM 1319 H "H5'"  . DG A 1 6 ? 5.463   2.317   6.100   1.00 0.00 ? 6  DG A "H5'"  3 
ATOM 1320 H "H5''" . DG A 1 6 ? 6.086   3.063   7.529   1.00 0.00 ? 6  DG A "H5''" 3 
ATOM 1321 H "H4'"  . DG A 1 6 ? 6.315   4.727   5.943   1.00 0.00 ? 6  DG A "H4'"  3 
ATOM 1322 H "H3'"  . DG A 1 6 ? 4.612   5.461   7.958   1.00 0.00 ? 6  DG A "H3'"  3 
ATOM 1323 H "H2'"  . DG A 1 6 ? 2.626   4.844   6.843   1.00 0.00 ? 6  DG A "H2'"  3 
ATOM 1324 H "H2''" . DG A 1 6 ? 2.750   6.551   6.329   1.00 0.00 ? 6  DG A "H2''" 3 
ATOM 1325 H "H1'"  . DG A 1 6 ? 3.551   5.890   4.209   1.00 0.00 ? 6  DG A "H1'"  3 
ATOM 1326 H H8     . DG A 1 6 ? 2.084   2.721   6.043   1.00 0.00 ? 6  DG A H8     3 
ATOM 1327 H H1     . DG A 1 6 ? -0.728  4.312   0.495   1.00 0.00 ? 6  DG A H1     3 
ATOM 1328 H H21    . DG A 1 6 ? 0.291   5.997   -0.331  1.00 0.00 ? 6  DG A H21    3 
ATOM 1329 H H22    . DG A 1 6 ? 1.797   6.616   0.286   1.00 0.00 ? 6  DG A H22    3 
ATOM 1330 P P      . DT A 1 7 ? 4.899   8.242   7.173   1.00 0.00 ? 7  DT A P      3 
ATOM 1331 O OP1    . DT A 1 7 ? 6.109   9.063   7.240   1.00 0.00 ? 7  DT A OP1    3 
ATOM 1332 O OP2    . DT A 1 7 ? 4.081   8.114   8.393   1.00 0.00 ? 7  DT A OP2    3 
ATOM 1333 O "O5'"  . DT A 1 7 ? 3.981   8.873   6.051   1.00 0.00 ? 7  DT A "O5'"  3 
ATOM 1334 C "C5'"  . DT A 1 7 ? 4.469   9.181   4.783   1.00 0.00 ? 7  DT A "C5'"  3 
ATOM 1335 C "C4'"  . DT A 1 7 ? 3.348   9.557   3.827   1.00 0.00 ? 7  DT A "C4'"  3 
ATOM 1336 O "O4'"  . DT A 1 7 ? 2.512   8.433   3.655   1.00 0.00 ? 7  DT A "O4'"  3 
ATOM 1337 C "C3'"  . DT A 1 7 ? 2.454   10.718  4.250   1.00 0.00 ? 7  DT A "C3'"  3 
ATOM 1338 O "O3'"  . DT A 1 7 ? 2.929   11.872  3.686   1.00 0.00 ? 7  DT A "O3'"  3 
ATOM 1339 C "C2'"  . DT A 1 7 ? 1.109   10.323  3.706   1.00 0.00 ? 7  DT A "C2'"  3 
ATOM 1340 C "C1'"  . DT A 1 7 ? 1.242   8.890   3.174   1.00 0.00 ? 7  DT A "C1'"  3 
ATOM 1341 N N1     . DT A 1 7 ? 0.221   7.963   3.668   1.00 0.00 ? 7  DT A N1     3 
ATOM 1342 C C2     . DT A 1 7 ? -0.807  7.602   2.781   1.00 0.00 ? 7  DT A C2     3 
ATOM 1343 O O2     . DT A 1 7 ? -1.019  8.135   1.693   1.00 0.00 ? 7  DT A O2     3 
ATOM 1344 N N3     . DT A 1 7 ? -1.694  6.644   3.194   1.00 0.00 ? 7  DT A N3     3 
ATOM 1345 C C4     . DT A 1 7 ? -1.658  6.030   4.414   1.00 0.00 ? 7  DT A C4     3 
ATOM 1346 O O4     . DT A 1 7 ? -2.457  5.133   4.631   1.00 0.00 ? 7  DT A O4     3 
ATOM 1347 C C5     . DT A 1 7 ? -0.677  6.567   5.362   1.00 0.00 ? 7  DT A C5     3 
ATOM 1348 C C7     . DT A 1 7 ? -0.660  6.068   6.798   1.00 0.00 ? 7  DT A C7     3 
ATOM 1349 C C6     . DT A 1 7 ? 0.243   7.485   4.958   1.00 0.00 ? 7  DT A C6     3 
ATOM 1350 H "H5'"  . DT A 1 7 ? 5.009   8.331   4.419   1.00 0.00 ? 7  DT A "H5'"  3 
ATOM 1351 H "H5''" . DT A 1 7 ? 5.096   10.034  4.835   1.00 0.00 ? 7  DT A "H5''" 3 
ATOM 1352 H "H4'"  . DT A 1 7 ? 3.821   9.797   2.882   1.00 0.00 ? 7  DT A "H4'"  3 
ATOM 1353 H "H3'"  . DT A 1 7 ? 2.415   10.749  5.311   1.00 0.00 ? 7  DT A "H3'"  3 
ATOM 1354 H "H2'"  . DT A 1 7 ? 0.452   10.349  4.462   1.00 0.00 ? 7  DT A "H2'"  3 
ATOM 1355 H "H2''" . DT A 1 7 ? 0.878   10.955  2.962   1.00 0.00 ? 7  DT A "H2''" 3 
ATOM 1356 H "H1'"  . DT A 1 7 ? 1.211   8.962   2.100   1.00 0.00 ? 7  DT A "H1'"  3 
ATOM 1357 H H3     . DT A 1 7 ? -2.456  6.417   2.585   1.00 0.00 ? 7  DT A H3     3 
ATOM 1358 H H71    . DT A 1 7 ? 0.112   6.538   7.377   1.00 0.00 ? 7  DT A H71    3 
ATOM 1359 H H72    . DT A 1 7 ? -1.591  6.287   7.266   1.00 0.00 ? 7  DT A H72    3 
ATOM 1360 H H73    . DT A 1 7 ? -0.504  5.003   6.800   1.00 0.00 ? 7  DT A H73    3 
ATOM 1361 H H6     . DT A 1 7 ? 0.971   7.866   5.649   1.00 0.00 ? 7  DT A H6     3 
ATOM 1362 P P      . DA A 1 8 ? 2.340   13.274  4.099   1.00 0.00 ? 8  DA A P      3 
ATOM 1363 O OP1    . DA A 1 8 ? 3.246   14.252  3.556   1.00 0.00 ? 8  DA A OP1    3 
ATOM 1364 O OP2    . DA A 1 8 ? 2.067   13.308  5.530   1.00 0.00 ? 8  DA A OP2    3 
ATOM 1365 O "O5'"  . DA A 1 8 ? 0.938   13.415  3.339   1.00 0.00 ? 8  DA A "O5'"  3 
ATOM 1366 C "C5'"  . DA A 1 8 ? 0.883   13.473  1.934   1.00 0.00 ? 8  DA A "C5'"  3 
ATOM 1367 C "C4'"  . DA A 1 8 ? -0.539  13.498  1.358   1.00 0.00 ? 8  DA A "C4'"  3 
ATOM 1368 O "O4'"  . DA A 1 8 ? -1.262  12.305  1.695   1.00 0.00 ? 8  DA A "O4'"  3 
ATOM 1369 C "C3'"  . DA A 1 8 ? -1.385  14.656  1.839   1.00 0.00 ? 8  DA A "C3'"  3 
ATOM 1370 O "O3'"  . DA A 1 8 ? -2.172  15.108  0.763   1.00 0.00 ? 8  DA A "O3'"  3 
ATOM 1371 C "C2'"  . DA A 1 8 ? -2.152  14.056  2.970   1.00 0.00 ? 8  DA A "C2'"  3 
ATOM 1372 C "C1'"  . DA A 1 8 ? -2.374  12.616  2.493   1.00 0.00 ? 8  DA A "C1'"  3 
ATOM 1373 N N9     . DA A 1 8 ? -2.508  11.680  3.626   1.00 0.00 ? 8  DA A N9     3 
ATOM 1374 C C8     . DA A 1 8 ? -1.928  11.713  4.839   1.00 0.00 ? 8  DA A C8     3 
ATOM 1375 N N7     . DA A 1 8 ? -2.251  10.744  5.631   1.00 0.00 ? 8  DA A N7     3 
ATOM 1376 C C5     . DA A 1 8 ? -3.154  10.004  4.857   1.00 0.00 ? 8  DA A C5     3 
ATOM 1377 C C6     . DA A 1 8 ? -3.904  8.840   5.036   1.00 0.00 ? 8  DA A C6     3 
ATOM 1378 N N6     . DA A 1 8 ? -3.797  8.069   6.086   1.00 0.00 ? 8  DA A N6     3 
ATOM 1379 N N1     . DA A 1 8 ? -4.680  8.374   4.086   1.00 0.00 ? 8  DA A N1     3 
ATOM 1380 C C2     . DA A 1 8 ? -4.759  8.996   2.952   1.00 0.00 ? 8  DA A C2     3 
ATOM 1381 N N3     . DA A 1 8 ? -4.144  10.109  2.603   1.00 0.00 ? 8  DA A N3     3 
ATOM 1382 C C4     . DA A 1 8 ? -3.315  10.556  3.620   1.00 0.00 ? 8  DA A C4     3 
ATOM 1383 H "H5'"  . DA A 1 8 ? 1.447   12.635  1.561   1.00 0.00 ? 8  DA A "H5'"  3 
ATOM 1384 H "H5''" . DA A 1 8 ? 1.432   14.337  1.580   1.00 0.00 ? 8  DA A "H5''" 3 
ATOM 1385 H "H4'"  . DA A 1 8 ? -0.433  13.609  0.291   1.00 0.00 ? 8  DA A "H4'"  3 
ATOM 1386 H "H3'"  . DA A 1 8 ? -0.782  15.458  2.249   1.00 0.00 ? 8  DA A "H3'"  3 
ATOM 1387 H "H2'"  . DA A 1 8 ? -1.494  14.055  3.826   1.00 0.00 ? 8  DA A "H2'"  3 
ATOM 1388 H "H2''" . DA A 1 8 ? -3.066  14.593  3.179   1.00 0.00 ? 8  DA A "H2''" 3 
ATOM 1389 H "H1'"  . DA A 1 8 ? -3.280  12.590  1.903   1.00 0.00 ? 8  DA A "H1'"  3 
ATOM 1390 H H8     . DA A 1 8 ? -1.244  12.497  5.094   1.00 0.00 ? 8  DA A H8     3 
ATOM 1391 H H61    . DA A 1 8 ? -4.290  7.194   6.101   1.00 0.00 ? 8  DA A H61    3 
ATOM 1392 H H62    . DA A 1 8 ? -3.224  8.383   6.852   1.00 0.00 ? 8  DA A H62    3 
ATOM 1393 H H2     . DA A 1 8 ? -5.441  8.581   2.239   1.00 0.00 ? 8  DA A H2     3 
ATOM 1394 P P      . DG A 1 9 ? -3.076  16.410  0.800   1.00 0.00 ? 9  DG A P      3 
ATOM 1395 O OP1    . DG A 1 9 ? -3.068  17.006  -0.546  1.00 0.00 ? 9  DG A OP1    3 
ATOM 1396 O OP2    . DG A 1 9 ? -2.714  17.241  1.941   1.00 0.00 ? 9  DG A OP2    3 
ATOM 1397 O "O5'"  . DG A 1 9 ? -4.519  15.842  1.069   1.00 0.00 ? 9  DG A "O5'"  3 
ATOM 1398 C "C5'"  . DG A 1 9 ? -5.150  15.054  0.134   1.00 0.00 ? 9  DG A "C5'"  3 
ATOM 1399 C "C4'"  . DG A 1 9 ? -6.339  14.237  0.713   1.00 0.00 ? 9  DG A "C4'"  3 
ATOM 1400 O "O4'"  . DG A 1 9 ? -6.013  13.339  1.764   1.00 0.00 ? 9  DG A "O4'"  3 
ATOM 1401 C "C3'"  . DG A 1 9 ? -7.496  15.074  1.194   1.00 0.00 ? 9  DG A "C3'"  3 
ATOM 1402 O "O3'"  . DG A 1 9 ? -8.631  14.798  0.426   1.00 0.00 ? 9  DG A "O3'"  3 
ATOM 1403 C "C2'"  . DG A 1 9 ? -7.721  14.560  2.620   1.00 0.00 ? 9  DG A "C2'"  3 
ATOM 1404 C "C1'"  . DG A 1 9 ? -7.207  13.122  2.453   1.00 0.00 ? 9  DG A "C1'"  3 
ATOM 1405 N N9     . DG A 1 9 ? -6.817  12.458  3.706   1.00 0.00 ? 9  DG A N9     3 
ATOM 1406 C C8     . DG A 1 9 ? -5.897  12.891  4.613   1.00 0.00 ? 9  DG A C8     3 
ATOM 1407 N N7     . DG A 1 9 ? -5.767  12.141  5.658   1.00 0.00 ? 9  DG A N7     3 
ATOM 1408 C C5     . DG A 1 9 ? -6.674  11.082  5.453   1.00 0.00 ? 9  DG A C5     3 
ATOM 1409 C C6     . DG A 1 9 ? -6.993  9.936   6.217   1.00 0.00 ? 9  DG A C6     3 
ATOM 1410 O O6     . DG A 1 9 ? -6.518  9.578   7.251   1.00 0.00 ? 9  DG A O6     3 
ATOM 1411 N N1     . DG A 1 9 ? -7.978  9.140   5.673   1.00 0.00 ? 9  DG A N1     3 
ATOM 1412 C C2     . DG A 1 9 ? -8.568  9.428   4.502   1.00 0.00 ? 9  DG A C2     3 
ATOM 1413 N N2     . DG A 1 9 ? -9.526  8.658   4.137   1.00 0.00 ? 9  DG A N2     3 
ATOM 1414 N N3     . DG A 1 9 ? -8.342  10.481  3.745   1.00 0.00 ? 9  DG A N3     3 
ATOM 1415 C C4     . DG A 1 9 ? -7.355  11.302  4.265   1.00 0.00 ? 9  DG A C4     3 
ATOM 1416 H "H5'"  . DG A 1 9 ? -4.451  14.340  -0.256  1.00 0.00 ? 9  DG A "H5'"  3 
ATOM 1417 H "H5''" . DG A 1 9 ? -5.506  15.669  -0.665  1.00 0.00 ? 9  DG A "H5''" 3 
ATOM 1418 H "H4'"  . DG A 1 9 ? -6.739  13.617  -0.071  1.00 0.00 ? 9  DG A "H4'"  3 
ATOM 1419 H "H3'"  . DG A 1 9 ? -7.231  16.125  1.150   1.00 0.00 ? 9  DG A "H3'"  3 
ATOM 1420 H "HO3'" . DG A 1 9 ? -9.320  15.347  0.746   1.00 0.00 ? 9  DG A "HO3'" 3 
ATOM 1421 H "H2'"  . DG A 1 9 ? -7.073  15.063  3.323   1.00 0.00 ? 9  DG A "H2'"  3 
ATOM 1422 H "H2''" . DG A 1 9 ? -8.740  14.634  2.960   1.00 0.00 ? 9  DG A "H2''" 3 
ATOM 1423 H "H1'"  . DG A 1 9 ? -7.834  12.457  1.871   1.00 0.00 ? 9  DG A "H1'"  3 
ATOM 1424 H H8     . DG A 1 9 ? -5.350  13.793  4.404   1.00 0.00 ? 9  DG A H8     3 
ATOM 1425 H H1     . DG A 1 9 ? -8.280  8.353   6.213   1.00 0.00 ? 9  DG A H1     3 
ATOM 1426 H H21    . DG A 1 9 ? -9.818  7.906   4.725   1.00 0.00 ? 9  DG A H21    3 
ATOM 1427 H H22    . DG A 1 9 ? -9.975  8.809   3.261   1.00 0.00 ? 9  DG A H22    3 
ATOM 1428 O "O5'"  . DC B 2 1 ? -11.065 1.638   9.395   1.00 0.00 ? 10 DC B "O5'"  3 
ATOM 1429 C "C5'"  . DC B 2 1 ? -12.430 1.894   9.293   1.00 0.00 ? 10 DC B "C5'"  3 
ATOM 1430 C "C4'"  . DC B 2 1 ? -12.856 2.642   8.101   1.00 0.00 ? 10 DC B "C4'"  3 
ATOM 1431 O "O4'"  . DC B 2 1 ? -12.416 3.947   8.282   1.00 0.00 ? 10 DC B "O4'"  3 
ATOM 1432 C "C3'"  . DC B 2 1 ? -12.222 2.169   6.879   1.00 0.00 ? 10 DC B "C3'"  3 
ATOM 1433 O "O3'"  . DC B 2 1 ? -13.108 1.973   5.801   1.00 0.00 ? 10 DC B "O3'"  3 
ATOM 1434 C "C2'"  . DC B 2 1 ? -11.276 3.221   6.673   1.00 0.00 ? 10 DC B "C2'"  3 
ATOM 1435 C "C1'"  . DC B 2 1 ? -11.679 4.386   7.309   1.00 0.00 ? 10 DC B "C1'"  3 
ATOM 1436 N N1     . DC B 2 1 ? -10.541 5.195   7.813   1.00 0.00 ? 10 DC B N1     3 
ATOM 1437 C C2     . DC B 2 1 ? -10.039 6.260   7.036   1.00 0.00 ? 10 DC B C2     3 
ATOM 1438 O O2     . DC B 2 1 ? -10.551 6.600   5.990   1.00 0.00 ? 10 DC B O2     3 
ATOM 1439 N N3     . DC B 2 1 ? -8.963  6.997   7.434   1.00 0.00 ? 10 DC B N3     3 
ATOM 1440 C C4     . DC B 2 1 ? -8.439  6.700   8.603   1.00 0.00 ? 10 DC B C4     3 
ATOM 1441 N N4     . DC B 2 1 ? -7.414  7.385   8.964   1.00 0.00 ? 10 DC B N4     3 
ATOM 1442 C C5     . DC B 2 1 ? -8.952  5.712   9.460   1.00 0.00 ? 10 DC B C5     3 
ATOM 1443 C C6     . DC B 2 1 ? -10.009 4.993   9.045   1.00 0.00 ? 10 DC B C6     3 
ATOM 1444 H "H5'"  . DC B 2 1 ? -12.694 2.383   10.121  1.00 0.00 ? 10 DC B "H5'"  3 
ATOM 1445 H "H5''" . DC B 2 1 ? -12.961 1.028   9.230   1.00 0.00 ? 10 DC B "H5''" 3 
ATOM 1446 H "H4'"  . DC B 2 1 ? -13.928 2.591   7.968   1.00 0.00 ? 10 DC B "H4'"  3 
ATOM 1447 H "H3'"  . DC B 2 1 ? -11.835 1.257   7.005   1.00 0.00 ? 10 DC B "H3'"  3 
ATOM 1448 H "H2'"  . DC B 2 1 ? -10.452 3.045   6.989   1.00 0.00 ? 10 DC B "H2'"  3 
ATOM 1449 H "H2''" . DC B 2 1 ? -11.269 3.304   5.778   1.00 0.00 ? 10 DC B "H2''" 3 
ATOM 1450 H "H1'"  . DC B 2 1 ? -12.204 4.918   6.722   1.00 0.00 ? 10 DC B "H1'"  3 
ATOM 1451 H H41    . DC B 2 1 ? -7.071  8.085   8.330   1.00 0.00 ? 10 DC B H41    3 
ATOM 1452 H H42    . DC B 2 1 ? -6.993  7.246   9.841   1.00 0.00 ? 10 DC B H42    3 
ATOM 1453 H H5     . DC B 2 1 ? -8.556  5.527   10.433  1.00 0.00 ? 10 DC B H5     3 
ATOM 1454 H H6     . DC B 2 1 ? -10.394 4.203   9.650   1.00 0.00 ? 10 DC B H6     3 
ATOM 1455 H H5T    . DC B 2 1 ? -10.855 1.779   10.076  1.00 0.00 ? 10 DC B H5T    3 
ATOM 1456 P P      . DT B 2 2 ? -12.770 1.087   4.550   1.00 0.00 ? 11 DT B P      3 
ATOM 1457 O OP1    . DT B 2 2 ? -13.994 0.772   3.847   1.00 0.00 ? 11 DT B OP1    3 
ATOM 1458 O OP2    . DT B 2 2 ? -11.932 0.014   4.958   1.00 0.00 ? 11 DT B OP2    3 
ATOM 1459 O "O5'"  . DT B 2 2 ? -11.938 2.096   3.622   1.00 0.00 ? 11 DT B "O5'"  3 
ATOM 1460 C "C5'"  . DT B 2 2 ? -12.612 3.198   3.034   1.00 0.00 ? 11 DT B "C5'"  3 
ATOM 1461 C "C4'"  . DT B 2 2 ? -11.657 4.133   2.275   1.00 0.00 ? 11 DT B "C4'"  3 
ATOM 1462 O "O4'"  . DT B 2 2 ? -10.776 4.716   3.193   1.00 0.00 ? 11 DT B "O4'"  3 
ATOM 1463 C "C3'"  . DT B 2 2 ? -10.807 3.408   1.244   1.00 0.00 ? 11 DT B "C3'"  3 
ATOM 1464 O "O3'"  . DT B 2 2 ? -11.365 3.567   -0.043  1.00 0.00 ? 11 DT B "O3'"  3 
ATOM 1465 C "C2'"  . DT B 2 2 ? -9.487  4.074   1.390   1.00 0.00 ? 11 DT B "C2'"  3 
ATOM 1466 C "C1'"  . DT B 2 2 ? -9.642  5.064   2.523   1.00 0.00 ? 11 DT B "C1'"  3 
ATOM 1467 N N1     . DT B 2 2 ? -8.479  5.105   3.479   1.00 0.00 ? 11 DT B N1     3 
ATOM 1468 C C2     . DT B 2 2 ? -7.483  6.072   3.351   1.00 0.00 ? 11 DT B C2     3 
ATOM 1469 O O2     . DT B 2 2 ? -7.387  6.806   2.399   1.00 0.00 ? 11 DT B O2     3 
ATOM 1470 N N3     . DT B 2 2 ? -6.539  6.170   4.352   1.00 0.00 ? 11 DT B N3     3 
ATOM 1471 C C4     . DT B 2 2 ? -6.447  5.347   5.440   1.00 0.00 ? 11 DT B C4     3 
ATOM 1472 O O4     . DT B 2 2 ? -5.628  5.567   6.306   1.00 0.00 ? 11 DT B O4     3 
ATOM 1473 C C5     . DT B 2 2 ? -7.438  4.283   5.441   1.00 0.00 ? 11 DT B C5     3 
ATOM 1474 C C7     . DT B 2 2 ? -7.367  3.308   6.570   1.00 0.00 ? 11 DT B C7     3 
ATOM 1475 C C6     . DT B 2 2 ? -8.408  4.199   4.481   1.00 0.00 ? 11 DT B C6     3 
ATOM 1476 H "H5'"  . DT B 2 2 ? -13.061 3.784   3.811   1.00 0.00 ? 11 DT B "H5'"  3 
ATOM 1477 H "H5''" . DT B 2 2 ? -13.418 2.860   2.402   1.00 0.00 ? 11 DT B "H5''" 3 
ATOM 1478 H "H4'"  . DT B 2 2 ? -12.261 4.887   1.790   1.00 0.00 ? 11 DT B "H4'"  3 
ATOM 1479 H "H3'"  . DT B 2 2 ? -10.726 2.370   1.489   1.00 0.00 ? 11 DT B "H3'"  3 
ATOM 1480 H "H2'"  . DT B 2 2 ? -8.787  3.353   1.635   1.00 0.00 ? 11 DT B "H2'"  3 
ATOM 1481 H "H2''" . DT B 2 2 ? -9.188  4.544   0.497   1.00 0.00 ? 11 DT B "H2''" 3 
ATOM 1482 H "H1'"  . DT B 2 2 ? -9.850  6.025   2.105   1.00 0.00 ? 11 DT B "H1'"  3 
ATOM 1483 H H3     . DT B 2 2 ? -5.855  6.894   4.247   1.00 0.00 ? 11 DT B H3     3 
ATOM 1484 H H71    . DT B 2 2 ? -7.463  3.831   7.497   1.00 0.00 ? 11 DT B H71    3 
ATOM 1485 H H72    . DT B 2 2 ? -8.147  2.604   6.564   1.00 0.00 ? 11 DT B H72    3 
ATOM 1486 H H73    . DT B 2 2 ? -6.412  2.812   6.529   1.00 0.00 ? 11 DT B H73    3 
ATOM 1487 H H6     . DT B 2 2 ? -9.182  3.461   4.533   1.00 0.00 ? 11 DT B H6     3 
ATOM 1488 P P      . DA B 2 3 ? -10.809 2.797   -1.351  1.00 0.00 ? 12 DA B P      3 
ATOM 1489 O OP1    . DA B 2 3 ? -11.961 2.576   -2.242  1.00 0.00 ? 12 DA B OP1    3 
ATOM 1490 O OP2    . DA B 2 3 ? -9.972  1.620   -0.981  1.00 0.00 ? 12 DA B OP2    3 
ATOM 1491 O "O5'"  . DA B 2 3 ? -9.856  3.846   -2.062  1.00 0.00 ? 12 DA B "O5'"  3 
ATOM 1492 C "C5'"  . DA B 2 3 ? -10.299 5.123   -2.461  1.00 0.00 ? 12 DA B "C5'"  3 
ATOM 1493 C "C4'"  . DA B 2 3 ? -9.212  6.013   -3.031  1.00 0.00 ? 12 DA B "C4'"  3 
ATOM 1494 O "O4'"  . DA B 2 3 ? -8.213  6.282   -2.089  1.00 0.00 ? 12 DA B "O4'"  3 
ATOM 1495 C "C3'"  . DA B 2 3 ? -8.561  5.407   -4.276  1.00 0.00 ? 12 DA B "C3'"  3 
ATOM 1496 O "O3'"  . DA B 2 3 ? -8.236  6.509   -5.149  1.00 0.00 ? 12 DA B "O3'"  3 
ATOM 1497 C "C2'"  . DA B 2 3 ? -7.326  4.729   -3.692  1.00 0.00 ? 12 DA B "C2'"  3 
ATOM 1498 C "C1'"  . DA B 2 3 ? -7.043  5.639   -2.497  1.00 0.00 ? 12 DA B "C1'"  3 
ATOM 1499 N N9     . DA B 2 3 ? -6.476  4.909   -1.359  1.00 0.00 ? 12 DA B N9     3 
ATOM 1500 C C8     . DA B 2 3 ? -6.770  3.664   -0.879  1.00 0.00 ? 12 DA B C8     3 
ATOM 1501 N N7     . DA B 2 3 ? -6.161  3.350   0.215   1.00 0.00 ? 12 DA B N7     3 
ATOM 1502 C C5     . DA B 2 3 ? -5.375  4.443   0.509   1.00 0.00 ? 12 DA B C5     3 
ATOM 1503 C C6     . DA B 2 3 ? -4.506  4.834   1.552   1.00 0.00 ? 12 DA B C6     3 
ATOM 1504 N N6     . DA B 2 3 ? -4.208  4.120   2.592   1.00 0.00 ? 12 DA B N6     3 
ATOM 1505 N N1     . DA B 2 3 ? -3.835  5.960   1.490   1.00 0.00 ? 12 DA B N1     3 
ATOM 1506 C C2     . DA B 2 3 ? -4.081  6.796   0.490   1.00 0.00 ? 12 DA B C2     3 
ATOM 1507 N N3     . DA B 2 3 ? -4.939  6.628   -0.527  1.00 0.00 ? 12 DA B N3     3 
ATOM 1508 C C4     . DA B 2 3 ? -5.546  5.406   -0.460  1.00 0.00 ? 12 DA B C4     3 
ATOM 1509 H "H5'"  . DA B 2 3 ? -10.752 5.624   -1.620  1.00 0.00 ? 12 DA B "H5'"  3 
ATOM 1510 H "H5''" . DA B 2 3 ? -11.130 5.025   -3.144  1.00 0.00 ? 12 DA B "H5''" 3 
ATOM 1511 H "H4'"  . DA B 2 3 ? -9.635  6.968   -3.312  1.00 0.00 ? 12 DA B "H4'"  3 
ATOM 1512 H "H3'"  . DA B 2 3 ? -9.206  4.693   -4.766  1.00 0.00 ? 12 DA B "H3'"  3 
ATOM 1513 H "H2'"  . DA B 2 3 ? -7.510  3.698   -3.422  1.00 0.00 ? 12 DA B "H2'"  3 
ATOM 1514 H "H2''" . DA B 2 3 ? -6.467  4.811   -4.351  1.00 0.00 ? 12 DA B "H2''" 3 
ATOM 1515 H "H1'"  . DA B 2 3 ? -6.391  6.453   -2.796  1.00 0.00 ? 12 DA B "H1'"  3 
ATOM 1516 H H8     . DA B 2 3 ? -7.522  3.035   -1.312  1.00 0.00 ? 12 DA B H8     3 
ATOM 1517 H H61    . DA B 2 3 ? -3.603  4.510   3.284   1.00 0.00 ? 12 DA B H61    3 
ATOM 1518 H H62    . DA B 2 3 ? -4.747  3.288   2.759   1.00 0.00 ? 12 DA B H62    3 
ATOM 1519 H H2     . DA B 2 3 ? -3.551  7.726   0.463   1.00 0.00 ? 12 DA B H2     3 
ATOM 1520 P P      . DC B 2 4 ? -7.529  6.258   -6.560  1.00 0.00 ? 13 DC B P      3 
ATOM 1521 O OP1    . DC B 2 4 ? -7.956  7.351   -7.421  1.00 0.00 ? 13 DC B OP1    3 
ATOM 1522 O OP2    . DC B 2 4 ? -7.805  4.892   -7.002  1.00 0.00 ? 13 DC B OP2    3 
ATOM 1523 O "O5'"  . DC B 2 4 ? -5.973  6.425   -6.253  1.00 0.00 ? 13 DC B "O5'"  3 
ATOM 1524 C "C5'"  . DC B 2 4 ? -5.483  7.700   -5.916  1.00 0.00 ? 13 DC B "C5'"  3 
ATOM 1525 C "C4'"  . DC B 2 4 ? -4.084  7.729   -5.320  1.00 0.00 ? 13 DC B "C4'"  3 
ATOM 1526 O "O4'"  . DC B 2 4 ? -4.034  6.980   -4.136  1.00 0.00 ? 13 DC B "O4'"  3 
ATOM 1527 C "C3'"  . DC B 2 4 ? -2.986  7.248   -6.239  1.00 0.00 ? 13 DC B "C3'"  3 
ATOM 1528 O "O3'"  . DC B 2 4 ? -2.206  8.367   -6.658  1.00 0.00 ? 13 DC B "O3'"  3 
ATOM 1529 C "C2'"  . DC B 2 4 ? -2.266  6.245   -5.328  1.00 0.00 ? 13 DC B "C2'"  3 
ATOM 1530 C "C1'"  . DC B 2 4 ? -2.686  6.624   -3.916  1.00 0.00 ? 13 DC B "C1'"  3 
ATOM 1531 N N1     . DC B 2 4 ? -2.608  5.474   -2.993  1.00 0.00 ? 13 DC B N1     3 
ATOM 1532 C C2     . DC B 2 4 ? -1.817  5.474   -1.854  1.00 0.00 ? 13 DC B C2     3 
ATOM 1533 O O2     . DC B 2 4 ? -1.128  6.437   -1.575  1.00 0.00 ? 13 DC B O2     3 
ATOM 1534 N N3     . DC B 2 4 ? -1.790  4.405   -0.992  1.00 0.00 ? 13 DC B N3     3 
ATOM 1535 C C4     . DC B 2 4 ? -2.494  3.364   -1.329  1.00 0.00 ? 13 DC B C4     3 
ATOM 1536 N N4     . DC B 2 4 ? -2.509  2.427   -0.421  1.00 0.00 ? 13 DC B N4     3 
ATOM 1537 C C5     . DC B 2 4 ? -3.264  3.280   -2.521  1.00 0.00 ? 13 DC B C5     3 
ATOM 1538 C C6     . DC B 2 4 ? -3.308  4.376   -3.287  1.00 0.00 ? 13 DC B C6     3 
ATOM 1539 H "H5'"  . DC B 2 4 ? -6.144  8.153   -5.196  1.00 0.00 ? 13 DC B "H5'"  3 
ATOM 1540 H "H5''" . DC B 2 4 ? -5.501  8.302   -6.816  1.00 0.00 ? 13 DC B "H5''" 3 
ATOM 1541 H "H4'"  . DC B 2 4 ? -3.878  8.758   -5.035  1.00 0.00 ? 13 DC B "H4'"  3 
ATOM 1542 H "H3'"  . DC B 2 4 ? -3.372  6.698   -7.079  1.00 0.00 ? 13 DC B "H3'"  3 
ATOM 1543 H "H2'"  . DC B 2 4 ? -2.624  5.254   -5.582  1.00 0.00 ? 13 DC B "H2'"  3 
ATOM 1544 H "H2''" . DC B 2 4 ? -1.208  6.398   -5.432  1.00 0.00 ? 13 DC B "H2''" 3 
ATOM 1545 H "H1'"  . DC B 2 4 ? -2.116  7.473   -3.564  1.00 0.00 ? 13 DC B "H1'"  3 
ATOM 1546 H H41    . DC B 2 4 ? -2.020  2.565   0.442   1.00 0.00 ? 13 DC B H41    3 
ATOM 1547 H H42    . DC B 2 4 ? -3.045  1.622   -0.601  1.00 0.00 ? 13 DC B H42    3 
ATOM 1548 H H5     . DC B 2 4 ? -3.851  2.418   -2.773  1.00 0.00 ? 13 DC B H5     3 
ATOM 1549 H H6     . DC B 2 4 ? -3.875  4.372   -4.186  1.00 0.00 ? 13 DC B H6     3 
ATOM 1550 P P      . DC B 2 5 ? -1.081  8.335   -7.794  1.00 0.00 ? 14 DC B P      3 
ATOM 1551 O OP1    . DC B 2 5 ? -0.769  9.751   -8.079  1.00 0.00 ? 14 DC B OP1    3 
ATOM 1552 O OP2    . DC B 2 5 ? -1.519  7.439   -8.883  1.00 0.00 ? 14 DC B OP2    3 
ATOM 1553 O "O5'"  . DC B 2 5 ? 0.167   7.670   -7.093  1.00 0.00 ? 14 DC B "O5'"  3 
ATOM 1554 C "C5'"  . DC B 2 5 ? 0.913   8.368   -6.138  1.00 0.00 ? 14 DC B "C5'"  3 
ATOM 1555 C "C4'"  . DC B 2 5 ? 1.930   7.396   -5.519  1.00 0.00 ? 14 DC B "C4'"  3 
ATOM 1556 O "O4'"  . DC B 2 5 ? 1.275   6.456   -4.667  1.00 0.00 ? 14 DC B "O4'"  3 
ATOM 1557 C "C3'"  . DC B 2 5 ? 2.813   6.625   -6.488  1.00 0.00 ? 14 DC B "C3'"  3 
ATOM 1558 O "O3'"  . DC B 2 5 ? 4.164   6.878   -6.152  1.00 0.00 ? 14 DC B "O3'"  3 
ATOM 1559 C "C2'"  . DC B 2 5 ? 2.339   5.178   -6.233  1.00 0.00 ? 14 DC B "C2'"  3 
ATOM 1560 C "C1'"  . DC B 2 5 ? 1.942   5.217   -4.797  1.00 0.00 ? 14 DC B "C1'"  3 
ATOM 1561 N N1     . DC B 2 5 ? 1.078   4.093   -4.395  1.00 0.00 ? 14 DC B N1     3 
ATOM 1562 C C2     . DC B 2 5 ? 1.292   3.354   -3.237  1.00 0.00 ? 14 DC B C2     3 
ATOM 1563 O O2     . DC B 2 5 ? 2.181   3.645   -2.481  1.00 0.00 ? 14 DC B O2     3 
ATOM 1564 N N3     . DC B 2 5 ? 0.536   2.275   -2.935  1.00 0.00 ? 14 DC B N3     3 
ATOM 1565 C C4     . DC B 2 5 ? -0.394  1.894   -3.761  1.00 0.00 ? 14 DC B C4     3 
ATOM 1566 N N4     . DC B 2 5 ? -1.116  0.884   -3.412  1.00 0.00 ? 14 DC B N4     3 
ATOM 1567 C C5     . DC B 2 5 ? -0.666  2.599   -4.929  1.00 0.00 ? 14 DC B C5     3 
ATOM 1568 C C6     . DC B 2 5 ? 0.052   3.699   -5.217  1.00 0.00 ? 14 DC B C6     3 
ATOM 1569 H "H5'"  . DC B 2 5 ? 0.275   8.756   -5.358  1.00 0.00 ? 14 DC B "H5'"  3 
ATOM 1570 H "H5''" . DC B 2 5 ? 1.502   9.150   -6.597  1.00 0.00 ? 14 DC B "H5''" 3 
ATOM 1571 H "H4'"  . DC B 2 5 ? 2.554   7.982   -4.855  1.00 0.00 ? 14 DC B "H4'"  3 
ATOM 1572 H "H3'"  . DC B 2 5 ? 2.603   6.895   -7.516  1.00 0.00 ? 14 DC B "H3'"  3 
ATOM 1573 H "H2'"  . DC B 2 5 ? 1.577   4.974   -6.961  1.00 0.00 ? 14 DC B "H2'"  3 
ATOM 1574 H "H2''" . DC B 2 5 ? 3.130   4.454   -6.348  1.00 0.00 ? 14 DC B "H2''" 3 
ATOM 1575 H "H1'"  . DC B 2 5 ? 2.829   5.229   -4.174  1.00 0.00 ? 14 DC B "H1'"  3 
ATOM 1576 H H41    . DC B 2 5 ? -0.936  0.482   -2.551  1.00 0.00 ? 14 DC B H41    3 
ATOM 1577 H H42    . DC B 2 5 ? -1.778  0.538   -4.015  1.00 0.00 ? 14 DC B H42    3 
ATOM 1578 H H5     . DC B 2 5 ? -1.444  2.294   -5.596  1.00 0.00 ? 14 DC B H5     3 
ATOM 1579 H H6     . DC B 2 5 ? -0.110  4.299   -6.086  1.00 0.00 ? 14 DC B H6     3 
ATOM 1580 P P      . DG B 2 6 ? 5.385   6.315   -6.966  1.00 0.00 ? 15 DG B P      3 
ATOM 1581 O OP1    . DG B 2 6 ? 6.475   7.280   -6.698  1.00 0.00 ? 15 DG B OP1    3 
ATOM 1582 O OP2    . DG B 2 6 ? 4.963   6.066   -8.351  1.00 0.00 ? 15 DG B OP2    3 
ATOM 1583 O "O5'"  . DG B 2 6 ? 5.709   4.943   -6.265  1.00 0.00 ? 15 DG B "O5'"  3 
ATOM 1584 C "C5'"  . DG B 2 6 ? 6.112   4.929   -4.923  1.00 0.00 ? 15 DG B "C5'"  3 
ATOM 1585 C "C4'"  . DG B 2 6 ? 6.229   3.523   -4.304  1.00 0.00 ? 15 DG B "C4'"  3 
ATOM 1586 O "O4'"  . DG B 2 6 ? 4.966   2.981   -4.051  1.00 0.00 ? 15 DG B "O4'"  3 
ATOM 1587 C "C3'"  . DG B 2 6 ? 6.952   2.492   -5.123  1.00 0.00 ? 15 DG B "C3'"  3 
ATOM 1588 O "O3'"  . DG B 2 6 ? 8.224   2.241   -4.626  1.00 0.00 ? 15 DG B "O3'"  3 
ATOM 1589 C "C2'"  . DG B 2 6 ? 6.067   1.291   -5.029  1.00 0.00 ? 15 DG B "C2'"  3 
ATOM 1590 C "C1'"  . DG B 2 6 ? 5.107   1.601   -3.959  1.00 0.00 ? 15 DG B "C1'"  3 
ATOM 1591 N N9     . DG B 2 6 ? 3.853   0.812   -4.047  1.00 0.00 ? 15 DG B N9     3 
ATOM 1592 C C8     . DG B 2 6 ? 2.981   0.752   -5.070  1.00 0.00 ? 15 DG B C8     3 
ATOM 1593 N N7     . DG B 2 6 ? 2.053   -0.153  -4.909  1.00 0.00 ? 15 DG B N7     3 
ATOM 1594 C C5     . DG B 2 6 ? 2.283   -0.652  -3.636  1.00 0.00 ? 15 DG B C5     3 
ATOM 1595 C C6     . DG B 2 6 ? 1.637   -1.689  -2.855  1.00 0.00 ? 15 DG B C6     3 
ATOM 1596 O O6     . DG B 2 6 ? 0.666   -2.362  -3.159  1.00 0.00 ? 15 DG B O6     3 
ATOM 1597 N N1     . DG B 2 6 ? 2.238   -1.972  -1.680  1.00 0.00 ? 15 DG B N1     3 
ATOM 1598 C C2     . DG B 2 6 ? 3.388   -1.365  -1.279  1.00 0.00 ? 15 DG B C2     3 
ATOM 1599 N N2     . DG B 2 6 ? 3.889   -1.704  -0.127  1.00 0.00 ? 15 DG B N2     3 
ATOM 1600 N N3     . DG B 2 6 ? 4.005   -0.422  -1.941  1.00 0.00 ? 15 DG B N3     3 
ATOM 1601 C C4     . DG B 2 6 ? 3.392   -0.068  -3.104  1.00 0.00 ? 15 DG B C4     3 
ATOM 1602 H "H5'"  . DG B 2 6 ? 5.390   5.482   -4.353  1.00 0.00 ? 15 DG B "H5'"  3 
ATOM 1603 H "H5''" . DG B 2 6 ? 7.087   5.358   -4.848  1.00 0.00 ? 15 DG B "H5''" 3 
ATOM 1604 H "H4'"  . DG B 2 6 ? 6.774   3.586   -3.385  1.00 0.00 ? 15 DG B "H4'"  3 
ATOM 1605 H "H3'"  . DG B 2 6 ? 7.013   2.753   -6.131  1.00 0.00 ? 15 DG B "H3'"  3 
ATOM 1606 H "H2'"  . DG B 2 6 ? 5.560   1.156   -5.872  1.00 0.00 ? 15 DG B "H2'"  3 
ATOM 1607 H "H2''" . DG B 2 6 ? 6.618   0.478   -4.819  1.00 0.00 ? 15 DG B "H2''" 3 
ATOM 1608 H "H1'"  . DG B 2 6 ? 5.556   1.380   -3.049  1.00 0.00 ? 15 DG B "H1'"  3 
ATOM 1609 H H8     . DG B 2 6 ? 3.125   1.346   -5.953  1.00 0.00 ? 15 DG B H8     3 
ATOM 1610 H H1     . DG B 2 6 ? 1.857   -2.711  -1.113  1.00 0.00 ? 15 DG B H1     3 
ATOM 1611 H H21    . DG B 2 6 ? 3.472   -2.450  0.391   1.00 0.00 ? 15 DG B H21    3 
ATOM 1612 H H22    . DG B 2 6 ? 4.708   -1.276  0.188   1.00 0.00 ? 15 DG B H22    3 
ATOM 1613 P P      . DG B 2 7 ? 9.330   1.344   -5.282  1.00 0.00 ? 16 DG B P      3 
ATOM 1614 O OP1    . DG B 2 7 ? 10.563  2.130   -5.331  1.00 0.00 ? 16 DG B OP1    3 
ATOM 1615 O OP2    . DG B 2 7 ? 8.802   0.741   -6.535  1.00 0.00 ? 16 DG B OP2    3 
ATOM 1616 O "O5'"  . DG B 2 7 ? 9.513   0.180   -4.231  1.00 0.00 ? 16 DG B "O5'"  3 
ATOM 1617 C "C5'"  . DG B 2 7 ? 9.907   0.434   -2.913  1.00 0.00 ? 16 DG B "C5'"  3 
ATOM 1618 C "C4'"  . DG B 2 7 ? 9.798   -0.763  -1.965  1.00 0.00 ? 16 DG B "C4'"  3 
ATOM 1619 O "O4'"  . DG B 2 7 ? 8.461   -1.185  -1.828  1.00 0.00 ? 16 DG B "O4'"  3 
ATOM 1620 C "C3'"  . DG B 2 7 ? 10.636  -1.999  -2.357  1.00 0.00 ? 16 DG B "C3'"  3 
ATOM 1621 O "O3'"  . DG B 2 7 ? 11.169  -2.499  -1.160  1.00 0.00 ? 16 DG B "O3'"  3 
ATOM 1622 C "C2'"  . DG B 2 7 ? 9.586   -2.857  -3.016  1.00 0.00 ? 16 DG B "C2'"  3 
ATOM 1623 C "C1'"  . DG B 2 7 ? 8.406   -2.544  -2.129  1.00 0.00 ? 16 DG B "C1'"  3 
ATOM 1624 N N9     . DG B 2 7 ? 7.128   -2.818  -2.817  1.00 0.00 ? 16 DG B N9     3 
ATOM 1625 C C8     . DG B 2 7 ? 6.787   -2.416  -4.065  1.00 0.00 ? 16 DG B C8     3 
ATOM 1626 N N7     . DG B 2 7 ? 5.644   -2.860  -4.505  1.00 0.00 ? 16 DG B N7     3 
ATOM 1627 C C5     . DG B 2 7 ? 5.204   -3.604  -3.436  1.00 0.00 ? 16 DG B C5     3 
ATOM 1628 C C6     . DG B 2 7 ? 4.023   -4.416  -3.317  1.00 0.00 ? 16 DG B C6     3 
ATOM 1629 O O6     . DG B 2 7 ? 3.128   -4.605  -4.133  1.00 0.00 ? 16 DG B O6     3 
ATOM 1630 N N1     . DG B 2 7 ? 3.996   -5.055  -2.107  1.00 0.00 ? 16 DG B N1     3 
ATOM 1631 C C2     . DG B 2 7 ? 4.953   -4.971  -1.159  1.00 0.00 ? 16 DG B C2     3 
ATOM 1632 N N2     . DG B 2 7 ? 4.854   -5.760  -0.143  1.00 0.00 ? 16 DG B N2     3 
ATOM 1633 N N3     . DG B 2 7 ? 6.018   -4.255  -1.202  1.00 0.00 ? 16 DG B N3     3 
ATOM 1634 C C4     . DG B 2 7 ? 6.102   -3.596  -2.399  1.00 0.00 ? 16 DG B C4     3 
ATOM 1635 H "H5'"  . DG B 2 7 ? 9.301   1.211   -2.491  1.00 0.00 ? 16 DG B "H5'"  3 
ATOM 1636 H "H5''" . DG B 2 7 ? 10.918  0.766   -2.891  1.00 0.00 ? 16 DG B "H5''" 3 
ATOM 1637 H "H4'"  . DG B 2 7 ? 10.117  -0.428  -0.987  1.00 0.00 ? 16 DG B "H4'"  3 
ATOM 1638 H "H3'"  . DG B 2 7 ? 11.412  -1.754  -3.057  1.00 0.00 ? 16 DG B "H3'"  3 
ATOM 1639 H "H2'"  . DG B 2 7 ? 9.473   -2.487  -4.021  1.00 0.00 ? 16 DG B "H2'"  3 
ATOM 1640 H "H2''" . DG B 2 7 ? 9.877   -3.896  -3.034  1.00 0.00 ? 16 DG B "H2''" 3 
ATOM 1641 H "H1'"  . DG B 2 7 ? 8.489   -3.121  -1.220  1.00 0.00 ? 16 DG B "H1'"  3 
ATOM 1642 H H8     . DG B 2 7 ? 7.472   -1.780  -4.584  1.00 0.00 ? 16 DG B H8     3 
ATOM 1643 H H1     . DG B 2 7 ? 3.263   -5.714  -1.965  1.00 0.00 ? 16 DG B H1     3 
ATOM 1644 H H21    . DG B 2 7 ? 4.152   -6.449  -0.091  1.00 0.00 ? 16 DG B H21    3 
ATOM 1645 H H22    . DG B 2 7 ? 5.575   -5.769  0.554   1.00 0.00 ? 16 DG B H22    3 
ATOM 1646 P P      . DA B 2 8 ? 12.009  -3.833  -1.043  1.00 0.00 ? 17 DA B P      3 
ATOM 1647 O OP1    . DA B 2 8 ? 12.950  -3.691  0.058   1.00 0.00 ? 17 DA B OP1    3 
ATOM 1648 O OP2    . DA B 2 8 ? 12.578  -4.131  -2.372  1.00 0.00 ? 17 DA B OP2    3 
ATOM 1649 O "O5'"  . DA B 2 8 ? 11.032  -5.003  -0.632  1.00 0.00 ? 17 DA B "O5'"  3 
ATOM 1650 C "C5'"  . DA B 2 8 ? 10.269  -4.927  0.556   1.00 0.00 ? 17 DA B "C5'"  3 
ATOM 1651 C "C4'"  . DA B 2 8 ? 9.512   -6.148  0.989   1.00 0.00 ? 17 DA B "C4'"  3 
ATOM 1652 O "O4'"  . DA B 2 8 ? 8.341   -6.266  0.202   1.00 0.00 ? 17 DA B "O4'"  3 
ATOM 1653 C "C3'"  . DA B 2 8 ? 10.243  -7.452  0.869   1.00 0.00 ? 17 DA B "C3'"  3 
ATOM 1654 O "O3'"  . DA B 2 8 ? 10.031  -8.224  2.046   1.00 0.00 ? 17 DA B "O3'"  3 
ATOM 1655 C "C2'"  . DA B 2 8 ? 9.732   -8.037  -0.440  1.00 0.00 ? 17 DA B "C2'"  3 
ATOM 1656 C "C1'"  . DA B 2 8 ? 8.301   -7.508  -0.397  1.00 0.00 ? 17 DA B "C1'"  3 
ATOM 1657 N N9     . DA B 2 8 ? 7.690   -7.376  -1.725  1.00 0.00 ? 17 DA B N9     3 
ATOM 1658 C C8     . DA B 2 8 ? 8.172   -6.648  -2.768  1.00 0.00 ? 17 DA B C8     3 
ATOM 1659 N N7     . DA B 2 8 ? 7.400   -6.634  -3.810  1.00 0.00 ? 17 DA B N7     3 
ATOM 1660 C C5     . DA B 2 8 ? 6.382   -7.485  -3.467  1.00 0.00 ? 17 DA B C5     3 
ATOM 1661 C C6     . DA B 2 8 ? 5.235   -8.011  -4.123  1.00 0.00 ? 17 DA B C6     3 
ATOM 1662 N N6     . DA B 2 8 ? 4.871   -7.622  -5.312  1.00 0.00 ? 17 DA B N6     3 
ATOM 1663 N N1     . DA B 2 8 ? 4.435   -8.863  -3.518  1.00 0.00 ? 17 DA B N1     3 
ATOM 1664 C C2     . DA B 2 8 ? 4.722   -9.243  -2.292  1.00 0.00 ? 17 DA B C2     3 
ATOM 1665 N N3     . DA B 2 8 ? 5.724   -8.822  -1.540  1.00 0.00 ? 17 DA B N3     3 
ATOM 1666 C C4     . DA B 2 8 ? 6.555   -7.955  -2.188  1.00 0.00 ? 17 DA B C4     3 
ATOM 1667 H "H5'"  . DA B 2 8 ? 9.572   -4.099  0.532   1.00 0.00 ? 17 DA B "H5'"  3 
ATOM 1668 H "H5''" . DA B 2 8 ? 10.942  -4.748  1.380   1.00 0.00 ? 17 DA B "H5''" 3 
ATOM 1669 H "H4'"  . DA B 2 8 ? 9.232   -6.034  2.027   1.00 0.00 ? 17 DA B "H4'"  3 
ATOM 1670 H "H3'"  . DA B 2 8 ? 11.289  -7.218  0.771   1.00 0.00 ? 17 DA B "H3'"  3 
ATOM 1671 H "H2'"  . DA B 2 8 ? 10.309  -7.634  -1.262  1.00 0.00 ? 17 DA B "H2'"  3 
ATOM 1672 H "H2''" . DA B 2 8 ? 9.675   -9.122  -0.492  1.00 0.00 ? 17 DA B "H2''" 3 
ATOM 1673 H "H1'"  . DA B 2 8 ? 7.725   -8.176  0.216   1.00 0.00 ? 17 DA B "H1'"  3 
ATOM 1674 H H8     . DA B 2 8 ? 9.106   -6.149  -2.587  1.00 0.00 ? 17 DA B H8     3 
ATOM 1675 H H61    . DA B 2 8 ? 4.003   -7.985  -5.672  1.00 0.00 ? 17 DA B H61    3 
ATOM 1676 H H62    . DA B 2 8 ? 5.402   -6.939  -5.807  1.00 0.00 ? 17 DA B H62    3 
ATOM 1677 H H2     . DA B 2 8 ? 4.005   -9.873  -1.806  1.00 0.00 ? 17 DA B H2     3 
ATOM 1678 P P      . DT B 2 9 ? 10.904  -9.526  2.363   1.00 0.00 ? 18 DT B P      3 
ATOM 1679 O OP1    . DT B 2 9 ? 10.682  -9.895  3.789   1.00 0.00 ? 18 DT B OP1    3 
ATOM 1680 O OP2    . DT B 2 9 ? 12.286  -9.218  1.952   1.00 0.00 ? 18 DT B OP2    3 
ATOM 1681 O "O5'"  . DT B 2 9 ? 10.264  -10.674 1.469   1.00 0.00 ? 18 DT B "O5'"  3 
ATOM 1682 C "C5'"  . DT B 2 9 ? 9.065   -11.268 1.872   1.00 0.00 ? 18 DT B "C5'"  3 
ATOM 1683 C "C4'"  . DT B 2 9 ? 8.498   -12.188 0.798   1.00 0.00 ? 18 DT B "C4'"  3 
ATOM 1684 O "O4'"  . DT B 2 9 ? 8.003   -11.478 -0.307  1.00 0.00 ? 18 DT B "O4'"  3 
ATOM 1685 C "C3'"  . DT B 2 9 ? 9.497   -13.162 0.279   1.00 0.00 ? 18 DT B "C3'"  3 
ATOM 1686 O "O3'"  . DT B 2 9 ? 9.325   -14.419 0.794   1.00 0.00 ? 18 DT B "O3'"  3 
ATOM 1687 C "C2'"  . DT B 2 9 ? 9.189   -13.257 -1.175  1.00 0.00 ? 18 DT B "C2'"  3 
ATOM 1688 C "C1'"  . DT B 2 9 ? 7.943   -12.414 -1.342  1.00 0.00 ? 18 DT B "C1'"  3 
ATOM 1689 N N1     . DT B 2 9 ? 7.973   -11.689 -2.640  1.00 0.00 ? 18 DT B N1     3 
ATOM 1690 C C2     . DT B 2 9 ? 6.906   -11.962 -3.518  1.00 0.00 ? 18 DT B C2     3 
ATOM 1691 O O2     . DT B 2 9 ? 6.024   -12.786 -3.341  1.00 0.00 ? 18 DT B O2     3 
ATOM 1692 N N3     . DT B 2 9 ? 6.902   -11.237 -4.662  1.00 0.00 ? 18 DT B N3     3 
ATOM 1693 C C4     . DT B 2 9 ? 7.839   -10.306 -5.053  1.00 0.00 ? 18 DT B C4     3 
ATOM 1694 O O4     . DT B 2 9 ? 7.693   -9.756  -6.142  1.00 0.00 ? 18 DT B O4     3 
ATOM 1695 C C5     . DT B 2 9 ? 8.965   -10.101 -4.136  1.00 0.00 ? 18 DT B C5     3 
ATOM 1696 C C7     . DT B 2 9 ? 10.087  -9.164  -4.468  1.00 0.00 ? 18 DT B C7     3 
ATOM 1697 C C6     . DT B 2 9 ? 8.959   -10.797 -2.931  1.00 0.00 ? 18 DT B C6     3 
ATOM 1698 H "H5'"  . DT B 2 9 ? 8.349   -10.490 2.021   1.00 0.00 ? 18 DT B "H5'"  3 
ATOM 1699 H "H5''" . DT B 2 9 ? 9.192   -11.782 2.804   1.00 0.00 ? 18 DT B "H5''" 3 
ATOM 1700 H "H4'"  . DT B 2 9 ? 7.645   -12.702 1.187   1.00 0.00 ? 18 DT B "H4'"  3 
ATOM 1701 H "H3'"  . DT B 2 9 ? 10.481  -12.860 0.412   1.00 0.00 ? 18 DT B "H3'"  3 
ATOM 1702 H "HO3'" . DT B 2 9 ? 9.881   -14.983 0.352   1.00 0.00 ? 18 DT B "HO3'" 3 
ATOM 1703 H "H2'"  . DT B 2 9 ? 9.994   -12.883 -1.732  1.00 0.00 ? 18 DT B "H2'"  3 
ATOM 1704 H "H2''" . DT B 2 9 ? 9.004   -14.270 -1.483  1.00 0.00 ? 18 DT B "H2''" 3 
ATOM 1705 H "H1'"  . DT B 2 9 ? 7.059   -13.029 -1.217  1.00 0.00 ? 18 DT B "H1'"  3 
ATOM 1706 H H3     . DT B 2 9 ? 6.164   -11.453 -5.317  1.00 0.00 ? 18 DT B H3     3 
ATOM 1707 H H71    . DT B 2 9 ? 9.657   -8.318  -4.860  1.00 0.00 ? 18 DT B H71    3 
ATOM 1708 H H72    . DT B 2 9 ? 10.763  -8.991  -3.747  1.00 0.00 ? 18 DT B H72    3 
ATOM 1709 H H73    . DT B 2 9 ? 10.625  -9.590  -5.234  1.00 0.00 ? 18 DT B H73    3 
ATOM 1710 H H6     . DT B 2 9 ? 9.726   -10.636 -2.205  1.00 0.00 ? 18 DT B H6     3 
# 
